data_8SGS
#
_entry.id   8SGS
#
_cell.length_a   1.00
_cell.length_b   1.00
_cell.length_c   1.00
_cell.angle_alpha   90.00
_cell.angle_beta   90.00
_cell.angle_gamma   90.00
#
_symmetry.space_group_name_H-M   'P 1'
#
loop_
_entity.id
_entity.type
_entity.pdbx_description
1 polymer 'Short-chain specific acyl-CoA dehydrogenase, mitochondrial'
2 non-polymer 'FLAVIN-ADENINE DINUCLEOTIDE'
3 non-polymer 'COENZYME A'
#
_entity_poly.entity_id   1
_entity_poly.type   'polypeptide(L)'
_entity_poly.pdbx_seq_one_letter_code
;MAAALLARASGPARRALCPRAWRQLHTIYQSVELPETHQMLLQTCRDFAEKELFPIAAQVDKEHLFPAAQVKKMGGLGLL
AMDVPEELGGAGLDYLAYAIAMEEISRGCASTGVIMSVNNSLYLGPILKFGSKEQKQAWVTPFTSGDKIGCFALSEPGNG
SDAGAASTTARAEGDSWVLNGTKAWITNAWEASAAVVFASTDRALQNKGISAFLVPMPTPGLTLGKKEDKLGIRGSSTAN
LIFEDCRIPKDSILGEPGMGFKIAMQTLDMGRIGIASQALGIAQTALDCAVNYAENRMAFGAPLTKLQVIQFKLADMALA
LESARLLTWRAAMLKDNKKPFIKEAAMAKLAASEAATAISHQAIQILGGMGYVTEMPAERHYRDARITEIYEGTSEIQRL
VIAGHLLRSYRS
;
_entity_poly.pdbx_strand_id   A,B,C,D
#
loop_
_chem_comp.id
_chem_comp.type
_chem_comp.name
_chem_comp.formula
COA non-polymer 'COENZYME A' 'C21 H36 N7 O16 P3 S'
FAD non-polymer 'FLAVIN-ADENINE DINUCLEOTIDE' 'C27 H33 N9 O15 P2'
#
# COMPACT_ATOMS: atom_id res chain seq x y z
N SER A 31 2.28 -20.31 -26.18
CA SER A 31 2.69 -20.29 -24.79
C SER A 31 3.25 -18.93 -24.41
N VAL A 32 4.39 -18.95 -23.69
CA VAL A 32 5.04 -17.70 -23.32
C VAL A 32 5.59 -17.00 -24.55
N GLU A 33 6.18 -17.76 -25.47
CA GLU A 33 6.77 -17.18 -26.67
C GLU A 33 5.68 -16.69 -27.61
N LEU A 34 6.11 -15.89 -28.59
CA LEU A 34 5.20 -15.32 -29.57
C LEU A 34 5.40 -15.98 -30.92
N PRO A 35 4.34 -16.10 -31.73
CA PRO A 35 4.50 -16.64 -33.09
C PRO A 35 5.28 -15.68 -33.97
N GLU A 36 5.67 -16.17 -35.14
CA GLU A 36 6.49 -15.38 -36.07
C GLU A 36 5.74 -14.15 -36.55
N THR A 37 4.45 -14.29 -36.84
CA THR A 37 3.65 -13.13 -37.27
C THR A 37 3.57 -12.08 -36.17
N HIS A 38 3.35 -12.52 -34.93
CA HIS A 38 3.28 -11.59 -33.81
C HIS A 38 4.62 -10.91 -33.57
N GLN A 39 5.72 -11.66 -33.69
CA GLN A 39 7.04 -11.07 -33.51
C GLN A 39 7.33 -10.04 -34.59
N MET A 40 6.99 -10.36 -35.85
CA MET A 40 7.22 -9.43 -36.95
C MET A 40 6.36 -8.17 -36.76
N LEU A 41 5.11 -8.34 -36.33
CA LEU A 41 4.26 -7.17 -36.09
C LEU A 41 4.80 -6.32 -34.94
N LEU A 42 5.30 -6.96 -33.89
CA LEU A 42 5.89 -6.23 -32.77
C LEU A 42 7.10 -5.42 -33.24
N GLN A 43 7.96 -6.04 -34.04
CA GLN A 43 9.14 -5.34 -34.54
C GLN A 43 8.75 -4.17 -35.44
N THR A 44 7.77 -4.40 -36.33
CA THR A 44 7.34 -3.33 -37.23
C THR A 44 6.72 -2.18 -36.48
N CYS A 45 5.89 -2.48 -35.48
CA CYS A 45 5.27 -1.44 -34.68
C CYS A 45 6.30 -0.66 -33.88
N ARG A 46 7.30 -1.36 -33.31
CA ARG A 46 8.34 -0.66 -32.57
C ARG A 46 9.16 0.25 -33.48
N ASP A 47 9.49 -0.25 -34.68
CA ASP A 47 10.25 0.57 -35.63
C ASP A 47 9.46 1.80 -36.04
N PHE A 48 8.16 1.63 -36.33
CA PHE A 48 7.33 2.77 -36.71
C PHE A 48 7.20 3.77 -35.56
N ALA A 49 7.06 3.26 -34.33
CA ALA A 49 6.94 4.13 -33.17
C ALA A 49 8.20 4.96 -32.98
N GLU A 50 9.35 4.31 -32.97
CA GLU A 50 10.60 5.04 -32.78
C GLU A 50 10.92 5.96 -33.96
N LYS A 51 10.42 5.63 -35.14
CA LYS A 51 10.66 6.50 -36.29
C LYS A 51 9.78 7.74 -36.28
N GLU A 52 8.52 7.61 -35.86
CA GLU A 52 7.54 8.68 -36.05
C GLU A 52 7.04 9.29 -34.76
N LEU A 53 6.57 8.47 -33.81
CA LEU A 53 5.78 9.00 -32.70
C LEU A 53 6.66 9.72 -31.69
N PHE A 54 7.85 9.18 -31.42
CA PHE A 54 8.72 9.78 -30.40
C PHE A 54 9.15 11.21 -30.71
N PRO A 55 9.56 11.58 -31.93
CA PRO A 55 9.90 13.00 -32.16
C PRO A 55 8.73 13.95 -31.98
N ILE A 56 7.50 13.52 -32.23
CA ILE A 56 6.37 14.44 -32.25
C ILE A 56 5.48 14.34 -31.02
N ALA A 57 5.80 13.47 -30.06
CA ALA A 57 4.92 13.26 -28.92
C ALA A 57 4.82 14.51 -28.06
N ALA A 58 5.95 15.18 -27.82
CA ALA A 58 5.95 16.39 -27.00
C ALA A 58 5.18 17.51 -27.69
N GLN A 59 5.36 17.65 -29.00
CA GLN A 59 4.63 18.67 -29.75
C GLN A 59 3.12 18.40 -29.71
N VAL A 60 2.75 17.12 -29.86
CA VAL A 60 1.32 16.76 -29.83
C VAL A 60 0.73 17.05 -28.46
N ASP A 61 1.46 16.72 -27.39
CA ASP A 61 0.97 16.99 -26.05
C ASP A 61 0.85 18.48 -25.79
N LYS A 62 1.86 19.26 -26.21
CA LYS A 62 1.89 20.67 -25.86
C LYS A 62 0.85 21.47 -26.65
N GLU A 63 0.76 21.21 -27.95
CA GLU A 63 -0.07 22.06 -28.81
C GLU A 63 -1.47 21.53 -29.03
N HIS A 64 -1.84 20.40 -28.41
CA HIS A 64 -3.14 19.75 -28.62
C HIS A 64 -3.37 19.45 -30.09
N LEU A 65 -2.33 19.01 -30.77
CA LEU A 65 -2.36 18.82 -32.22
C LEU A 65 -2.78 17.39 -32.55
N PHE A 66 -3.81 17.25 -33.37
CA PHE A 66 -4.22 15.95 -33.84
C PHE A 66 -3.22 15.45 -34.89
N PRO A 67 -2.56 14.32 -34.67
CA PRO A 67 -1.56 13.82 -35.63
C PRO A 67 -2.19 13.15 -36.84
N ALA A 68 -2.62 13.96 -37.81
CA ALA A 68 -3.33 13.43 -38.98
C ALA A 68 -2.42 12.55 -39.83
N ALA A 69 -1.17 12.99 -40.04
CA ALA A 69 -0.24 12.24 -40.89
C ALA A 69 0.10 10.89 -40.28
N GLN A 70 0.29 10.85 -38.96
CA GLN A 70 0.61 9.60 -38.29
C GLN A 70 -0.57 8.63 -38.35
N VAL A 71 -1.79 9.14 -38.21
CA VAL A 71 -2.97 8.29 -38.32
C VAL A 71 -3.10 7.75 -39.74
N LYS A 72 -2.82 8.59 -40.74
CA LYS A 72 -2.86 8.14 -42.11
C LYS A 72 -1.82 7.05 -42.38
N LYS A 73 -0.62 7.21 -41.83
CA LYS A 73 0.41 6.20 -42.02
C LYS A 73 0.05 4.90 -41.31
N MET A 74 -0.57 4.99 -40.13
CA MET A 74 -1.02 3.80 -39.43
C MET A 74 -2.11 3.08 -40.21
N GLY A 75 -3.01 3.84 -40.83
CA GLY A 75 -3.97 3.22 -41.73
C GLY A 75 -3.31 2.57 -42.93
N GLY A 76 -2.22 3.17 -43.41
CA GLY A 76 -1.42 2.54 -44.44
C GLY A 76 -0.78 1.23 -44.01
N LEU A 77 -0.38 1.13 -42.75
CA LEU A 77 0.20 -0.10 -42.22
C LEU A 77 -0.85 -1.10 -41.77
N GLY A 78 -2.13 -0.74 -41.81
CA GLY A 78 -3.17 -1.64 -41.38
C GLY A 78 -3.36 -1.75 -39.89
N LEU A 79 -2.74 -0.86 -39.11
CA LEU A 79 -2.84 -0.93 -37.66
C LEU A 79 -4.19 -0.47 -37.14
N LEU A 80 -5.01 0.15 -37.97
CA LEU A 80 -6.33 0.60 -37.53
C LEU A 80 -7.43 -0.43 -37.80
N ALA A 81 -7.12 -1.54 -38.44
CA ALA A 81 -8.13 -2.53 -38.83
C ALA A 81 -7.63 -3.93 -38.55
N MET A 82 -7.02 -4.13 -37.37
CA MET A 82 -6.37 -5.41 -37.08
C MET A 82 -7.38 -6.53 -36.91
N ASP A 83 -8.47 -6.27 -36.20
CA ASP A 83 -9.47 -7.31 -35.98
C ASP A 83 -10.34 -7.54 -37.21
N VAL A 84 -10.37 -6.57 -38.12
CA VAL A 84 -11.20 -6.64 -39.33
C VAL A 84 -10.68 -7.72 -40.26
N PRO A 85 -11.54 -8.55 -40.83
CA PRO A 85 -11.08 -9.54 -41.82
C PRO A 85 -10.53 -8.87 -43.07
N GLU A 86 -9.64 -9.59 -43.76
CA GLU A 86 -8.99 -9.03 -44.95
C GLU A 86 -9.98 -8.84 -46.09
N GLU A 87 -11.11 -9.56 -46.05
CA GLU A 87 -12.12 -9.42 -47.09
C GLU A 87 -12.71 -8.01 -47.09
N LEU A 88 -12.96 -7.46 -45.90
CA LEU A 88 -13.51 -6.12 -45.76
C LEU A 88 -12.45 -5.04 -45.76
N GLY A 89 -11.20 -5.39 -46.03
CA GLY A 89 -10.12 -4.42 -46.09
C GLY A 89 -9.25 -4.35 -44.85
N GLY A 90 -9.45 -5.23 -43.88
CA GLY A 90 -8.66 -5.24 -42.67
C GLY A 90 -7.41 -6.09 -42.79
N ALA A 91 -6.76 -6.28 -41.64
CA ALA A 91 -5.54 -7.08 -41.56
C ALA A 91 -5.81 -8.53 -41.21
N GLY A 92 -6.97 -8.84 -40.65
CA GLY A 92 -7.32 -10.22 -40.31
C GLY A 92 -6.41 -10.85 -39.28
N LEU A 93 -6.11 -10.12 -38.21
CA LEU A 93 -5.21 -10.59 -37.17
C LEU A 93 -5.98 -10.84 -35.88
N ASP A 94 -5.43 -11.71 -35.04
CA ASP A 94 -6.03 -12.02 -33.76
C ASP A 94 -5.89 -10.85 -32.80
N TYR A 95 -6.66 -10.92 -31.71
CA TYR A 95 -6.71 -9.79 -30.78
C TYR A 95 -5.41 -9.67 -29.97
N LEU A 96 -4.65 -10.76 -29.86
CA LEU A 96 -3.35 -10.68 -29.20
C LEU A 96 -2.40 -9.77 -29.97
N ALA A 97 -2.42 -9.87 -31.29
CA ALA A 97 -1.62 -8.97 -32.12
C ALA A 97 -2.08 -7.53 -31.94
N TYR A 98 -3.40 -7.33 -31.79
CA TYR A 98 -3.92 -6.00 -31.54
C TYR A 98 -3.43 -5.45 -30.21
N ALA A 99 -3.38 -6.30 -29.18
CA ALA A 99 -2.89 -5.87 -27.88
C ALA A 99 -1.41 -5.49 -27.95
N ILE A 100 -0.63 -6.29 -28.67
CA ILE A 100 0.80 -5.99 -28.82
C ILE A 100 1.01 -4.68 -29.54
N ALA A 101 0.28 -4.48 -30.65
CA ALA A 101 0.42 -3.25 -31.42
C ALA A 101 -0.04 -2.03 -30.61
N MET A 102 -1.11 -2.19 -29.85
CA MET A 102 -1.58 -1.10 -29.00
C MET A 102 -0.55 -0.73 -27.94
N GLU A 103 0.08 -1.74 -27.34
CA GLU A 103 1.11 -1.48 -26.34
C GLU A 103 2.27 -0.73 -26.96
N GLU A 104 2.71 -1.15 -28.15
CA GLU A 104 3.85 -0.48 -28.78
C GLU A 104 3.51 0.95 -29.18
N ILE A 105 2.30 1.17 -29.73
CA ILE A 105 1.91 2.51 -30.16
C ILE A 105 1.76 3.43 -28.95
N SER A 106 1.15 2.94 -27.88
CA SER A 106 1.01 3.75 -26.67
C SER A 106 2.36 4.02 -26.02
N ARG A 107 3.30 3.10 -26.20
CA ARG A 107 4.67 3.38 -25.79
C ARG A 107 5.25 4.53 -26.61
N GLY A 108 4.93 4.58 -27.91
CA GLY A 108 5.33 5.71 -28.72
C GLY A 108 4.64 7.01 -28.33
N CYS A 109 3.31 6.98 -28.23
CA CYS A 109 2.54 8.19 -27.95
C CYS A 109 1.18 7.77 -27.41
N ALA A 110 0.76 8.36 -26.29
CA ALA A 110 -0.44 7.88 -25.62
C ALA A 110 -1.71 8.30 -26.36
N SER A 111 -1.75 9.53 -26.87
CA SER A 111 -2.94 10.01 -27.56
C SER A 111 -3.18 9.25 -28.85
N THR A 112 -2.10 8.99 -29.59
CA THR A 112 -2.21 8.14 -30.78
C THR A 112 -2.70 6.75 -30.40
N GLY A 113 -2.24 6.25 -29.26
CA GLY A 113 -2.68 4.98 -28.74
C GLY A 113 -4.17 4.94 -28.47
N VAL A 114 -4.71 5.98 -27.82
CA VAL A 114 -6.13 5.96 -27.49
C VAL A 114 -6.98 6.15 -28.74
N ILE A 115 -6.48 6.92 -29.72
CA ILE A 115 -7.20 7.06 -30.98
C ILE A 115 -7.27 5.72 -31.70
N MET A 116 -6.13 5.02 -31.76
CA MET A 116 -6.08 3.70 -32.38
C MET A 116 -6.98 2.72 -31.65
N SER A 117 -6.97 2.76 -30.31
CA SER A 117 -7.81 1.85 -29.54
C SER A 117 -9.29 2.10 -29.78
N VAL A 118 -9.69 3.37 -29.81
CA VAL A 118 -11.10 3.70 -30.08
C VAL A 118 -11.51 3.20 -31.45
N ASN A 119 -10.71 3.54 -32.48
CA ASN A 119 -11.07 3.15 -33.84
C ASN A 119 -11.10 1.64 -34.01
N ASN A 120 -10.16 0.92 -33.41
CA ASN A 120 -10.11 -0.52 -33.58
C ASN A 120 -11.24 -1.20 -32.81
N SER A 121 -11.30 -0.99 -31.50
CA SER A 121 -12.31 -1.69 -30.73
C SER A 121 -13.68 -1.01 -30.82
N LEU A 122 -13.78 0.20 -30.28
CA LEU A 122 -15.09 0.73 -29.89
C LEU A 122 -15.97 1.06 -31.09
N TYR A 123 -15.37 1.27 -32.26
CA TYR A 123 -16.18 1.53 -33.45
C TYR A 123 -16.31 0.28 -34.31
N LEU A 124 -15.18 -0.35 -34.63
CA LEU A 124 -15.19 -1.43 -35.60
C LEU A 124 -15.78 -2.72 -35.03
N GLY A 125 -15.47 -3.04 -33.78
CA GLY A 125 -15.90 -4.28 -33.18
C GLY A 125 -17.40 -4.52 -33.12
N PRO A 126 -18.18 -3.56 -32.60
CA PRO A 126 -19.64 -3.75 -32.59
C PRO A 126 -20.25 -3.89 -33.98
N ILE A 127 -19.72 -3.19 -34.98
CA ILE A 127 -20.29 -3.29 -36.32
C ILE A 127 -20.03 -4.67 -36.91
N LEU A 128 -18.81 -5.17 -36.76
CA LEU A 128 -18.49 -6.52 -37.25
C LEU A 128 -19.26 -7.58 -36.47
N LYS A 129 -19.44 -7.36 -35.17
CA LYS A 129 -20.04 -8.40 -34.33
C LYS A 129 -21.56 -8.46 -34.52
N PHE A 130 -22.20 -7.32 -34.76
CA PHE A 130 -23.67 -7.27 -34.75
C PHE A 130 -24.29 -6.74 -36.03
N GLY A 131 -23.60 -5.88 -36.78
CA GLY A 131 -24.21 -5.29 -37.95
C GLY A 131 -24.38 -6.29 -39.08
N SER A 132 -25.33 -6.00 -39.96
CA SER A 132 -25.54 -6.82 -41.13
C SER A 132 -24.46 -6.56 -42.17
N LYS A 133 -24.46 -7.38 -43.23
CA LYS A 133 -23.38 -7.33 -44.21
C LYS A 133 -23.38 -6.00 -44.96
N GLU A 134 -24.56 -5.47 -45.28
CA GLU A 134 -24.64 -4.17 -45.94
C GLU A 134 -24.08 -3.07 -45.06
N GLN A 135 -24.38 -3.13 -43.76
CA GLN A 135 -23.84 -2.14 -42.84
C GLN A 135 -22.32 -2.31 -42.71
N LYS A 136 -21.83 -3.55 -42.76
CA LYS A 136 -20.39 -3.76 -42.76
C LYS A 136 -19.74 -3.15 -43.99
N GLN A 137 -20.35 -3.34 -45.16
CA GLN A 137 -19.78 -2.78 -46.38
C GLN A 137 -19.81 -1.26 -46.36
N ALA A 138 -20.88 -0.68 -45.83
CA ALA A 138 -21.03 0.77 -45.86
C ALA A 138 -20.38 1.48 -44.69
N TRP A 139 -19.90 0.76 -43.68
CA TRP A 139 -19.38 1.43 -42.48
C TRP A 139 -18.07 0.87 -41.96
N VAL A 140 -17.49 -0.17 -42.59
CA VAL A 140 -16.21 -0.73 -42.17
C VAL A 140 -15.15 -0.55 -43.24
N THR A 141 -15.48 -0.89 -44.48
CA THR A 141 -14.52 -0.81 -45.58
C THR A 141 -13.91 0.57 -45.80
N PRO A 142 -14.66 1.68 -45.77
CA PRO A 142 -13.97 2.98 -45.85
C PRO A 142 -13.10 3.29 -44.64
N PHE A 143 -13.40 2.70 -43.49
CA PHE A 143 -12.72 3.05 -42.24
C PHE A 143 -11.51 2.18 -41.95
N THR A 144 -11.24 1.16 -42.77
CA THR A 144 -10.04 0.36 -42.58
C THR A 144 -8.80 1.09 -43.09
N SER A 145 -8.97 1.93 -44.12
CA SER A 145 -7.82 2.54 -44.78
C SER A 145 -7.16 3.60 -43.90
N GLY A 146 -7.86 4.10 -42.89
CA GLY A 146 -7.35 5.14 -42.04
C GLY A 146 -7.74 6.54 -42.46
N ASP A 147 -8.43 6.69 -43.60
CA ASP A 147 -8.89 8.01 -44.02
C ASP A 147 -9.93 8.55 -43.06
N LYS A 148 -10.82 7.70 -42.57
CA LYS A 148 -11.88 8.09 -41.66
C LYS A 148 -11.81 7.23 -40.41
N ILE A 149 -12.26 7.79 -39.29
CA ILE A 149 -12.27 7.09 -38.01
C ILE A 149 -13.65 7.24 -37.39
N GLY A 150 -13.90 6.43 -36.36
CA GLY A 150 -15.18 6.40 -35.69
C GLY A 150 -15.07 6.87 -34.24
N CYS A 151 -16.22 6.83 -33.56
CA CYS A 151 -16.30 7.22 -32.16
C CYS A 151 -17.38 6.42 -31.47
N PHE A 152 -17.27 6.33 -30.16
CA PHE A 152 -18.18 5.54 -29.33
C PHE A 152 -18.96 6.49 -28.41
N ALA A 153 -20.26 6.59 -28.63
CA ALA A 153 -21.10 7.56 -27.92
C ALA A 153 -22.03 6.82 -26.96
N LEU A 154 -21.60 6.67 -25.71
CA LEU A 154 -22.45 6.07 -24.70
C LEU A 154 -22.72 7.03 -23.55
N SER A 155 -21.66 7.65 -23.02
CA SER A 155 -21.78 8.41 -21.78
C SER A 155 -22.58 9.69 -21.99
N GLU A 156 -23.21 10.16 -20.92
CA GLU A 156 -24.01 11.37 -20.88
C GLU A 156 -23.58 12.20 -19.69
N PRO A 157 -23.85 13.53 -19.71
CA PRO A 157 -23.51 14.36 -18.54
C PRO A 157 -24.22 13.93 -17.27
N GLY A 158 -25.44 13.42 -17.41
CA GLY A 158 -26.19 12.98 -16.24
C GLY A 158 -25.58 11.76 -15.57
N ASN A 159 -25.27 10.74 -16.35
CA ASN A 159 -24.74 9.48 -15.83
C ASN A 159 -23.47 9.10 -16.55
N GLY A 160 -22.39 8.92 -15.79
CA GLY A 160 -21.16 8.43 -16.38
C GLY A 160 -20.94 6.94 -16.22
N SER A 161 -21.10 6.43 -15.00
CA SER A 161 -20.88 5.01 -14.77
C SER A 161 -22.14 4.20 -14.99
N ASP A 162 -23.28 4.73 -14.57
CA ASP A 162 -24.58 4.07 -14.77
C ASP A 162 -24.95 4.20 -16.24
N ALA A 163 -24.42 3.27 -17.04
CA ALA A 163 -24.61 3.34 -18.49
C ALA A 163 -26.05 3.06 -18.87
N GLY A 164 -26.77 2.30 -18.04
CA GLY A 164 -28.15 1.97 -18.35
C GLY A 164 -29.12 3.12 -18.15
N ALA A 165 -28.68 4.22 -17.55
CA ALA A 165 -29.53 5.37 -17.29
C ALA A 165 -29.38 6.46 -18.36
N ALA A 166 -29.06 6.09 -19.59
CA ALA A 166 -28.93 7.08 -20.65
C ALA A 166 -30.27 7.71 -20.98
N SER A 167 -30.28 9.03 -21.15
CA SER A 167 -31.50 9.78 -21.37
C SER A 167 -31.74 10.16 -22.82
N THR A 168 -30.84 9.83 -23.74
CA THR A 168 -31.03 10.09 -25.15
C THR A 168 -32.21 9.29 -25.69
N THR A 169 -33.14 9.97 -26.34
CA THR A 169 -34.35 9.33 -26.83
C THR A 169 -34.30 9.18 -28.34
N ALA A 170 -34.84 8.06 -28.84
CA ALA A 170 -34.87 7.77 -30.27
C ALA A 170 -36.30 7.37 -30.64
N ARG A 171 -37.11 8.37 -30.97
CA ARG A 171 -38.49 8.12 -31.36
C ARG A 171 -38.55 7.59 -32.79
N ALA A 172 -39.32 6.53 -33.00
CA ALA A 172 -39.48 5.94 -34.33
C ALA A 172 -40.67 6.58 -35.05
N GLU A 173 -40.48 7.85 -35.41
CA GLU A 173 -41.51 8.58 -36.13
C GLU A 173 -41.30 8.46 -37.63
N GLY A 174 -42.33 7.99 -38.32
CA GLY A 174 -42.21 7.81 -39.76
C GLY A 174 -41.28 6.67 -40.10
N ASP A 175 -40.48 6.87 -41.15
CA ASP A 175 -39.53 5.86 -41.61
C ASP A 175 -38.11 6.16 -41.14
N SER A 176 -37.95 7.07 -40.19
CA SER A 176 -36.63 7.48 -39.73
C SER A 176 -36.61 7.49 -38.21
N TRP A 177 -35.41 7.29 -37.66
CA TRP A 177 -35.21 7.39 -36.22
C TRP A 177 -34.84 8.83 -35.88
N VAL A 178 -35.71 9.51 -35.15
CA VAL A 178 -35.47 10.89 -34.73
C VAL A 178 -34.74 10.85 -33.39
N LEU A 179 -33.55 11.42 -33.35
CA LEU A 179 -32.71 11.36 -32.16
C LEU A 179 -32.74 12.71 -31.44
N ASN A 180 -32.99 12.66 -30.13
CA ASN A 180 -32.91 13.84 -29.27
C ASN A 180 -32.12 13.49 -28.03
N GLY A 181 -31.20 14.38 -27.64
CA GLY A 181 -30.38 14.15 -26.47
C GLY A 181 -29.00 14.78 -26.59
N THR A 182 -28.16 14.57 -25.59
CA THR A 182 -26.82 15.14 -25.56
C THR A 182 -25.84 14.12 -25.01
N LYS A 183 -24.95 13.62 -25.86
CA LYS A 183 -23.89 12.75 -25.40
C LYS A 183 -22.71 13.60 -24.93
N ALA A 184 -21.80 12.98 -24.20
CA ALA A 184 -20.69 13.72 -23.61
C ALA A 184 -19.42 12.88 -23.63
N TRP A 185 -18.29 13.57 -23.56
CA TRP A 185 -16.94 13.00 -23.50
C TRP A 185 -16.59 12.15 -24.70
N ILE A 186 -17.16 12.44 -25.87
CA ILE A 186 -16.96 11.60 -27.05
C ILE A 186 -15.55 11.79 -27.58
N THR A 187 -14.77 10.72 -27.57
CA THR A 187 -13.42 10.77 -28.14
C THR A 187 -13.50 10.85 -29.66
N ASN A 188 -12.57 11.59 -30.24
CA ASN A 188 -12.47 11.80 -31.69
C ASN A 188 -13.73 12.44 -32.25
N ALA A 189 -14.42 13.27 -31.45
CA ALA A 189 -15.65 13.87 -31.92
C ALA A 189 -15.40 14.86 -33.04
N TRP A 190 -14.25 15.51 -33.03
CA TRP A 190 -13.90 16.50 -34.05
C TRP A 190 -13.22 15.88 -35.27
N GLU A 191 -13.04 14.57 -35.30
CA GLU A 191 -12.40 13.91 -36.43
C GLU A 191 -13.20 12.74 -36.99
N ALA A 192 -14.22 12.27 -36.28
CA ALA A 192 -14.93 11.07 -36.70
C ALA A 192 -15.85 11.35 -37.87
N SER A 193 -15.90 10.41 -38.81
CA SER A 193 -16.86 10.43 -39.90
C SER A 193 -18.05 9.52 -39.65
N ALA A 194 -18.11 8.86 -38.49
CA ALA A 194 -19.25 8.04 -38.12
C ALA A 194 -19.33 7.96 -36.61
N ALA A 195 -20.49 7.53 -36.12
CA ALA A 195 -20.73 7.49 -34.69
C ALA A 195 -21.60 6.29 -34.32
N VAL A 196 -21.27 5.64 -33.21
CA VAL A 196 -22.10 4.59 -32.65
C VAL A 196 -22.78 5.21 -31.44
N VAL A 197 -24.05 5.57 -31.60
CA VAL A 197 -24.81 6.30 -30.59
C VAL A 197 -25.83 5.38 -29.96
N PHE A 198 -25.88 5.35 -28.63
CA PHE A 198 -26.82 4.49 -27.94
C PHE A 198 -27.90 5.31 -27.26
N ALA A 199 -29.12 5.22 -27.77
CA ALA A 199 -30.23 5.98 -27.21
C ALA A 199 -31.33 5.06 -26.73
N SER A 200 -31.96 5.41 -25.61
CA SER A 200 -33.03 4.58 -25.07
C SER A 200 -34.32 4.79 -25.81
N THR A 201 -34.71 3.82 -26.64
CA THR A 201 -35.96 3.92 -27.36
C THR A 201 -37.13 3.87 -26.39
N ASP A 202 -37.04 3.00 -25.39
CA ASP A 202 -38.10 2.90 -24.40
C ASP A 202 -37.59 3.27 -23.01
N ARG A 203 -38.10 4.37 -22.46
CA ARG A 203 -37.64 4.83 -21.15
C ARG A 203 -37.95 3.80 -20.07
N ALA A 204 -39.12 3.19 -20.13
CA ALA A 204 -39.50 2.22 -19.12
C ALA A 204 -38.47 1.12 -19.04
N LEU A 205 -37.93 0.72 -20.18
CA LEU A 205 -36.89 -0.30 -20.20
C LEU A 205 -35.55 0.35 -19.89
N GLN A 206 -35.05 0.13 -18.68
CA GLN A 206 -33.79 0.75 -18.28
C GLN A 206 -32.67 0.35 -19.23
N ASN A 207 -32.54 -0.94 -19.49
CA ASN A 207 -31.52 -1.40 -20.42
C ASN A 207 -32.17 -1.93 -21.70
N LYS A 208 -33.39 -2.44 -21.57
CA LYS A 208 -34.08 -2.96 -22.75
C LYS A 208 -34.35 -1.83 -23.73
N GLY A 209 -34.66 -0.65 -23.22
CA GLY A 209 -34.92 0.49 -24.08
C GLY A 209 -33.68 0.87 -24.85
N ILE A 210 -32.51 0.67 -24.24
CA ILE A 210 -31.27 1.05 -24.89
C ILE A 210 -31.16 0.48 -26.29
N SER A 211 -30.87 1.32 -27.26
CA SER A 211 -30.74 0.86 -28.64
C SER A 211 -29.58 1.57 -29.33
N ALA A 212 -28.80 0.83 -30.11
CA ALA A 212 -27.65 1.43 -30.78
C ALA A 212 -28.02 1.98 -32.15
N PHE A 213 -27.25 2.96 -32.62
CA PHE A 213 -27.52 3.55 -33.92
C PHE A 213 -26.21 3.97 -34.57
N LEU A 214 -26.09 3.75 -35.88
CA LEU A 214 -24.92 4.18 -36.63
C LEU A 214 -25.21 5.54 -37.25
N VAL A 215 -24.66 6.60 -36.67
CA VAL A 215 -24.94 7.97 -37.07
C VAL A 215 -23.76 8.48 -37.88
N PRO A 216 -23.94 8.83 -39.16
CA PRO A 216 -22.86 9.47 -39.91
C PRO A 216 -22.61 10.88 -39.42
N MET A 217 -21.37 11.34 -39.59
CA MET A 217 -20.96 12.67 -39.18
C MET A 217 -20.21 13.32 -40.32
N PRO A 218 -20.53 14.58 -40.67
CA PRO A 218 -21.59 15.43 -40.13
C PRO A 218 -22.95 15.14 -40.75
N THR A 219 -24.03 15.38 -40.00
CA THR A 219 -25.39 15.21 -40.48
C THR A 219 -26.21 16.37 -39.93
N PRO A 220 -27.28 16.77 -40.63
CA PRO A 220 -28.16 17.81 -40.09
C PRO A 220 -28.77 17.39 -38.76
N GLY A 221 -28.89 18.36 -37.86
CA GLY A 221 -29.39 18.10 -36.53
C GLY A 221 -28.34 17.71 -35.51
N LEU A 222 -27.08 17.57 -35.92
CA LEU A 222 -26.00 17.23 -35.02
C LEU A 222 -25.03 18.38 -34.91
N THR A 223 -24.75 18.82 -33.69
CA THR A 223 -23.80 19.87 -33.43
C THR A 223 -22.72 19.37 -32.49
N LEU A 224 -21.48 19.74 -32.76
CA LEU A 224 -20.34 19.31 -31.94
C LEU A 224 -20.09 20.33 -30.84
N GLY A 225 -19.93 19.85 -29.61
CA GLY A 225 -19.59 20.73 -28.53
C GLY A 225 -18.14 21.19 -28.59
N LYS A 226 -17.82 22.15 -27.73
CA LYS A 226 -16.47 22.67 -27.67
C LYS A 226 -15.50 21.61 -27.15
N LYS A 227 -14.27 21.65 -27.64
CA LYS A 227 -13.24 20.75 -27.14
C LYS A 227 -12.96 21.03 -25.67
N GLU A 228 -12.63 19.98 -24.94
CA GLU A 228 -12.38 20.07 -23.51
C GLU A 228 -10.88 19.96 -23.26
N ASP A 229 -10.33 20.94 -22.55
CA ASP A 229 -8.94 20.86 -22.13
C ASP A 229 -8.79 19.79 -21.07
N LYS A 230 -7.85 18.86 -21.28
CA LYS A 230 -7.70 17.71 -20.40
C LYS A 230 -6.33 17.71 -19.76
N LEU A 231 -6.24 17.03 -18.63
CA LEU A 231 -4.97 16.95 -17.91
C LEU A 231 -3.92 16.17 -18.68
N GLY A 232 -4.31 15.03 -19.25
CA GLY A 232 -3.33 14.12 -19.82
C GLY A 232 -3.27 14.07 -21.33
N ILE A 233 -3.91 13.06 -21.92
CA ILE A 233 -3.89 12.85 -23.36
C ILE A 233 -4.55 14.04 -24.03
N ARG A 234 -3.79 14.79 -24.82
CA ARG A 234 -4.30 16.00 -25.44
C ARG A 234 -4.22 16.01 -26.95
N GLY A 235 -3.65 14.97 -27.58
CA GLY A 235 -3.74 14.87 -29.03
C GLY A 235 -5.15 14.57 -29.50
N SER A 236 -5.85 13.69 -28.79
CA SER A 236 -7.21 13.36 -29.15
C SER A 236 -8.16 14.49 -28.80
N SER A 237 -9.25 14.58 -29.55
CA SER A 237 -10.25 15.62 -29.37
C SER A 237 -11.46 15.03 -28.65
N THR A 238 -11.77 15.60 -27.49
CA THR A 238 -12.90 15.16 -26.69
C THR A 238 -13.95 16.26 -26.67
N ALA A 239 -15.18 15.93 -27.05
CA ALA A 239 -16.25 16.91 -27.14
C ALA A 239 -17.55 16.27 -26.73
N ASN A 240 -18.61 17.07 -26.73
CA ASN A 240 -19.96 16.62 -26.36
C ASN A 240 -20.84 16.68 -27.60
N LEU A 241 -21.31 15.52 -28.05
CA LEU A 241 -22.25 15.47 -29.16
C LEU A 241 -23.62 15.93 -28.69
N ILE A 242 -24.25 16.81 -29.47
CA ILE A 242 -25.58 17.33 -29.18
C ILE A 242 -26.49 16.98 -30.34
N PHE A 243 -27.56 16.25 -30.07
CA PHE A 243 -28.52 15.84 -31.10
C PHE A 243 -29.79 16.66 -30.91
N GLU A 244 -30.20 17.36 -31.96
CA GLU A 244 -31.43 18.15 -31.94
C GLU A 244 -32.22 17.80 -33.20
N ASP A 245 -33.23 16.95 -33.03
CA ASP A 245 -34.08 16.46 -34.13
C ASP A 245 -33.26 15.81 -35.24
N CYS A 246 -32.24 15.05 -34.87
CA CYS A 246 -31.40 14.37 -35.85
C CYS A 246 -32.13 13.11 -36.33
N ARG A 247 -32.34 13.01 -37.63
CA ARG A 247 -33.02 11.87 -38.23
C ARG A 247 -32.06 11.06 -39.07
N ILE A 248 -32.13 9.74 -38.95
CA ILE A 248 -31.28 8.82 -39.67
C ILE A 248 -32.17 7.80 -40.37
N PRO A 249 -31.73 7.17 -41.46
CA PRO A 249 -32.57 6.14 -42.10
C PRO A 249 -32.74 4.93 -41.19
N LYS A 250 -33.79 4.15 -41.48
CA LYS A 250 -34.16 3.04 -40.61
C LYS A 250 -33.09 1.95 -40.57
N ASP A 251 -32.24 1.89 -41.60
CA ASP A 251 -31.20 0.87 -41.64
C ASP A 251 -30.06 1.17 -40.68
N SER A 252 -30.01 2.38 -40.11
CA SER A 252 -28.86 2.77 -39.31
C SER A 252 -28.87 2.13 -37.93
N ILE A 253 -29.98 1.48 -37.55
CA ILE A 253 -30.02 0.84 -36.24
C ILE A 253 -29.16 -0.40 -36.26
N LEU A 254 -28.38 -0.60 -35.19
CA LEU A 254 -27.46 -1.72 -35.09
C LEU A 254 -28.18 -2.90 -34.44
N GLY A 255 -28.32 -3.99 -35.20
CA GLY A 255 -29.03 -5.14 -34.69
C GLY A 255 -30.52 -4.86 -34.60
N GLU A 256 -31.10 -5.18 -33.46
CA GLU A 256 -32.52 -4.98 -33.19
C GLU A 256 -32.68 -4.22 -31.88
N PRO A 257 -33.80 -3.52 -31.70
CA PRO A 257 -33.98 -2.76 -30.45
C PRO A 257 -33.97 -3.66 -29.23
N GLY A 258 -33.35 -3.17 -28.16
CA GLY A 258 -33.27 -3.92 -26.93
C GLY A 258 -31.91 -4.53 -26.68
N MET A 259 -31.18 -4.81 -27.77
CA MET A 259 -29.88 -5.44 -27.65
C MET A 259 -28.77 -4.44 -27.35
N GLY A 260 -29.10 -3.16 -27.23
CA GLY A 260 -28.09 -2.12 -27.07
C GLY A 260 -27.19 -2.28 -25.87
N PHE A 261 -27.75 -2.71 -24.74
CA PHE A 261 -26.96 -2.84 -23.52
C PHE A 261 -25.92 -3.96 -23.66
N LYS A 262 -26.32 -5.08 -24.26
CA LYS A 262 -25.38 -6.19 -24.46
C LYS A 262 -24.26 -5.79 -25.42
N ILE A 263 -24.61 -5.06 -26.48
CA ILE A 263 -23.62 -4.55 -27.42
C ILE A 263 -22.63 -3.64 -26.70
N ALA A 264 -23.16 -2.76 -25.85
CA ALA A 264 -22.32 -1.85 -25.09
C ALA A 264 -21.39 -2.62 -24.17
N MET A 265 -21.89 -3.66 -23.50
CA MET A 265 -21.07 -4.41 -22.57
C MET A 265 -19.93 -5.15 -23.27
N GLN A 266 -20.24 -5.79 -24.40
CA GLN A 266 -19.19 -6.53 -25.11
C GLN A 266 -18.15 -5.58 -25.71
N THR A 267 -18.61 -4.46 -26.27
CA THR A 267 -17.68 -3.45 -26.77
C THR A 267 -16.83 -2.89 -25.64
N LEU A 268 -17.41 -2.75 -24.44
CA LEU A 268 -16.65 -2.30 -23.30
C LEU A 268 -15.58 -3.29 -22.89
N ASP A 269 -15.89 -4.59 -22.98
CA ASP A 269 -14.87 -5.60 -22.65
C ASP A 269 -13.69 -5.52 -23.61
N MET A 270 -13.97 -5.43 -24.90
CA MET A 270 -12.88 -5.32 -25.87
C MET A 270 -12.09 -4.03 -25.67
N GLY A 271 -12.80 -2.93 -25.39
CA GLY A 271 -12.12 -1.67 -25.10
C GLY A 271 -11.28 -1.74 -23.84
N ARG A 272 -11.73 -2.50 -22.85
CA ARG A 272 -10.94 -2.67 -21.63
C ARG A 272 -9.64 -3.39 -21.91
N ILE A 273 -9.69 -4.39 -22.80
CA ILE A 273 -8.45 -5.04 -23.22
C ILE A 273 -7.51 -4.04 -23.89
N GLY A 274 -8.07 -3.20 -24.78
CA GLY A 274 -7.24 -2.20 -25.45
C GLY A 274 -6.64 -1.18 -24.49
N ILE A 275 -7.43 -0.74 -23.51
CA ILE A 275 -6.94 0.26 -22.54
C ILE A 275 -5.88 -0.36 -21.63
N ALA A 276 -6.03 -1.64 -21.30
CA ALA A 276 -4.99 -2.33 -20.56
C ALA A 276 -3.68 -2.35 -21.35
N SER A 277 -3.76 -2.59 -22.65
CA SER A 277 -2.57 -2.54 -23.48
C SER A 277 -1.95 -1.15 -23.50
N GLN A 278 -2.79 -0.11 -23.57
CA GLN A 278 -2.28 1.26 -23.56
C GLN A 278 -1.56 1.58 -22.26
N ALA A 279 -2.15 1.19 -21.13
CA ALA A 279 -1.53 1.44 -19.84
C ALA A 279 -0.20 0.70 -19.72
N LEU A 280 -0.14 -0.52 -20.29
CA LEU A 280 1.12 -1.25 -20.33
C LEU A 280 2.17 -0.49 -21.10
N GLY A 281 1.81 0.07 -22.25
CA GLY A 281 2.77 0.84 -23.03
C GLY A 281 3.29 2.05 -22.29
N ILE A 282 2.39 2.76 -21.61
CA ILE A 282 2.79 3.95 -20.85
C ILE A 282 3.73 3.56 -19.72
N ALA A 283 3.39 2.50 -18.98
CA ALA A 283 4.26 2.06 -17.90
C ALA A 283 5.61 1.61 -18.41
N GLN A 284 5.64 0.94 -19.57
CA GLN A 284 6.89 0.46 -20.14
C GLN A 284 7.81 1.63 -20.51
N THR A 285 7.27 2.65 -21.17
CA THR A 285 8.14 3.76 -21.57
C THR A 285 8.58 4.58 -20.36
N ALA A 286 7.71 4.70 -19.35
CA ALA A 286 8.13 5.38 -18.12
C ALA A 286 9.26 4.63 -17.43
N LEU A 287 9.15 3.30 -17.38
CA LEU A 287 10.22 2.50 -16.77
C LEU A 287 11.51 2.62 -17.56
N ASP A 288 11.43 2.62 -18.89
CA ASP A 288 12.65 2.75 -19.71
C ASP A 288 13.35 4.07 -19.45
N CYS A 289 12.58 5.17 -19.43
CA CYS A 289 13.19 6.47 -19.19
C CYS A 289 13.78 6.55 -17.78
N ALA A 290 13.07 6.00 -16.79
CA ALA A 290 13.56 6.02 -15.42
C ALA A 290 14.86 5.23 -15.27
N VAL A 291 14.93 4.05 -15.88
CA VAL A 291 16.13 3.21 -15.78
C VAL A 291 17.30 3.90 -16.46
N ASN A 292 17.08 4.47 -17.64
CA ASN A 292 18.16 5.14 -18.35
C ASN A 292 18.68 6.34 -17.55
N TYR A 293 17.78 7.14 -16.99
CA TYR A 293 18.21 8.30 -16.20
C TYR A 293 18.92 7.85 -14.93
N ALA A 294 18.44 6.79 -14.29
CA ALA A 294 19.07 6.30 -13.07
C ALA A 294 20.49 5.81 -13.33
N GLU A 295 20.69 5.15 -14.47
CA GLU A 295 22.05 4.73 -14.81
C GLU A 295 22.93 5.93 -15.15
N ASN A 296 22.37 6.95 -15.81
CA ASN A 296 23.19 8.07 -16.23
C ASN A 296 23.53 9.00 -15.07
N ARG A 297 22.57 9.25 -14.18
CA ARG A 297 22.74 10.23 -13.12
C ARG A 297 23.75 9.76 -12.07
N MET A 298 24.56 10.70 -11.58
CA MET A 298 25.57 10.42 -10.57
C MET A 298 25.24 11.19 -9.31
N ALA A 299 25.20 10.49 -8.17
CA ALA A 299 24.98 11.11 -6.87
C ALA A 299 25.86 10.42 -5.84
N PHE A 300 26.47 11.23 -4.96
CA PHE A 300 27.40 10.74 -3.92
C PHE A 300 28.55 9.95 -4.53
N GLY A 301 29.05 10.41 -5.69
CA GLY A 301 30.17 9.77 -6.34
C GLY A 301 29.89 8.41 -6.91
N ALA A 302 28.62 8.05 -7.10
CA ALA A 302 28.23 6.74 -7.62
C ALA A 302 27.00 6.90 -8.50
N PRO A 303 26.78 5.98 -9.44
CA PRO A 303 25.51 5.98 -10.17
C PRO A 303 24.36 5.67 -9.23
N LEU A 304 23.17 6.15 -9.60
CA LEU A 304 22.00 5.96 -8.74
C LEU A 304 21.61 4.50 -8.59
N THR A 305 21.99 3.67 -9.57
CA THR A 305 21.65 2.25 -9.49
C THR A 305 22.42 1.54 -8.39
N LYS A 306 23.51 2.13 -7.90
CA LYS A 306 24.25 1.51 -6.81
C LYS A 306 23.47 1.60 -5.50
N LEU A 307 22.61 2.60 -5.37
CA LEU A 307 21.79 2.73 -4.17
C LEU A 307 20.75 1.61 -4.13
N GLN A 308 20.57 1.02 -2.95
CA GLN A 308 19.68 -0.13 -2.84
C GLN A 308 18.22 0.29 -2.97
N VAL A 309 17.89 1.51 -2.55
CA VAL A 309 16.51 1.98 -2.64
C VAL A 309 16.08 2.10 -4.09
N ILE A 310 16.96 2.63 -4.94
CA ILE A 310 16.66 2.74 -6.36
C ILE A 310 16.47 1.35 -6.96
N GLN A 311 17.32 0.39 -6.58
CA GLN A 311 17.21 -0.96 -7.09
C GLN A 311 15.88 -1.59 -6.69
N PHE A 312 15.48 -1.38 -5.43
CA PHE A 312 14.21 -1.95 -4.97
C PHE A 312 13.03 -1.31 -5.70
N LYS A 313 13.09 0.00 -5.95
CA LYS A 313 12.04 0.66 -6.71
C LYS A 313 11.96 0.09 -8.12
N LEU A 314 13.10 -0.10 -8.77
CA LEU A 314 13.11 -0.63 -10.13
C LEU A 314 12.58 -2.06 -10.16
N ALA A 315 12.94 -2.86 -9.14
CA ALA A 315 12.45 -4.23 -9.07
C ALA A 315 10.94 -4.28 -8.92
N ASP A 316 10.40 -3.44 -8.04
CA ASP A 316 8.94 -3.41 -7.85
C ASP A 316 8.24 -2.96 -9.12
N MET A 317 8.78 -1.93 -9.80
CA MET A 317 8.18 -1.46 -11.03
C MET A 317 8.18 -2.53 -12.12
N ALA A 318 9.32 -3.21 -12.27
CA ALA A 318 9.42 -4.24 -13.30
C ALA A 318 8.40 -5.33 -13.08
N LEU A 319 8.35 -5.87 -11.87
CA LEU A 319 7.44 -6.96 -11.58
C LEU A 319 6.01 -6.56 -11.91
N ALA A 320 5.62 -5.37 -11.49
CA ALA A 320 4.26 -4.91 -11.73
C ALA A 320 3.93 -4.92 -13.21
N LEU A 321 4.80 -4.33 -14.02
CA LEU A 321 4.54 -4.27 -15.45
C LEU A 321 4.43 -5.65 -16.05
N GLU A 322 5.37 -6.53 -15.72
CA GLU A 322 5.36 -7.86 -16.32
C GLU A 322 4.12 -8.64 -15.92
N SER A 323 3.74 -8.55 -14.65
CA SER A 323 2.56 -9.27 -14.19
C SER A 323 1.34 -8.77 -14.93
N ALA A 324 1.20 -7.46 -15.07
CA ALA A 324 0.06 -6.89 -15.76
C ALA A 324 0.05 -7.33 -17.21
N ARG A 325 1.22 -7.38 -17.83
CA ARG A 325 1.30 -7.78 -19.23
C ARG A 325 0.77 -9.18 -19.40
N LEU A 326 1.11 -10.07 -18.47
CA LEU A 326 0.64 -11.45 -18.55
C LEU A 326 -0.87 -11.48 -18.45
N LEU A 327 -1.42 -10.73 -17.50
CA LEU A 327 -2.86 -10.67 -17.34
C LEU A 327 -3.49 -10.20 -18.63
N THR A 328 -2.91 -9.17 -19.22
CA THR A 328 -3.44 -8.65 -20.48
C THR A 328 -3.35 -9.72 -21.55
N TRP A 329 -2.19 -10.35 -21.68
CA TRP A 329 -2.01 -11.37 -22.71
C TRP A 329 -2.94 -12.55 -22.49
N ARG A 330 -3.17 -12.93 -21.22
CA ARG A 330 -4.11 -14.00 -20.94
C ARG A 330 -5.52 -13.62 -21.37
N ALA A 331 -5.93 -12.37 -21.09
CA ALA A 331 -7.26 -11.93 -21.51
C ALA A 331 -7.39 -11.93 -23.02
N ALA A 332 -6.35 -11.46 -23.73
CA ALA A 332 -6.41 -11.43 -25.18
C ALA A 332 -6.48 -12.83 -25.78
N MET A 333 -5.69 -13.76 -25.24
CA MET A 333 -5.72 -15.12 -25.76
C MET A 333 -7.04 -15.81 -25.46
N LEU A 334 -7.64 -15.52 -24.29
CA LEU A 334 -8.96 -16.06 -24.00
C LEU A 334 -10.00 -15.53 -24.95
N LYS A 335 -9.91 -14.25 -25.32
CA LYS A 335 -10.83 -13.72 -26.32
C LYS A 335 -10.60 -14.40 -27.67
N ASP A 336 -9.34 -14.63 -28.04
CA ASP A 336 -9.04 -15.23 -29.34
C ASP A 336 -9.55 -16.66 -29.43
N ASN A 337 -9.61 -17.38 -28.31
CA ASN A 337 -10.09 -18.75 -28.32
C ASN A 337 -11.60 -18.87 -28.20
N LYS A 338 -12.32 -17.76 -28.38
CA LYS A 338 -13.80 -17.72 -28.33
C LYS A 338 -14.33 -18.27 -27.02
N LYS A 339 -13.76 -17.80 -25.91
CA LYS A 339 -14.18 -18.18 -24.58
C LYS A 339 -14.51 -16.94 -23.76
N PRO A 340 -15.34 -17.05 -22.73
CA PRO A 340 -15.68 -15.88 -21.92
C PRO A 340 -14.45 -15.26 -21.28
N PHE A 341 -14.41 -13.92 -21.27
CA PHE A 341 -13.21 -13.19 -20.86
C PHE A 341 -13.53 -11.93 -20.08
N ILE A 342 -14.75 -11.79 -19.55
CA ILE A 342 -15.17 -10.53 -18.94
C ILE A 342 -14.38 -10.26 -17.66
N LYS A 343 -14.30 -11.27 -16.79
CA LYS A 343 -13.54 -11.12 -15.55
C LYS A 343 -12.06 -10.92 -15.85
N GLU A 344 -11.53 -11.65 -16.83
CA GLU A 344 -10.13 -11.52 -17.21
C GLU A 344 -9.83 -10.13 -17.75
N ALA A 345 -10.73 -9.60 -18.58
CA ALA A 345 -10.53 -8.27 -19.14
C ALA A 345 -10.60 -7.21 -18.04
N ALA A 346 -11.55 -7.35 -17.12
CA ALA A 346 -11.66 -6.40 -16.01
C ALA A 346 -10.42 -6.43 -15.14
N MET A 347 -9.92 -7.63 -14.83
CA MET A 347 -8.69 -7.74 -14.05
C MET A 347 -7.51 -7.11 -14.78
N ALA A 348 -7.40 -7.36 -16.09
CA ALA A 348 -6.30 -6.81 -16.85
C ALA A 348 -6.35 -5.29 -16.86
N LYS A 349 -7.54 -4.72 -17.08
CA LYS A 349 -7.68 -3.27 -17.11
C LYS A 349 -7.33 -2.65 -15.76
N LEU A 350 -7.86 -3.22 -14.68
CA LEU A 350 -7.60 -2.67 -13.35
C LEU A 350 -6.12 -2.74 -13.00
N ALA A 351 -5.51 -3.91 -13.17
CA ALA A 351 -4.11 -4.08 -12.82
C ALA A 351 -3.21 -3.20 -13.69
N ALA A 352 -3.51 -3.13 -14.99
CA ALA A 352 -2.68 -2.32 -15.88
C ALA A 352 -2.76 -0.85 -15.53
N SER A 353 -3.96 -0.35 -15.23
CA SER A 353 -4.11 1.06 -14.89
C SER A 353 -3.39 1.40 -13.60
N GLU A 354 -3.58 0.58 -12.56
CA GLU A 354 -2.93 0.86 -11.28
C GLU A 354 -1.42 0.75 -11.38
N ALA A 355 -0.93 -0.25 -12.11
CA ALA A 355 0.51 -0.42 -12.30
C ALA A 355 1.10 0.74 -13.07
N ALA A 356 0.39 1.22 -14.10
CA ALA A 356 0.88 2.35 -14.88
C ALA A 356 0.97 3.60 -14.03
N THR A 357 -0.04 3.86 -13.20
CA THR A 357 -0.01 5.03 -12.33
C THR A 357 1.15 4.95 -11.35
N ALA A 358 1.32 3.79 -10.71
CA ALA A 358 2.39 3.64 -9.72
C ALA A 358 3.77 3.77 -10.37
N ILE A 359 3.94 3.17 -11.55
CA ILE A 359 5.24 3.21 -12.22
C ILE A 359 5.56 4.63 -12.68
N SER A 360 4.56 5.35 -13.20
CA SER A 360 4.80 6.73 -13.61
C SER A 360 5.17 7.61 -12.43
N HIS A 361 4.46 7.44 -11.30
CA HIS A 361 4.79 8.21 -10.10
C HIS A 361 6.20 7.90 -9.61
N GLN A 362 6.57 6.63 -9.60
CA GLN A 362 7.91 6.26 -9.16
C GLN A 362 8.97 6.75 -10.14
N ALA A 363 8.66 6.80 -11.42
CA ALA A 363 9.61 7.33 -12.39
C ALA A 363 9.85 8.81 -12.16
N ILE A 364 8.79 9.57 -11.86
CA ILE A 364 8.95 10.98 -11.52
C ILE A 364 9.81 11.12 -10.27
N GLN A 365 9.54 10.28 -9.26
CA GLN A 365 10.31 10.35 -8.01
C GLN A 365 11.78 10.03 -8.25
N ILE A 366 12.06 9.04 -9.11
CA ILE A 366 13.44 8.68 -9.40
C ILE A 366 14.15 9.80 -10.14
N LEU A 367 13.47 10.40 -11.13
CA LEU A 367 14.08 11.52 -11.84
C LEU A 367 14.28 12.73 -10.94
N GLY A 368 13.45 12.90 -9.93
CA GLY A 368 13.67 13.98 -8.98
C GLY A 368 13.26 15.32 -9.55
N GLY A 369 14.16 16.29 -9.48
CA GLY A 369 13.84 17.63 -9.94
C GLY A 369 13.63 17.69 -11.45
N MET A 370 14.47 16.99 -12.20
CA MET A 370 14.35 17.01 -13.66
C MET A 370 13.06 16.37 -14.14
N GLY A 371 12.46 15.51 -13.32
CA GLY A 371 11.21 14.90 -13.72
C GLY A 371 10.04 15.87 -13.67
N TYR A 372 10.18 16.95 -12.91
CA TYR A 372 9.06 17.86 -12.73
C TYR A 372 8.89 18.80 -13.91
N VAL A 373 9.99 19.22 -14.54
CA VAL A 373 9.90 20.17 -15.64
C VAL A 373 9.34 19.47 -16.87
N THR A 374 8.76 20.27 -17.78
CA THR A 374 8.18 19.73 -19.00
C THR A 374 9.24 19.37 -20.03
N GLU A 375 10.50 19.74 -19.81
CA GLU A 375 11.58 19.38 -20.71
C GLU A 375 11.76 17.87 -20.77
N MET A 376 11.71 17.21 -19.62
CA MET A 376 11.78 15.76 -19.58
C MET A 376 10.38 15.16 -19.74
N PRO A 377 10.29 13.95 -20.32
CA PRO A 377 8.96 13.40 -20.62
C PRO A 377 8.30 12.64 -19.49
N ALA A 378 8.81 12.72 -18.26
CA ALA A 378 8.23 11.95 -17.17
C ALA A 378 6.85 12.46 -16.79
N GLU A 379 6.68 13.78 -16.73
CA GLU A 379 5.39 14.34 -16.33
C GLU A 379 4.31 14.04 -17.37
N ARG A 380 4.68 14.00 -18.65
CA ARG A 380 3.73 13.62 -19.68
C ARG A 380 3.24 12.19 -19.46
N HIS A 381 4.16 11.29 -19.11
CA HIS A 381 3.78 9.92 -18.80
C HIS A 381 2.85 9.87 -17.60
N TYR A 382 3.11 10.71 -16.60
CA TYR A 382 2.25 10.75 -15.41
C TYR A 382 0.83 11.19 -15.77
N ARG A 383 0.71 12.29 -16.51
CA ARG A 383 -0.60 12.82 -16.85
C ARG A 383 -1.35 11.88 -17.79
N ASP A 384 -0.63 11.22 -18.69
CA ASP A 384 -1.28 10.27 -19.60
C ASP A 384 -1.68 9.00 -18.88
N ALA A 385 -0.91 8.58 -17.88
CA ALA A 385 -1.24 7.35 -17.17
C ALA A 385 -2.36 7.56 -16.17
N ARG A 386 -2.61 8.81 -15.78
CA ARG A 386 -3.68 9.07 -14.83
C ARG A 386 -5.06 8.73 -15.41
N ILE A 387 -5.21 8.81 -16.73
CA ILE A 387 -6.55 8.68 -17.31
C ILE A 387 -7.02 7.24 -17.35
N THR A 388 -6.09 6.27 -17.33
CA THR A 388 -6.46 4.89 -17.58
C THR A 388 -7.28 4.29 -16.45
N GLU A 389 -7.38 4.99 -15.32
CA GLU A 389 -8.22 4.56 -14.22
C GLU A 389 -9.60 5.17 -14.24
N ILE A 390 -9.92 6.01 -15.22
CA ILE A 390 -11.17 6.77 -15.24
C ILE A 390 -12.10 6.28 -16.33
N TYR A 391 -11.68 6.39 -17.60
CA TYR A 391 -12.57 6.01 -18.68
C TYR A 391 -12.49 4.51 -18.92
N GLU A 392 -13.42 4.02 -19.76
CA GLU A 392 -13.68 2.59 -19.94
C GLU A 392 -13.98 1.91 -18.61
N GLY A 393 -14.74 2.61 -17.77
CA GLY A 393 -15.10 2.10 -16.46
C GLY A 393 -14.05 2.40 -15.43
N THR A 394 -14.43 3.10 -14.36
CA THR A 394 -13.49 3.39 -13.29
C THR A 394 -13.12 2.12 -12.54
N SER A 395 -12.11 2.23 -11.68
CA SER A 395 -11.58 1.06 -10.98
C SER A 395 -12.63 0.43 -10.07
N GLU A 396 -13.53 1.24 -9.51
CA GLU A 396 -14.59 0.70 -8.66
C GLU A 396 -15.54 -0.19 -9.46
N ILE A 397 -15.88 0.23 -10.68
CA ILE A 397 -16.75 -0.58 -11.53
C ILE A 397 -16.05 -1.88 -11.93
N GLN A 398 -14.74 -1.81 -12.20
CA GLN A 398 -13.99 -3.01 -12.53
C GLN A 398 -14.00 -3.98 -11.36
N ARG A 399 -13.82 -3.48 -10.14
CA ARG A 399 -13.82 -4.35 -8.97
C ARG A 399 -15.21 -4.93 -8.72
N LEU A 400 -16.26 -4.16 -9.02
CA LEU A 400 -17.62 -4.70 -8.93
C LEU A 400 -17.82 -5.86 -9.91
N VAL A 401 -17.33 -5.70 -11.14
CA VAL A 401 -17.45 -6.76 -12.14
C VAL A 401 -16.68 -8.00 -11.71
N ILE A 402 -15.46 -7.81 -11.22
CA ILE A 402 -14.64 -8.94 -10.78
C ILE A 402 -15.30 -9.66 -9.61
N ALA A 403 -15.82 -8.89 -8.65
CA ALA A 403 -16.47 -9.49 -7.49
C ALA A 403 -17.71 -10.26 -7.88
N GLY A 404 -18.52 -9.70 -8.79
CA GLY A 404 -19.71 -10.40 -9.22
C GLY A 404 -19.39 -11.70 -9.91
N HIS A 405 -18.40 -11.68 -10.79
CA HIS A 405 -18.03 -12.92 -11.51
C HIS A 405 -17.39 -13.93 -10.57
N LEU A 406 -16.64 -13.47 -9.58
CA LEU A 406 -16.04 -14.37 -8.61
C LEU A 406 -17.10 -15.08 -7.78
N LEU A 407 -18.07 -14.32 -7.26
CA LEU A 407 -19.14 -14.91 -6.46
C LEU A 407 -20.03 -15.80 -7.31
N ARG A 408 -20.24 -15.45 -8.57
CA ARG A 408 -20.99 -16.32 -9.47
C ARG A 408 -20.24 -17.61 -9.73
N SER A 409 -18.91 -17.53 -9.82
CA SER A 409 -18.10 -18.73 -10.03
C SER A 409 -18.20 -19.67 -8.83
N TYR A 410 -18.17 -19.12 -7.62
CA TYR A 410 -18.27 -19.97 -6.45
C TYR A 410 -19.69 -20.51 -6.26
N ARG A 411 -20.70 -19.73 -6.61
CA ARG A 411 -22.08 -20.20 -6.53
C ARG A 411 -22.38 -21.13 -7.69
N SER B 31 -2.30 22.66 24.25
CA SER B 31 -2.68 21.27 24.02
C SER B 31 -3.28 21.10 22.63
N VAL B 32 -4.39 20.36 22.55
CA VAL B 32 -5.08 20.19 21.28
C VAL B 32 -5.66 21.49 20.79
N GLU B 33 -6.25 22.27 21.70
CA GLU B 33 -6.87 23.53 21.33
C GLU B 33 -5.82 24.58 20.97
N LEU B 34 -6.27 25.64 20.33
CA LEU B 34 -5.40 26.72 19.91
C LEU B 34 -5.61 27.95 20.79
N PRO B 35 -4.56 28.75 21.01
CA PRO B 35 -4.73 30.01 21.75
C PRO B 35 -5.56 31.01 20.96
N GLU B 36 -5.95 32.08 21.63
CA GLU B 36 -6.80 33.10 21.02
C GLU B 36 -6.10 33.79 19.86
N THR B 37 -4.80 34.07 20.01
CA THR B 37 -4.04 34.70 18.94
C THR B 37 -3.96 33.78 17.72
N HIS B 38 -3.71 32.49 17.95
CA HIS B 38 -3.64 31.54 16.84
C HIS B 38 -4.99 31.38 16.16
N GLN B 39 -6.07 31.35 16.95
CA GLN B 39 -7.41 31.24 16.37
C GLN B 39 -7.74 32.46 15.53
N MET B 40 -7.42 33.65 16.03
CA MET B 40 -7.67 34.88 15.29
C MET B 40 -6.85 34.92 14.01
N LEU B 41 -5.59 34.50 14.07
CA LEU B 41 -4.76 34.45 12.87
C LEU B 41 -5.30 33.44 11.86
N LEU B 42 -5.78 32.29 12.34
CA LEU B 42 -6.36 31.29 11.45
C LEU B 42 -7.59 31.85 10.75
N GLN B 43 -8.45 32.53 11.51
CA GLN B 43 -9.66 33.10 10.91
C GLN B 43 -9.31 34.19 9.90
N THR B 44 -8.34 35.05 10.23
CA THR B 44 -7.95 36.12 9.32
C THR B 44 -7.34 35.57 8.04
N CYS B 45 -6.48 34.55 8.17
CA CYS B 45 -5.88 33.93 7.01
C CYS B 45 -6.91 33.24 6.14
N ARG B 46 -7.88 32.56 6.74
CA ARG B 46 -8.93 31.90 5.97
C ARG B 46 -9.78 32.93 5.23
N ASP B 47 -10.12 34.03 5.91
CA ASP B 47 -10.92 35.08 5.28
C ASP B 47 -10.16 35.70 4.10
N PHE B 48 -8.87 35.99 4.29
CA PHE B 48 -8.07 36.55 3.22
C PHE B 48 -7.95 35.58 2.05
N ALA B 49 -7.76 34.29 2.35
CA ALA B 49 -7.64 33.28 1.31
C ALA B 49 -8.91 33.20 0.48
N GLU B 50 -10.06 33.06 1.14
CA GLU B 50 -11.33 32.96 0.42
C GLU B 50 -11.67 34.26 -0.30
N LYS B 51 -11.19 35.40 0.19
CA LYS B 51 -11.47 36.65 -0.47
C LYS B 51 -10.63 36.85 -1.72
N GLU B 52 -9.36 36.45 -1.68
CA GLU B 52 -8.41 36.83 -2.72
C GLU B 52 -7.90 35.66 -3.54
N LEU B 53 -7.39 34.60 -2.89
CA LEU B 53 -6.60 33.61 -3.59
C LEU B 53 -7.46 32.69 -4.45
N PHE B 54 -8.64 32.33 -3.94
CA PHE B 54 -9.51 31.39 -4.66
C PHE B 54 -9.97 31.90 -6.02
N PRO B 55 -10.42 33.17 -6.19
CA PRO B 55 -10.80 33.61 -7.55
C PRO B 55 -9.65 33.60 -8.55
N ILE B 56 -8.41 33.82 -8.10
CA ILE B 56 -7.29 33.99 -9.03
C ILE B 56 -6.38 32.78 -9.14
N ALA B 57 -6.67 31.70 -8.42
CA ALA B 57 -5.76 30.55 -8.41
C ALA B 57 -5.67 29.90 -9.79
N ALA B 58 -6.82 29.74 -10.46
CA ALA B 58 -6.83 29.13 -11.78
C ALA B 58 -6.09 29.99 -12.80
N GLN B 59 -6.30 31.31 -12.73
CA GLN B 59 -5.60 32.22 -13.64
C GLN B 59 -4.09 32.19 -13.40
N VAL B 60 -3.69 32.14 -12.13
CA VAL B 60 -2.26 32.08 -11.80
C VAL B 60 -1.65 30.79 -12.32
N ASP B 61 -2.35 29.67 -12.14
CA ASP B 61 -1.84 28.39 -12.62
C ASP B 61 -1.75 28.37 -14.14
N LYS B 62 -2.78 28.88 -14.82
CA LYS B 62 -2.85 28.76 -16.27
C LYS B 62 -1.85 29.68 -16.96
N GLU B 63 -1.76 30.94 -16.50
CA GLU B 63 -0.98 31.93 -17.22
C GLU B 63 0.43 32.10 -16.69
N HIS B 64 0.84 31.32 -15.69
CA HIS B 64 2.15 31.44 -15.03
C HIS B 64 2.37 32.86 -14.51
N LEU B 65 1.32 33.44 -13.95
CA LEU B 65 1.33 34.84 -13.54
C LEU B 65 1.78 34.95 -12.08
N PHE B 66 2.80 35.76 -11.83
CA PHE B 66 3.22 36.03 -10.48
C PHE B 66 2.21 36.97 -9.80
N PRO B 67 1.58 36.56 -8.71
CA PRO B 67 0.58 37.41 -8.05
C PRO B 67 1.20 38.51 -7.20
N ALA B 68 1.60 39.60 -7.86
CA ALA B 68 2.29 40.69 -7.17
C ALA B 68 1.39 41.38 -6.15
N ALA B 69 0.13 41.63 -6.53
CA ALA B 69 -0.79 42.33 -5.64
C ALA B 69 -1.08 41.50 -4.40
N GLN B 70 -1.26 40.19 -4.56
CA GLN B 70 -1.53 39.32 -3.42
C GLN B 70 -0.34 39.27 -2.47
N VAL B 71 0.87 39.22 -3.02
CA VAL B 71 2.07 39.23 -2.18
C VAL B 71 2.19 40.54 -1.43
N LYS B 72 1.87 41.66 -2.11
CA LYS B 72 1.90 42.96 -1.44
C LYS B 72 0.88 43.02 -0.31
N LYS B 73 -0.32 42.48 -0.53
CA LYS B 73 -1.33 42.48 0.52
C LYS B 73 -0.93 41.59 1.69
N MET B 74 -0.29 40.45 1.39
CA MET B 74 0.21 39.58 2.45
C MET B 74 1.29 40.27 3.27
N GLY B 75 2.17 41.02 2.60
CA GLY B 75 3.13 41.82 3.33
C GLY B 75 2.46 42.89 4.17
N GLY B 76 1.35 43.43 3.68
CA GLY B 76 0.54 44.35 4.48
C GLY B 76 -0.05 43.70 5.71
N LEU B 77 -0.44 42.43 5.63
CA LEU B 77 -0.98 41.71 6.76
C LEU B 77 0.10 41.12 7.67
N GLY B 78 1.37 41.24 7.29
CA GLY B 78 2.44 40.70 8.10
C GLY B 78 2.66 39.21 7.96
N LEU B 79 2.03 38.57 6.98
CA LEU B 79 2.16 37.13 6.81
C LEU B 79 3.51 36.71 6.25
N LEU B 80 4.31 37.65 5.75
CA LEU B 80 5.62 37.32 5.22
C LEU B 80 6.73 37.45 6.24
N ALA B 81 6.44 37.91 7.45
CA ALA B 81 7.46 38.14 8.47
C ALA B 81 6.99 37.64 9.83
N MET B 82 6.41 36.44 9.85
CA MET B 82 5.80 35.94 11.07
C MET B 82 6.85 35.62 12.14
N ASP B 83 7.95 34.98 11.75
CA ASP B 83 8.97 34.62 12.71
C ASP B 83 9.82 35.82 13.12
N VAL B 84 9.81 36.87 12.32
CA VAL B 84 10.62 38.06 12.54
C VAL B 84 10.11 38.81 13.77
N PRO B 85 10.98 39.27 14.67
CA PRO B 85 10.52 40.07 15.80
C PRO B 85 9.93 41.39 15.35
N GLU B 86 9.05 41.96 16.19
CA GLU B 86 8.37 43.19 15.83
C GLU B 86 9.33 44.38 15.81
N GLU B 87 10.48 44.25 16.48
CA GLU B 87 11.46 45.31 16.48
C GLU B 87 12.02 45.55 15.09
N LEU B 88 12.28 44.47 14.35
CA LEU B 88 12.81 44.55 13.00
C LEU B 88 11.71 44.70 11.95
N GLY B 89 10.46 44.89 12.36
CA GLY B 89 9.37 45.06 11.44
C GLY B 89 8.52 43.84 11.19
N GLY B 90 8.75 42.74 11.91
CA GLY B 90 7.99 41.53 11.73
C GLY B 90 6.76 41.48 12.62
N ALA B 91 6.13 40.32 12.65
CA ALA B 91 4.93 40.09 13.44
C ALA B 91 5.24 39.52 14.82
N GLY B 92 6.41 38.93 15.01
CA GLY B 92 6.80 38.40 16.30
C GLY B 92 5.93 37.26 16.79
N LEU B 93 5.63 36.31 15.90
CA LEU B 93 4.76 35.19 16.22
C LEU B 93 5.57 33.90 16.26
N ASP B 94 5.04 32.92 16.99
CA ASP B 94 5.67 31.62 17.09
C ASP B 94 5.54 30.86 15.78
N TYR B 95 6.32 29.77 15.66
CA TYR B 95 6.35 29.03 14.41
C TYR B 95 5.08 28.23 14.19
N LEU B 96 4.34 27.93 15.26
CA LEU B 96 3.04 27.26 15.11
C LEU B 96 2.07 28.14 14.34
N ALA B 97 2.06 29.44 14.66
CA ALA B 97 1.23 30.38 13.91
C ALA B 97 1.66 30.43 12.44
N TYR B 98 2.97 30.34 12.20
CA TYR B 98 3.48 30.32 10.83
C TYR B 98 2.98 29.09 10.09
N ALA B 99 2.99 27.92 10.77
CA ALA B 99 2.50 26.70 10.14
C ALA B 99 1.01 26.80 9.82
N ILE B 100 0.23 27.37 10.74
CA ILE B 100 -1.20 27.53 10.50
C ILE B 100 -1.46 28.45 9.31
N ALA B 101 -0.75 29.59 9.28
CA ALA B 101 -0.93 30.53 8.18
C ALA B 101 -0.48 29.94 6.86
N MET B 102 0.60 29.17 6.86
CA MET B 102 1.07 28.52 5.65
C MET B 102 0.05 27.52 5.14
N GLU B 103 -0.55 26.75 6.06
CA GLU B 103 -1.57 25.79 5.67
C GLU B 103 -2.77 26.49 5.03
N GLU B 104 -3.21 27.59 5.64
CA GLU B 104 -4.37 28.29 5.10
C GLU B 104 -4.07 28.93 3.75
N ILE B 105 -2.89 29.52 3.60
CA ILE B 105 -2.54 30.16 2.33
C ILE B 105 -2.38 29.12 1.24
N SER B 106 -1.74 27.99 1.53
CA SER B 106 -1.59 26.94 0.54
C SER B 106 -2.94 26.31 0.20
N ARG B 107 -3.86 26.31 1.16
CA ARG B 107 -5.23 25.93 0.85
C ARG B 107 -5.85 26.90 -0.16
N GLY B 108 -5.55 28.20 0.00
CA GLY B 108 -6.00 29.17 -0.98
C GLY B 108 -5.34 29.00 -2.33
N CYS B 109 -4.00 28.93 -2.35
CA CYS B 109 -3.25 28.86 -3.61
C CYS B 109 -1.87 28.29 -3.30
N ALA B 110 -1.45 27.29 -4.07
CA ALA B 110 -0.21 26.57 -3.73
C ALA B 110 1.03 27.39 -4.05
N SER B 111 1.02 28.09 -5.19
CA SER B 111 2.19 28.87 -5.58
C SER B 111 2.43 30.03 -4.62
N THR B 112 1.35 30.70 -4.23
CA THR B 112 1.45 31.75 -3.21
C THR B 112 1.98 31.17 -1.91
N GLY B 113 1.55 29.95 -1.58
CA GLY B 113 2.03 29.25 -0.42
C GLY B 113 3.52 29.00 -0.45
N VAL B 114 4.05 28.54 -1.59
CA VAL B 114 5.48 28.24 -1.65
C VAL B 114 6.30 29.52 -1.67
N ILE B 115 5.77 30.59 -2.26
CA ILE B 115 6.45 31.89 -2.21
C ILE B 115 6.54 32.38 -0.78
N MET B 116 5.42 32.31 -0.06
CA MET B 116 5.39 32.71 1.34
C MET B 116 6.33 31.86 2.17
N SER B 117 6.35 30.55 1.94
CA SER B 117 7.22 29.65 2.69
C SER B 117 8.68 29.97 2.46
N VAL B 118 9.06 30.20 1.19
CA VAL B 118 10.45 30.55 0.89
C VAL B 118 10.84 31.84 1.59
N ASN B 119 10.02 32.88 1.43
CA ASN B 119 10.36 34.18 2.02
C ASN B 119 10.43 34.12 3.53
N ASN B 120 9.51 33.38 4.17
CA ASN B 120 9.49 33.33 5.62
C ASN B 120 10.65 32.49 6.15
N SER B 121 10.73 31.23 5.74
CA SER B 121 11.77 30.39 6.29
C SER B 121 13.12 30.60 5.60
N LEU B 122 13.21 30.25 4.32
CA LEU B 122 14.50 29.99 3.72
C LEU B 122 15.35 31.24 3.56
N TYR B 123 14.73 32.42 3.54
CA TYR B 123 15.51 33.64 3.46
C TYR B 123 15.66 34.30 4.82
N LEU B 124 14.54 34.48 5.52
CA LEU B 124 14.57 35.29 6.74
C LEU B 124 15.19 34.53 7.90
N GLY B 125 14.91 33.24 8.04
CA GLY B 125 15.37 32.46 9.16
C GLY B 125 16.88 32.41 9.35
N PRO B 126 17.65 32.05 8.32
CA PRO B 126 19.11 32.05 8.47
C PRO B 126 19.70 33.41 8.81
N ILE B 127 19.14 34.50 8.28
CA ILE B 127 19.68 35.81 8.58
C ILE B 127 19.44 36.17 10.04
N LEU B 128 18.23 35.92 10.54
CA LEU B 128 17.95 36.18 11.95
C LEU B 128 18.75 35.28 12.86
N LYS B 129 18.95 34.03 12.45
CA LYS B 129 19.59 33.06 13.32
C LYS B 129 21.10 33.25 13.39
N PHE B 130 21.72 33.69 12.28
CA PHE B 130 23.17 33.71 12.21
C PHE B 130 23.77 35.07 11.87
N GLY B 131 23.04 35.93 11.16
CA GLY B 131 23.61 37.19 10.74
C GLY B 131 23.78 38.17 11.90
N SER B 132 24.72 39.09 11.73
CA SER B 132 24.94 40.13 12.73
C SER B 132 23.82 41.17 12.65
N LYS B 133 23.82 42.08 13.63
CA LYS B 133 22.73 43.05 13.76
C LYS B 133 22.68 44.00 12.56
N GLU B 134 23.84 44.41 12.06
CA GLU B 134 23.88 45.28 10.89
C GLU B 134 23.31 44.56 9.67
N GLN B 135 23.64 43.28 9.51
CA GLN B 135 23.08 42.50 8.41
C GLN B 135 21.58 42.33 8.58
N LYS B 136 21.11 42.17 9.82
CA LYS B 136 19.67 42.10 10.07
C LYS B 136 18.99 43.40 9.66
N GLN B 137 19.57 44.54 10.03
CA GLN B 137 18.98 45.82 9.68
C GLN B 137 18.98 46.04 8.16
N ALA B 138 20.04 45.62 7.48
CA ALA B 138 20.16 45.89 6.07
C ALA B 138 19.51 44.83 5.18
N TRP B 139 19.06 43.70 5.74
CA TRP B 139 18.56 42.62 4.92
C TRP B 139 17.26 41.99 5.41
N VAL B 140 16.70 42.43 6.54
CA VAL B 140 15.45 41.90 7.06
C VAL B 140 14.36 42.96 7.07
N THR B 141 14.67 44.15 7.59
CA THR B 141 13.69 45.22 7.71
C THR B 141 13.04 45.64 6.39
N PRO B 142 13.76 45.80 5.27
CA PRO B 142 13.05 46.07 4.01
C PRO B 142 12.20 44.91 3.53
N PHE B 143 12.53 43.68 3.93
CA PHE B 143 11.86 42.50 3.40
C PHE B 143 10.67 42.04 4.23
N THR B 144 10.42 42.69 5.38
CA THR B 144 9.23 42.35 6.17
C THR B 144 7.98 42.94 5.55
N SER B 145 8.11 44.09 4.89
CA SER B 145 6.93 44.81 4.40
C SER B 145 6.26 44.10 3.23
N GLY B 146 6.97 43.20 2.57
CA GLY B 146 6.44 42.50 1.41
C GLY B 146 6.81 43.15 0.10
N ASP B 147 7.47 44.30 0.11
CA ASP B 147 7.89 44.95 -1.13
C ASP B 147 8.94 44.09 -1.85
N LYS B 148 9.86 43.51 -1.10
CA LYS B 148 10.92 42.69 -1.64
C LYS B 148 10.90 41.31 -0.99
N ILE B 149 11.34 40.31 -1.73
CA ILE B 149 11.40 38.94 -1.24
C ILE B 149 12.78 38.38 -1.51
N GLY B 150 13.07 37.24 -0.88
CA GLY B 150 14.36 36.60 -0.98
C GLY B 150 14.27 35.25 -1.66
N CYS B 151 15.43 34.59 -1.75
CA CYS B 151 15.52 33.27 -2.37
C CYS B 151 16.64 32.49 -1.71
N PHE B 152 16.55 31.17 -1.82
CA PHE B 152 17.50 30.25 -1.19
C PHE B 152 18.26 29.51 -2.29
N ALA B 153 19.56 29.76 -2.38
CA ALA B 153 20.40 29.24 -3.46
C ALA B 153 21.35 28.20 -2.90
N LEU B 154 20.95 26.93 -2.94
CA LEU B 154 21.84 25.85 -2.53
C LEU B 154 22.11 24.86 -3.66
N SER B 155 21.04 24.42 -4.33
CA SER B 155 21.17 23.33 -5.28
C SER B 155 21.94 23.75 -6.53
N GLU B 156 22.58 22.78 -7.16
CA GLU B 156 23.35 22.94 -8.39
C GLU B 156 22.92 21.88 -9.39
N PRO B 157 23.16 22.11 -10.70
CA PRO B 157 22.81 21.09 -11.69
C PRO B 157 23.56 19.78 -11.48
N GLY B 158 24.79 19.87 -10.97
CA GLY B 158 25.57 18.65 -10.75
C GLY B 158 25.01 17.79 -9.64
N ASN B 159 24.70 18.40 -8.49
CA ASN B 159 24.21 17.67 -7.33
C ASN B 159 22.93 18.30 -6.81
N GLY B 160 21.87 17.50 -6.72
CA GLY B 160 20.64 17.98 -6.14
C GLY B 160 20.47 17.59 -4.68
N SER B 161 20.66 16.30 -4.37
CA SER B 161 20.47 15.84 -3.00
C SER B 161 21.75 15.97 -2.19
N ASP B 162 22.88 15.66 -2.81
CA ASP B 162 24.18 15.77 -2.14
C ASP B 162 24.54 17.26 -2.05
N ALA B 163 24.00 17.89 -1.00
CA ALA B 163 24.18 19.34 -0.85
C ALA B 163 25.61 19.70 -0.54
N GLY B 164 26.36 18.79 0.08
CA GLY B 164 27.74 19.06 0.41
C GLY B 164 28.69 19.07 -0.77
N ALA B 165 28.23 18.63 -1.95
CA ALA B 165 29.07 18.59 -3.13
C ALA B 165 28.88 19.79 -4.03
N ALA B 166 28.55 20.95 -3.47
CA ALA B 166 28.36 22.16 -4.27
C ALA B 166 29.68 22.61 -4.87
N SER B 167 29.66 22.97 -6.15
CA SER B 167 30.86 23.34 -6.88
C SER B 167 31.07 24.84 -7.03
N THR B 168 30.15 25.66 -6.54
CA THR B 168 30.31 27.11 -6.59
C THR B 168 31.50 27.54 -5.74
N THR B 169 32.40 28.31 -6.33
CA THR B 169 33.62 28.72 -5.63
C THR B 169 33.55 30.19 -5.26
N ALA B 170 34.10 30.51 -4.08
CA ALA B 170 34.11 31.88 -3.56
C ALA B 170 35.54 32.22 -3.15
N ARG B 171 36.33 32.71 -4.10
CA ARG B 171 37.71 33.10 -3.82
C ARG B 171 37.75 34.42 -3.08
N ALA B 172 38.54 34.48 -2.01
CA ALA B 172 38.68 35.70 -1.21
C ALA B 172 39.85 36.54 -1.77
N GLU B 173 39.62 37.09 -2.95
CA GLU B 173 40.62 37.93 -3.59
C GLU B 173 40.40 39.39 -3.23
N GLY B 174 41.42 40.02 -2.66
CA GLY B 174 41.29 41.41 -2.27
C GLY B 174 40.38 41.56 -1.07
N ASP B 175 39.55 42.60 -1.08
CA ASP B 175 38.61 42.89 0.00
C ASP B 175 37.20 42.43 -0.34
N SER B 176 37.02 41.63 -1.39
CA SER B 176 35.72 41.21 -1.84
C SER B 176 35.71 39.71 -2.09
N TRP B 177 34.53 39.11 -1.95
CA TRP B 177 34.35 37.70 -2.27
C TRP B 177 33.95 37.58 -3.74
N VAL B 178 34.82 37.00 -4.54
CA VAL B 178 34.56 36.79 -5.97
C VAL B 178 33.86 35.44 -6.11
N LEU B 179 32.66 35.46 -6.67
CA LEU B 179 31.84 34.26 -6.79
C LEU B 179 31.86 33.76 -8.22
N ASN B 180 32.12 32.46 -8.39
CA ASN B 180 32.04 31.80 -9.68
C ASN B 180 31.27 30.50 -9.52
N GLY B 181 30.33 30.25 -10.43
CA GLY B 181 29.54 29.04 -10.38
C GLY B 181 28.15 29.22 -10.95
N THR B 182 27.34 28.17 -10.88
CA THR B 182 25.98 28.22 -11.43
C THR B 182 25.04 27.48 -10.49
N LYS B 183 24.15 28.23 -9.84
CA LYS B 183 23.11 27.61 -9.04
C LYS B 183 21.92 27.27 -9.93
N ALA B 184 21.04 26.41 -9.42
CA ALA B 184 19.92 25.94 -10.21
C ALA B 184 18.67 25.80 -9.36
N TRP B 185 17.53 25.80 -10.02
CA TRP B 185 16.20 25.63 -9.44
C TRP B 185 15.84 26.69 -8.41
N ILE B 186 16.39 27.89 -8.52
CA ILE B 186 16.18 28.91 -7.51
C ILE B 186 14.76 29.44 -7.58
N THR B 187 13.99 29.25 -6.51
CA THR B 187 12.65 29.79 -6.45
C THR B 187 12.70 31.31 -6.28
N ASN B 188 11.73 31.98 -6.89
CA ASN B 188 11.61 33.44 -6.89
C ASN B 188 12.85 34.12 -7.46
N ALA B 189 13.52 33.47 -8.41
CA ALA B 189 14.74 34.06 -8.96
C ALA B 189 14.44 35.32 -9.76
N TRP B 190 13.27 35.39 -10.38
CA TRP B 190 12.89 36.53 -11.18
C TRP B 190 12.19 37.63 -10.37
N GLU B 191 12.04 37.45 -9.07
CA GLU B 191 11.41 38.45 -8.23
C GLU B 191 12.22 38.83 -6.99
N ALA B 192 13.25 38.08 -6.66
CA ALA B 192 13.99 38.32 -5.43
C ALA B 192 14.87 39.54 -5.54
N SER B 193 14.93 40.32 -4.46
CA SER B 193 15.87 41.42 -4.34
C SER B 193 17.09 41.06 -3.49
N ALA B 194 17.19 39.82 -3.04
CA ALA B 194 18.35 39.35 -2.29
C ALA B 194 18.46 37.84 -2.46
N ALA B 195 19.63 37.31 -2.13
CA ALA B 195 19.90 35.89 -2.32
C ALA B 195 20.80 35.38 -1.21
N VAL B 196 20.51 34.17 -0.74
CA VAL B 196 21.37 33.45 0.20
C VAL B 196 22.07 32.37 -0.62
N VAL B 197 23.32 32.61 -0.98
CA VAL B 197 24.07 31.75 -1.88
C VAL B 197 25.13 31.02 -1.08
N PHE B 198 25.21 29.70 -1.27
CA PHE B 198 26.19 28.89 -0.55
C PHE B 198 27.26 28.40 -1.51
N ALA B 199 28.49 28.89 -1.32
CA ALA B 199 29.59 28.48 -2.19
C ALA B 199 30.73 27.88 -1.39
N SER B 200 31.37 26.86 -1.93
CA SER B 200 32.46 26.21 -1.22
C SER B 200 33.74 27.01 -1.33
N THR B 201 34.13 27.67 -0.25
CA THR B 201 35.37 28.43 -0.25
C THR B 201 36.55 27.49 -0.35
N ASP B 202 36.48 26.36 0.37
CA ASP B 202 37.56 25.38 0.32
C ASP B 202 37.08 24.07 -0.27
N ARG B 203 37.59 23.71 -1.44
CA ARG B 203 37.15 22.49 -2.10
C ARG B 203 37.48 21.25 -1.28
N ALA B 204 38.67 21.21 -0.70
CA ALA B 204 39.08 20.04 0.08
C ALA B 204 38.07 19.76 1.16
N LEU B 205 37.53 20.80 1.78
CA LEU B 205 36.53 20.63 2.82
C LEU B 205 35.18 20.41 2.17
N GLN B 206 34.69 19.18 2.20
CA GLN B 206 33.42 18.87 1.56
C GLN B 206 32.30 19.72 2.11
N ASN B 207 32.18 19.78 3.44
CA ASN B 207 31.14 20.60 4.04
C ASN B 207 31.77 21.80 4.75
N LYS B 208 32.99 21.64 5.24
CA LYS B 208 33.66 22.74 5.89
C LYS B 208 33.88 23.89 4.94
N GLY B 209 34.22 23.56 3.69
CA GLY B 209 34.45 24.60 2.69
C GLY B 209 33.20 25.41 2.44
N ILE B 210 32.04 24.77 2.54
CA ILE B 210 30.79 25.46 2.27
C ILE B 210 30.66 26.75 3.08
N SER B 211 30.35 27.84 2.39
CA SER B 211 30.19 29.13 3.07
C SER B 211 29.01 29.88 2.50
N ALA B 212 28.22 30.51 3.36
CA ALA B 212 27.04 31.23 2.91
C ALA B 212 27.36 32.68 2.57
N PHE B 213 26.57 33.29 1.69
CA PHE B 213 26.80 34.67 1.31
C PHE B 213 25.47 35.34 1.03
N LEU B 214 25.34 36.60 1.45
CA LEU B 214 24.14 37.38 1.17
C LEU B 214 24.38 38.23 -0.08
N VAL B 215 23.83 37.80 -1.20
CA VAL B 215 24.06 38.42 -2.51
C VAL B 215 22.85 39.27 -2.86
N PRO B 216 23.01 40.58 -3.01
CA PRO B 216 21.90 41.41 -3.50
C PRO B 216 21.63 41.14 -4.97
N MET B 217 20.37 41.36 -5.37
CA MET B 217 19.94 41.14 -6.74
C MET B 217 19.15 42.37 -7.19
N PRO B 218 19.44 42.92 -8.38
CA PRO B 218 20.48 42.53 -9.33
C PRO B 218 21.84 43.13 -8.98
N THR B 219 22.93 42.45 -9.35
CA THR B 219 24.27 42.92 -9.12
C THR B 219 25.08 42.59 -10.38
N PRO B 220 26.13 43.36 -10.68
CA PRO B 220 26.99 43.01 -11.81
C PRO B 220 27.64 41.64 -11.63
N GLY B 221 27.75 40.90 -12.72
CA GLY B 221 28.29 39.56 -12.69
C GLY B 221 27.26 38.47 -12.43
N LEU B 222 26.00 38.83 -12.21
CA LEU B 222 24.94 37.86 -11.98
C LEU B 222 23.95 37.92 -13.13
N THR B 223 23.68 36.77 -13.74
CA THR B 223 22.71 36.66 -14.81
C THR B 223 21.67 35.62 -14.43
N LEU B 224 20.41 35.92 -14.74
CA LEU B 224 19.30 35.03 -14.42
C LEU B 224 19.04 34.10 -15.59
N GLY B 225 18.92 32.81 -15.31
CA GLY B 225 18.57 31.86 -16.34
C GLY B 225 17.12 31.97 -16.75
N LYS B 226 16.79 31.26 -17.83
CA LYS B 226 15.42 31.26 -18.33
C LYS B 226 14.50 30.55 -17.35
N LYS B 227 13.25 31.02 -17.28
CA LYS B 227 12.25 30.37 -16.45
C LYS B 227 12.00 28.95 -16.95
N GLU B 228 11.69 28.06 -16.02
CA GLU B 228 11.47 26.65 -16.34
C GLU B 228 9.99 26.35 -16.23
N ASP B 229 9.42 25.80 -17.29
CA ASP B 229 8.04 25.34 -17.26
C ASP B 229 7.93 24.12 -16.36
N LYS B 230 7.02 24.16 -15.40
CA LYS B 230 6.91 23.11 -14.39
C LYS B 230 5.55 22.46 -14.47
N LEU B 231 5.49 21.22 -13.98
CA LEU B 231 4.24 20.47 -13.99
C LEU B 231 3.19 21.09 -13.07
N GLY B 232 3.61 21.48 -11.87
CA GLY B 232 2.64 21.88 -10.85
C GLY B 232 2.55 23.36 -10.57
N ILE B 233 3.19 23.80 -9.48
CA ILE B 233 3.15 25.20 -9.06
C ILE B 233 3.78 26.06 -10.15
N ARG B 234 2.98 26.94 -10.74
CA ARG B 234 3.46 27.74 -11.84
C ARG B 234 3.35 29.24 -11.61
N GLY B 235 2.79 29.68 -10.49
CA GLY B 235 2.85 31.10 -10.16
C GLY B 235 4.26 31.55 -9.82
N SER B 236 4.99 30.72 -9.08
CA SER B 236 6.35 31.05 -8.71
C SER B 236 7.29 30.91 -9.91
N SER B 237 8.37 31.69 -9.90
CA SER B 237 9.34 31.70 -10.97
C SER B 237 10.57 30.92 -10.53
N THR B 238 10.89 29.87 -11.27
CA THR B 238 12.05 29.03 -10.99
C THR B 238 13.08 29.21 -12.11
N ALA B 239 14.31 29.56 -11.74
CA ALA B 239 15.35 29.82 -12.72
C ALA B 239 16.67 29.34 -12.17
N ASN B 240 17.72 29.49 -12.99
CA ASN B 240 19.08 29.09 -12.63
C ASN B 240 19.93 30.34 -12.51
N LEU B 241 20.42 30.61 -11.31
CA LEU B 241 21.34 31.72 -11.11
C LEU B 241 22.71 31.36 -11.65
N ILE B 242 23.31 32.28 -12.41
CA ILE B 242 24.62 32.09 -13.00
C ILE B 242 25.51 33.22 -12.49
N PHE B 243 26.62 32.86 -11.83
CA PHE B 243 27.57 33.83 -11.29
C PHE B 243 28.82 33.80 -12.15
N GLU B 244 29.19 34.95 -12.69
CA GLU B 244 30.40 35.09 -13.49
C GLU B 244 31.18 36.29 -12.97
N ASP B 245 32.21 36.02 -12.17
CA ASP B 245 33.05 37.03 -11.54
C ASP B 245 32.23 38.01 -10.70
N CYS B 246 31.23 37.51 -10.00
CA CYS B 246 30.40 38.35 -9.15
C CYS B 246 31.13 38.64 -7.85
N ARG B 247 31.33 39.92 -7.54
CA ARG B 247 32.03 40.33 -6.34
C ARG B 247 31.07 41.03 -5.38
N ILE B 248 31.18 40.71 -4.10
CA ILE B 248 30.32 41.25 -3.06
C ILE B 248 31.23 41.80 -1.96
N PRO B 249 30.78 42.77 -1.16
CA PRO B 249 31.63 43.25 -0.07
C PRO B 249 31.85 42.19 0.99
N LYS B 250 32.90 42.37 1.78
CA LYS B 250 33.32 41.34 2.74
C LYS B 250 32.28 41.11 3.82
N ASP B 251 31.41 42.10 4.06
CA ASP B 251 30.40 41.95 5.09
C ASP B 251 29.26 41.03 4.66
N SER B 252 29.20 40.65 3.39
CA SER B 252 28.05 39.90 2.91
C SER B 252 28.11 38.44 3.32
N ILE B 253 29.23 37.98 3.87
CA ILE B 253 29.32 36.59 4.30
C ILE B 253 28.48 36.39 5.55
N LEU B 254 27.73 35.29 5.59
CA LEU B 254 26.84 35.00 6.70
C LEU B 254 27.59 34.20 7.76
N GLY B 255 27.74 34.77 8.94
CA GLY B 255 28.50 34.11 9.99
C GLY B 255 29.97 34.09 9.66
N GLU B 256 30.59 32.93 9.78
CA GLU B 256 32.00 32.71 9.53
C GLU B 256 32.16 31.55 8.57
N PRO B 257 33.27 31.50 7.82
CA PRO B 257 33.47 30.39 6.87
C PRO B 257 33.49 29.05 7.57
N GLY B 258 32.88 28.05 6.93
CA GLY B 258 32.84 26.72 7.48
C GLY B 258 31.50 26.36 8.07
N MET B 259 30.76 27.36 8.54
CA MET B 259 29.47 27.12 9.16
C MET B 259 28.35 26.95 8.16
N GLY B 260 28.65 27.05 6.86
CA GLY B 260 27.63 27.03 5.83
C GLY B 260 26.75 25.80 5.82
N PHE B 261 27.33 24.62 6.05
CA PHE B 261 26.56 23.39 6.01
C PHE B 261 25.56 23.33 7.15
N LYS B 262 25.96 23.75 8.35
CA LYS B 262 25.05 23.76 9.48
C LYS B 262 23.91 24.74 9.26
N ILE B 263 24.22 25.91 8.71
CA ILE B 263 23.20 26.90 8.37
C ILE B 263 22.21 26.32 7.38
N ALA B 264 22.73 25.62 6.37
CA ALA B 264 21.88 25.00 5.37
C ALA B 264 20.98 23.94 5.99
N MET B 265 21.52 23.14 6.92
CA MET B 265 20.73 22.07 7.52
C MET B 265 19.60 22.63 8.39
N GLN B 266 19.90 23.65 9.19
CA GLN B 266 18.85 24.22 10.05
C GLN B 266 17.79 24.93 9.23
N THR B 267 18.21 25.67 8.19
CA THR B 267 17.25 26.30 7.30
C THR B 267 16.41 25.25 6.58
N LEU B 268 17.01 24.11 6.25
CA LEU B 268 16.26 23.03 5.63
C LEU B 268 15.22 22.45 6.58
N ASP B 269 15.55 22.35 7.87
CA ASP B 269 14.57 21.83 8.83
C ASP B 269 13.36 22.76 8.92
N MET B 270 13.62 24.07 9.04
CA MET B 270 12.51 25.02 9.10
C MET B 270 11.70 25.01 7.80
N GLY B 271 12.38 24.92 6.66
CA GLY B 271 11.68 24.81 5.40
C GLY B 271 10.86 23.55 5.28
N ARG B 272 11.34 22.45 5.87
CA ARG B 272 10.60 21.21 5.86
C ARG B 272 9.30 21.35 6.65
N ILE B 273 9.35 22.06 7.76
CA ILE B 273 8.12 22.35 8.50
C ILE B 273 7.15 23.15 7.62
N GLY B 274 7.67 24.18 6.93
CA GLY B 274 6.81 24.97 6.06
C GLY B 274 6.21 24.16 4.92
N ILE B 275 6.99 23.29 4.31
CA ILE B 275 6.50 22.49 3.19
C ILE B 275 5.47 21.47 3.67
N ALA B 276 5.67 20.94 4.88
CA ALA B 276 4.64 20.07 5.46
C ALA B 276 3.33 20.83 5.63
N SER B 277 3.40 22.07 6.08
CA SER B 277 2.18 22.87 6.19
C SER B 277 1.53 23.09 4.82
N GLN B 278 2.34 23.35 3.80
CA GLN B 278 1.81 23.54 2.45
C GLN B 278 1.10 22.29 1.94
N ALA B 279 1.72 21.13 2.13
CA ALA B 279 1.12 19.88 1.71
C ALA B 279 -0.19 19.62 2.44
N LEU B 280 -0.23 19.98 3.74
CA LEU B 280 -1.48 19.89 4.49
C LEU B 280 -2.56 20.74 3.88
N GLY B 281 -2.23 21.97 3.49
CA GLY B 281 -3.22 22.83 2.89
C GLY B 281 -3.76 22.29 1.58
N ILE B 282 -2.87 21.75 0.75
CA ILE B 282 -3.27 21.17 -0.53
C ILE B 282 -4.19 19.98 -0.31
N ALA B 283 -3.81 19.10 0.62
CA ALA B 283 -4.64 17.93 0.90
C ALA B 283 -6.01 18.35 1.45
N GLN B 284 -6.03 19.38 2.30
CA GLN B 284 -7.28 19.84 2.88
C GLN B 284 -8.23 20.37 1.81
N THR B 285 -7.72 21.20 0.88
CA THR B 285 -8.63 21.74 -0.12
C THR B 285 -9.07 20.67 -1.11
N ALA B 286 -8.19 19.71 -1.41
CA ALA B 286 -8.59 18.59 -2.26
C ALA B 286 -9.69 17.77 -1.61
N LEU B 287 -9.56 17.51 -0.31
CA LEU B 287 -10.59 16.77 0.41
C LEU B 287 -11.91 17.53 0.44
N ASP B 288 -11.86 18.85 0.65
CA ASP B 288 -13.08 19.65 0.67
C ASP B 288 -13.80 19.58 -0.66
N CYS B 289 -13.07 19.76 -1.76
CA CYS B 289 -13.69 19.70 -3.08
C CYS B 289 -14.26 18.32 -3.36
N ALA B 290 -13.53 17.27 -2.98
CA ALA B 290 -13.99 15.90 -3.22
C ALA B 290 -15.26 15.62 -2.44
N VAL B 291 -15.32 16.03 -1.17
CA VAL B 291 -16.50 15.77 -0.34
C VAL B 291 -17.71 16.52 -0.88
N ASN B 292 -17.51 17.78 -1.27
CA ASN B 292 -18.62 18.57 -1.80
C ASN B 292 -19.16 17.95 -3.09
N TYR B 293 -18.26 17.55 -3.99
CA TYR B 293 -18.71 16.93 -5.24
C TYR B 293 -19.39 15.59 -4.99
N ALA B 294 -18.86 14.80 -4.05
CA ALA B 294 -19.46 13.51 -3.75
C ALA B 294 -20.86 13.67 -3.20
N GLU B 295 -21.08 14.68 -2.36
CA GLU B 295 -22.43 14.93 -1.87
C GLU B 295 -23.35 15.43 -2.99
N ASN B 296 -22.82 16.26 -3.89
CA ASN B 296 -23.68 16.83 -4.93
C ASN B 296 -24.01 15.81 -6.02
N ARG B 297 -23.04 15.00 -6.41
CA ARG B 297 -23.23 14.10 -7.56
C ARG B 297 -24.20 12.97 -7.23
N MET B 298 -25.03 12.62 -8.22
CA MET B 298 -26.01 11.55 -8.09
C MET B 298 -25.67 10.43 -9.05
N ALA B 299 -25.60 9.20 -8.54
CA ALA B 299 -25.36 8.02 -9.37
C ALA B 299 -26.21 6.87 -8.82
N PHE B 300 -26.83 6.12 -9.74
CA PHE B 300 -27.72 5.00 -9.40
C PHE B 300 -28.87 5.45 -8.50
N GLY B 301 -29.40 6.65 -8.77
CA GLY B 301 -30.51 7.17 -8.01
C GLY B 301 -30.20 7.53 -6.58
N ALA B 302 -28.93 7.69 -6.22
CA ALA B 302 -28.53 8.00 -4.86
C ALA B 302 -27.32 8.93 -4.90
N PRO B 303 -27.10 9.71 -3.86
CA PRO B 303 -25.84 10.46 -3.76
C PRO B 303 -24.66 9.52 -3.62
N LEU B 304 -23.49 9.97 -4.06
CA LEU B 304 -22.30 9.12 -4.04
C LEU B 304 -21.88 8.76 -2.63
N THR B 305 -22.26 9.58 -1.64
CA THR B 305 -21.88 9.29 -0.27
C THR B 305 -22.62 8.08 0.29
N LYS B 306 -23.70 7.66 -0.36
CA LYS B 306 -24.41 6.47 0.09
C LYS B 306 -23.62 5.21 -0.22
N LEU B 307 -22.77 5.25 -1.24
CA LEU B 307 -21.93 4.11 -1.57
C LEU B 307 -20.89 3.92 -0.49
N GLN B 308 -20.67 2.66 -0.09
CA GLN B 308 -19.74 2.39 1.00
C GLN B 308 -18.29 2.62 0.58
N VAL B 309 -17.98 2.40 -0.70
CA VAL B 309 -16.62 2.58 -1.18
C VAL B 309 -16.21 4.05 -1.07
N ILE B 310 -17.12 4.95 -1.44
CA ILE B 310 -16.85 6.39 -1.33
C ILE B 310 -16.64 6.77 0.13
N GLN B 311 -17.46 6.23 1.03
CA GLN B 311 -17.33 6.51 2.45
C GLN B 311 -15.98 6.04 2.98
N PHE B 312 -15.55 4.85 2.57
CA PHE B 312 -14.27 4.34 3.03
C PHE B 312 -13.12 5.18 2.49
N LYS B 313 -13.22 5.62 1.23
CA LYS B 313 -12.20 6.50 0.68
C LYS B 313 -12.11 7.80 1.46
N LEU B 314 -13.27 8.39 1.77
CA LEU B 314 -13.29 9.66 2.52
C LEU B 314 -12.73 9.47 3.92
N ALA B 315 -13.05 8.34 4.56
CA ALA B 315 -12.53 8.07 5.89
C ALA B 315 -11.02 7.93 5.88
N ASP B 316 -10.47 7.21 4.91
CA ASP B 316 -9.03 7.06 4.82
C ASP B 316 -8.35 8.40 4.56
N MET B 317 -8.93 9.22 3.66
CA MET B 317 -8.36 10.52 3.38
C MET B 317 -8.36 11.43 4.61
N ALA B 318 -9.47 11.45 5.32
CA ALA B 318 -9.57 12.28 6.51
C ALA B 318 -8.51 11.90 7.53
N LEU B 319 -8.42 10.62 7.84
CA LEU B 319 -7.47 10.16 8.84
C LEU B 319 -6.05 10.58 8.46
N ALA B 320 -5.70 10.38 7.19
CA ALA B 320 -4.35 10.72 6.76
C ALA B 320 -4.04 12.18 7.00
N LEU B 321 -4.95 13.06 6.57
CA LEU B 321 -4.72 14.49 6.73
C LEU B 321 -4.57 14.86 8.19
N GLU B 322 -5.47 14.36 9.03
CA GLU B 322 -5.44 14.72 10.44
C GLU B 322 -4.16 14.24 11.11
N SER B 323 -3.76 13.01 10.82
CA SER B 323 -2.55 12.46 11.41
C SER B 323 -1.36 13.32 11.02
N ALA B 324 -1.28 13.66 9.74
CA ALA B 324 -0.17 14.47 9.26
C ALA B 324 -0.17 15.84 9.94
N ARG B 325 -1.36 16.41 10.11
CA ARG B 325 -1.47 17.72 10.73
C ARG B 325 -0.91 17.67 12.15
N LEU B 326 -1.22 16.62 12.88
CA LEU B 326 -0.72 16.48 14.23
C LEU B 326 0.79 16.41 14.23
N LEU B 327 1.35 15.62 13.31
CA LEU B 327 2.79 15.50 13.22
C LEU B 327 3.39 16.87 12.95
N THR B 328 2.76 17.62 12.05
CA THR B 328 3.25 18.96 11.73
C THR B 328 3.16 19.85 12.96
N TRP B 329 2.02 19.86 13.62
CA TRP B 329 1.85 20.72 14.79
C TRP B 329 2.80 20.33 15.91
N ARG B 330 3.05 19.03 16.08
CA ARG B 330 4.04 18.60 17.08
C ARG B 330 5.43 19.12 16.73
N ALA B 331 5.81 19.05 15.45
CA ALA B 331 7.12 19.56 15.05
C ALA B 331 7.23 21.05 15.29
N ALA B 332 6.17 21.80 14.95
CA ALA B 332 6.18 23.25 15.15
C ALA B 332 6.29 23.61 16.62
N MET B 333 5.53 22.92 17.48
CA MET B 333 5.58 23.22 18.91
C MET B 333 6.92 22.85 19.51
N LEU B 334 7.53 21.76 19.02
CA LEU B 334 8.87 21.40 19.50
C LEU B 334 9.89 22.46 19.10
N LYS B 335 9.76 23.02 17.89
CA LYS B 335 10.65 24.11 17.51
C LYS B 335 10.41 25.34 18.39
N ASP B 336 9.15 25.63 18.70
CA ASP B 336 8.84 26.81 19.51
C ASP B 336 9.38 26.69 20.93
N ASN B 337 9.48 25.48 21.45
CA ASN B 337 9.98 25.28 22.81
C ASN B 337 11.50 25.17 22.87
N LYS B 338 12.20 25.53 21.79
CA LYS B 338 13.66 25.53 21.72
C LYS B 338 14.24 24.16 22.03
N LYS B 339 13.67 23.12 21.42
CA LYS B 339 14.13 21.75 21.57
C LYS B 339 14.44 21.15 20.21
N PRO B 340 15.30 20.14 20.14
CA PRO B 340 15.62 19.53 18.84
C PRO B 340 14.39 18.96 18.16
N PHE B 341 14.32 19.18 16.84
CA PHE B 341 13.12 18.85 16.09
C PHE B 341 13.42 18.28 14.70
N ILE B 342 14.64 17.81 14.46
CA ILE B 342 15.04 17.41 13.11
C ILE B 342 14.27 16.18 12.67
N LYS B 343 14.23 15.15 13.52
CA LYS B 343 13.48 13.95 13.20
C LYS B 343 12.00 14.24 13.08
N GLU B 344 11.47 15.07 13.96
CA GLU B 344 10.06 15.43 13.92
C GLU B 344 9.72 16.18 12.64
N ALA B 345 10.59 17.11 12.23
CA ALA B 345 10.35 17.86 11.00
C ALA B 345 10.41 16.95 9.78
N ALA B 346 11.39 16.02 9.76
CA ALA B 346 11.49 15.09 8.64
C ALA B 346 10.26 14.20 8.55
N MET B 347 9.80 13.70 9.70
CA MET B 347 8.59 12.87 9.72
C MET B 347 7.39 13.67 9.23
N ALA B 348 7.26 14.92 9.69
CA ALA B 348 6.14 15.75 9.28
C ALA B 348 6.15 16.00 7.78
N LYS B 349 7.32 16.32 7.24
CA LYS B 349 7.42 16.58 5.80
C LYS B 349 7.09 15.34 4.99
N LEU B 350 7.64 14.19 5.37
CA LEU B 350 7.40 12.96 4.62
C LEU B 350 5.93 12.57 4.66
N ALA B 351 5.34 12.54 5.86
CA ALA B 351 3.95 12.14 6.01
C ALA B 351 3.02 13.11 5.30
N ALA B 352 3.29 14.42 5.41
CA ALA B 352 2.43 15.41 4.78
C ALA B 352 2.48 15.29 3.26
N SER B 353 3.68 15.10 2.70
CA SER B 353 3.80 14.99 1.25
C SER B 353 3.09 13.75 0.73
N GLU B 354 3.32 12.60 1.37
CA GLU B 354 2.69 11.37 0.90
C GLU B 354 1.17 11.43 1.06
N ALA B 355 0.69 11.97 2.18
CA ALA B 355 -0.73 12.10 2.40
C ALA B 355 -1.37 13.03 1.38
N ALA B 356 -0.69 14.13 1.06
CA ALA B 356 -1.22 15.07 0.08
C ALA B 356 -1.33 14.43 -1.30
N THR B 357 -0.29 13.67 -1.70
CA THR B 357 -0.35 12.99 -2.99
C THR B 357 -1.49 11.98 -3.04
N ALA B 358 -1.62 11.17 -1.99
CA ALA B 358 -2.66 10.14 -1.97
C ALA B 358 -4.05 10.78 -1.97
N ILE B 359 -4.24 11.85 -1.20
CA ILE B 359 -5.55 12.49 -1.11
C ILE B 359 -5.91 13.16 -2.43
N SER B 360 -4.94 13.80 -3.09
CA SER B 360 -5.22 14.42 -4.37
C SER B 360 -5.58 13.38 -5.43
N HIS B 361 -4.86 12.26 -5.44
CA HIS B 361 -5.18 11.19 -6.39
C HIS B 361 -6.57 10.63 -6.14
N GLN B 362 -6.92 10.41 -4.86
CA GLN B 362 -8.24 9.89 -4.55
C GLN B 362 -9.33 10.90 -4.85
N ALA B 363 -9.04 12.19 -4.71
CA ALA B 363 -10.01 13.21 -5.07
C ALA B 363 -10.29 13.21 -6.56
N ILE B 364 -9.23 13.05 -7.37
CA ILE B 364 -9.43 12.93 -8.81
C ILE B 364 -10.26 11.69 -9.13
N GLN B 365 -9.96 10.58 -8.46
CA GLN B 365 -10.71 9.34 -8.71
C GLN B 365 -12.18 9.50 -8.33
N ILE B 366 -12.45 10.18 -7.22
CA ILE B 366 -13.83 10.39 -6.78
C ILE B 366 -14.57 11.28 -7.76
N LEU B 367 -13.93 12.36 -8.21
CA LEU B 367 -14.56 13.22 -9.19
C LEU B 367 -14.78 12.52 -10.53
N GLY B 368 -13.94 11.56 -10.87
CA GLY B 368 -14.16 10.79 -12.09
C GLY B 368 -13.79 11.58 -13.32
N GLY B 369 -14.72 11.63 -14.28
CA GLY B 369 -14.43 12.31 -15.53
C GLY B 369 -14.25 13.80 -15.36
N MET B 370 -15.09 14.43 -14.53
CA MET B 370 -15.00 15.87 -14.33
C MET B 370 -13.71 16.28 -13.64
N GLY B 371 -13.07 15.34 -12.93
CA GLY B 371 -11.81 15.67 -12.30
C GLY B 371 -10.67 15.81 -13.29
N TYR B 372 -10.81 15.22 -14.47
CA TYR B 372 -9.72 15.20 -15.42
C TYR B 372 -9.59 16.53 -16.17
N VAL B 373 -10.71 17.18 -16.45
CA VAL B 373 -10.65 18.42 -17.22
C VAL B 373 -10.11 19.54 -16.36
N THR B 374 -9.56 20.57 -17.01
CA THR B 374 -8.99 21.70 -16.29
C THR B 374 -10.06 22.64 -15.75
N GLU B 375 -11.32 22.45 -16.14
CA GLU B 375 -12.41 23.27 -15.62
C GLU B 375 -12.55 23.09 -14.11
N MET B 376 -12.48 21.85 -13.64
CA MET B 376 -12.51 21.57 -12.22
C MET B 376 -11.10 21.68 -11.62
N PRO B 377 -10.99 22.05 -10.35
CA PRO B 377 -9.66 22.31 -9.78
C PRO B 377 -8.96 21.07 -9.22
N ALA B 378 -9.45 19.87 -9.48
CA ALA B 378 -8.83 18.67 -8.89
C ALA B 378 -7.45 18.41 -9.48
N GLU B 379 -7.30 18.57 -10.80
CA GLU B 379 -6.03 18.29 -11.44
C GLU B 379 -4.96 19.28 -11.02
N ARG B 380 -5.36 20.53 -10.76
CA ARG B 380 -4.41 21.52 -10.24
C ARG B 380 -3.89 21.09 -8.88
N HIS B 381 -4.78 20.58 -8.02
CA HIS B 381 -4.36 20.06 -6.73
C HIS B 381 -3.41 18.89 -6.89
N TYR B 382 -3.68 18.03 -7.87
CA TYR B 382 -2.80 16.89 -8.11
C TYR B 382 -1.40 17.34 -8.51
N ARG B 383 -1.31 18.23 -9.50
CA ARG B 383 -0.01 18.69 -9.98
C ARG B 383 0.73 19.48 -8.93
N ASP B 384 0.02 20.26 -8.11
CA ASP B 384 0.67 21.02 -7.06
C ASP B 384 1.12 20.11 -5.92
N ALA B 385 0.37 19.05 -5.64
CA ALA B 385 0.74 18.16 -4.54
C ALA B 385 1.88 17.23 -4.93
N ARG B 386 2.11 17.04 -6.24
CA ARG B 386 3.19 16.16 -6.66
C ARG B 386 4.56 16.71 -6.26
N ILE B 387 4.69 18.04 -6.14
CA ILE B 387 6.01 18.63 -5.94
C ILE B 387 6.52 18.44 -4.52
N THR B 388 5.61 18.25 -3.56
CA THR B 388 6.02 18.29 -2.15
C THR B 388 6.87 17.10 -1.76
N GLU B 389 6.96 16.10 -2.63
CA GLU B 389 7.83 14.95 -2.39
C GLU B 389 9.21 15.10 -3.03
N ILE B 390 9.48 16.21 -3.71
CA ILE B 390 10.71 16.38 -4.48
C ILE B 390 11.64 17.41 -3.83
N TYR B 391 11.19 18.66 -3.74
CA TYR B 391 12.07 19.69 -3.20
C TYR B 391 12.02 19.69 -1.68
N GLU B 392 12.95 20.45 -1.09
CA GLU B 392 13.24 20.42 0.34
C GLU B 392 13.58 19.00 0.79
N GLY B 393 14.33 18.30 -0.05
CA GLY B 393 14.72 16.94 0.25
C GLY B 393 13.68 15.94 -0.19
N THR B 394 14.07 15.00 -1.04
CA THR B 394 13.15 13.97 -1.49
C THR B 394 12.83 13.03 -0.34
N SER B 395 11.82 12.18 -0.57
CA SER B 395 11.34 11.28 0.49
C SER B 395 12.43 10.31 0.95
N GLU B 396 13.31 9.91 0.04
CA GLU B 396 14.39 9.01 0.42
C GLU B 396 15.34 9.68 1.40
N ILE B 397 15.65 10.95 1.18
CA ILE B 397 16.52 11.68 2.09
C ILE B 397 15.85 11.85 3.44
N GLN B 398 14.54 12.11 3.45
CA GLN B 398 13.81 12.23 4.70
C GLN B 398 13.86 10.92 5.48
N ARG B 399 13.68 9.79 4.79
CA ARG B 399 13.74 8.51 5.47
C ARG B 399 15.14 8.20 5.97
N LEU B 400 16.17 8.65 5.25
CA LEU B 400 17.54 8.49 5.74
C LEU B 400 17.75 9.29 7.02
N VAL B 401 17.23 10.50 7.08
CA VAL B 401 17.37 11.33 8.28
C VAL B 401 16.63 10.70 9.46
N ILE B 402 15.41 10.21 9.21
CA ILE B 402 14.63 9.59 10.27
C ILE B 402 15.32 8.33 10.78
N ALA B 403 15.85 7.52 9.86
CA ALA B 403 16.52 6.29 10.26
C ALA B 403 17.79 6.58 11.06
N GLY B 404 18.56 7.58 10.63
CA GLY B 404 19.76 7.94 11.36
C GLY B 404 19.46 8.41 12.77
N HIS B 405 18.44 9.26 12.92
CA HIS B 405 18.09 9.76 14.24
C HIS B 405 17.49 8.66 15.11
N LEU B 406 16.74 7.74 14.51
CA LEU B 406 16.18 6.62 15.27
C LEU B 406 17.28 5.72 15.81
N LEU B 407 18.24 5.35 14.96
CA LEU B 407 19.33 4.48 15.40
C LEU B 407 20.23 5.19 16.39
N ARG B 408 20.41 6.51 16.24
CA ARG B 408 21.17 7.27 17.22
C ARG B 408 20.43 7.32 18.56
N SER B 409 19.10 7.39 18.52
CA SER B 409 18.32 7.39 19.75
C SER B 409 18.46 6.07 20.49
N TYR B 410 18.44 4.95 19.76
CA TYR B 410 18.59 3.65 20.42
C TYR B 410 20.01 3.43 20.89
N ARG B 411 21.00 3.92 20.15
CA ARG B 411 22.39 3.80 20.58
C ARG B 411 22.71 4.80 21.68
N SER C 31 -0.82 -22.75 -24.29
CA SER C 31 -1.26 -21.37 -24.07
C SER C 31 -1.89 -21.23 -22.69
N VAL C 32 -3.04 -20.57 -22.63
CA VAL C 32 -3.75 -20.41 -21.36
C VAL C 32 -4.28 -21.75 -20.88
N GLU C 33 -4.81 -22.56 -21.79
CA GLU C 33 -5.37 -23.85 -21.44
C GLU C 33 -4.27 -24.83 -21.06
N LEU C 34 -4.68 -25.94 -20.44
CA LEU C 34 -3.76 -26.96 -20.00
C LEU C 34 -3.89 -28.20 -20.88
N PRO C 35 -2.80 -28.95 -21.08
CA PRO C 35 -2.91 -30.20 -21.82
C PRO C 35 -3.69 -31.25 -21.05
N GLU C 36 -4.01 -32.34 -21.73
CA GLU C 36 -4.82 -33.40 -21.12
C GLU C 36 -4.10 -34.05 -19.96
N THR C 37 -2.79 -34.27 -20.10
CA THR C 37 -2.02 -34.86 -19.00
C THR C 37 -2.00 -33.94 -17.78
N HIS C 38 -1.81 -32.64 -18.00
CA HIS C 38 -1.81 -31.68 -16.91
C HIS C 38 -3.17 -31.59 -16.25
N GLN C 39 -4.25 -31.62 -17.05
CA GLN C 39 -5.59 -31.58 -16.49
C GLN C 39 -5.88 -32.82 -15.66
N MET C 40 -5.48 -33.99 -16.16
CA MET C 40 -5.70 -35.22 -15.41
C MET C 40 -4.89 -35.23 -14.11
N LEU C 41 -3.65 -34.73 -14.16
CA LEU C 41 -2.85 -34.65 -12.96
C LEU C 41 -3.44 -33.67 -11.95
N LEU C 42 -3.97 -32.54 -12.43
CA LEU C 42 -4.62 -31.57 -11.56
C LEU C 42 -5.83 -32.20 -10.86
N GLN C 43 -6.63 -32.92 -11.63
CA GLN C 43 -7.82 -33.56 -11.06
C GLN C 43 -7.43 -34.62 -10.04
N THR C 44 -6.43 -35.43 -10.36
CA THR C 44 -6.00 -36.49 -9.44
C THR C 44 -5.42 -35.90 -8.15
N CYS C 45 -4.62 -34.83 -8.28
CA CYS C 45 -4.07 -34.19 -7.10
C CYS C 45 -5.15 -33.55 -6.24
N ARG C 46 -6.14 -32.92 -6.88
CA ARG C 46 -7.23 -32.33 -6.11
C ARG C 46 -8.05 -33.39 -5.39
N ASP C 47 -8.32 -34.51 -6.07
CA ASP C 47 -9.06 -35.60 -5.44
C ASP C 47 -8.30 -36.18 -4.25
N PHE C 48 -6.99 -36.40 -4.43
CA PHE C 48 -6.17 -36.92 -3.34
C PHE C 48 -6.13 -35.95 -2.17
N ALA C 49 -6.00 -34.65 -2.48
CA ALA C 49 -5.94 -33.64 -1.43
C ALA C 49 -7.23 -33.62 -0.62
N GLU C 50 -8.38 -33.54 -1.30
CA GLU C 50 -9.65 -33.50 -0.59
C GLU C 50 -9.94 -34.81 0.12
N LYS C 51 -9.39 -35.92 -0.37
CA LYS C 51 -9.63 -37.20 0.30
C LYS C 51 -8.79 -37.34 1.55
N GLU C 52 -7.54 -36.89 1.53
CA GLU C 52 -6.59 -37.21 2.60
C GLU C 52 -6.15 -36.02 3.42
N LEU C 53 -5.69 -34.95 2.77
CA LEU C 53 -4.96 -33.91 3.49
C LEU C 53 -5.89 -33.04 4.33
N PHE C 54 -7.06 -32.73 3.81
CA PHE C 54 -7.99 -31.84 4.52
C PHE C 54 -8.45 -32.38 5.86
N PRO C 55 -8.84 -33.66 6.03
CA PRO C 55 -9.20 -34.13 7.38
C PRO C 55 -8.07 -34.06 8.39
N ILE C 56 -6.82 -34.22 7.96
CA ILE C 56 -5.71 -34.34 8.91
C ILE C 56 -4.86 -33.08 9.04
N ALA C 57 -5.19 -32.01 8.32
CA ALA C 57 -4.34 -30.81 8.32
C ALA C 57 -4.31 -30.16 9.70
N ALA C 58 -5.48 -30.07 10.35
CA ALA C 58 -5.53 -29.45 11.67
C ALA C 58 -4.77 -30.29 12.70
N GLN C 59 -4.90 -31.61 12.63
CA GLN C 59 -4.18 -32.48 13.55
C GLN C 59 -2.67 -32.37 13.33
N VAL C 60 -2.25 -32.30 12.07
CA VAL C 60 -0.82 -32.17 11.75
C VAL C 60 -0.28 -30.85 12.29
N ASP C 61 -1.04 -29.76 12.08
CA ASP C 61 -0.60 -28.46 12.59
C ASP C 61 -0.53 -28.44 14.11
N LYS C 62 -1.54 -29.00 14.77
CA LYS C 62 -1.64 -28.89 16.22
C LYS C 62 -0.60 -29.76 16.92
N GLU C 63 -0.45 -31.01 16.47
CA GLU C 63 0.37 -31.96 17.19
C GLU C 63 1.80 -32.06 16.68
N HIS C 64 2.18 -31.26 15.69
CA HIS C 64 3.50 -31.31 15.06
C HIS C 64 3.80 -32.72 14.53
N LEU C 65 2.79 -33.36 13.95
CA LEU C 65 2.88 -34.75 13.55
C LEU C 65 3.35 -34.83 12.10
N PHE C 66 4.41 -35.59 11.87
CA PHE C 66 4.87 -35.85 10.51
C PHE C 66 3.92 -36.82 9.83
N PRO C 67 3.29 -36.45 8.72
CA PRO C 67 2.34 -37.35 8.05
C PRO C 67 3.03 -38.42 7.21
N ALA C 68 3.47 -39.49 7.87
CA ALA C 68 4.22 -40.54 7.20
C ALA C 68 3.38 -41.28 6.16
N ALA C 69 2.12 -41.59 6.52
CA ALA C 69 1.25 -42.33 5.61
C ALA C 69 0.94 -41.52 4.36
N GLN C 70 0.69 -40.23 4.53
CA GLN C 70 0.40 -39.37 3.38
C GLN C 70 1.59 -39.26 2.46
N VAL C 71 2.80 -39.14 3.02
CA VAL C 71 4.00 -39.09 2.21
C VAL C 71 4.20 -40.40 1.46
N LYS C 72 3.92 -41.52 2.12
CA LYS C 72 4.03 -42.82 1.46
C LYS C 72 3.03 -42.94 0.31
N LYS C 73 1.81 -42.45 0.51
CA LYS C 73 0.81 -42.51 -0.55
C LYS C 73 1.18 -41.59 -1.70
N MET C 74 1.76 -40.43 -1.40
CA MET C 74 2.23 -39.53 -2.46
C MET C 74 3.36 -40.16 -3.25
N GLY C 75 4.26 -40.87 -2.57
CA GLY C 75 5.28 -41.63 -3.29
C GLY C 75 4.67 -42.73 -4.15
N GLY C 76 3.58 -43.33 -3.67
CA GLY C 76 2.83 -44.27 -4.48
C GLY C 76 2.22 -43.66 -5.72
N LEU C 77 1.77 -42.41 -5.64
CA LEU C 77 1.21 -41.71 -6.79
C LEU C 77 2.27 -41.07 -7.67
N GLY C 78 3.54 -41.14 -7.28
CA GLY C 78 4.59 -40.54 -8.06
C GLY C 78 4.74 -39.04 -7.93
N LEU C 79 4.06 -38.43 -6.95
CA LEU C 79 4.12 -36.98 -6.80
C LEU C 79 5.44 -36.50 -6.21
N LEU C 80 6.28 -37.40 -5.70
CA LEU C 80 7.56 -37.00 -5.14
C LEU C 80 8.69 -37.07 -6.15
N ALA C 81 8.45 -37.54 -7.37
CA ALA C 81 9.49 -37.73 -8.36
C ALA C 81 9.02 -37.25 -9.73
N MET C 82 8.38 -36.08 -9.77
CA MET C 82 7.75 -35.61 -11.00
C MET C 82 8.80 -35.23 -12.05
N ASP C 83 9.86 -34.53 -11.64
CA ASP C 83 10.88 -34.13 -12.60
C ASP C 83 11.79 -35.29 -12.99
N VAL C 84 11.83 -36.34 -12.18
CA VAL C 84 12.70 -37.48 -12.40
C VAL C 84 12.24 -38.26 -13.62
N PRO C 85 13.15 -38.66 -14.52
CA PRO C 85 12.75 -39.49 -15.66
C PRO C 85 12.22 -40.85 -15.21
N GLU C 86 11.38 -41.45 -16.06
CA GLU C 86 10.76 -42.72 -15.71
C GLU C 86 11.78 -43.86 -15.67
N GLU C 87 12.92 -43.66 -16.33
CA GLU C 87 13.96 -44.69 -16.33
C GLU C 87 14.51 -44.89 -14.91
N LEU C 88 14.69 -43.80 -14.18
CA LEU C 88 15.22 -43.85 -12.82
C LEU C 88 14.11 -44.06 -11.78
N GLY C 89 12.88 -44.30 -12.21
CA GLY C 89 11.78 -44.54 -11.31
C GLY C 89 10.87 -43.37 -11.07
N GLY C 90 11.06 -42.25 -11.79
CA GLY C 90 10.24 -41.08 -11.62
C GLY C 90 9.01 -41.10 -12.52
N ALA C 91 8.33 -39.96 -12.57
CA ALA C 91 7.14 -39.79 -13.38
C ALA C 91 7.43 -39.21 -14.75
N GLY C 92 8.58 -38.56 -14.93
CA GLY C 92 8.95 -38.01 -16.22
C GLY C 92 8.04 -36.91 -16.71
N LEU C 93 7.68 -35.98 -15.83
CA LEU C 93 6.75 -34.91 -16.15
C LEU C 93 7.49 -33.58 -16.19
N ASP C 94 6.93 -32.63 -16.92
CA ASP C 94 7.50 -31.29 -17.02
C ASP C 94 7.30 -30.54 -15.71
N TYR C 95 8.03 -29.43 -15.58
CA TYR C 95 8.00 -28.69 -14.33
C TYR C 95 6.69 -27.94 -14.13
N LEU C 96 5.95 -27.69 -15.21
CA LEU C 96 4.63 -27.08 -15.07
C LEU C 96 3.69 -28.00 -14.32
N ALA C 97 3.75 -29.30 -14.63
CA ALA C 97 2.96 -30.28 -13.90
C ALA C 97 3.37 -30.32 -12.44
N TYR C 98 4.66 -30.16 -12.16
CA TYR C 98 5.15 -30.10 -10.79
C TYR C 98 4.59 -28.90 -10.06
N ALA C 99 4.54 -27.75 -10.74
CA ALA C 99 3.99 -26.55 -10.12
C ALA C 99 2.50 -26.72 -9.81
N ILE C 100 1.76 -27.34 -10.74
CA ILE C 100 0.34 -27.56 -10.52
C ILE C 100 0.11 -28.50 -9.35
N ALA C 101 0.87 -29.59 -9.30
CA ALA C 101 0.72 -30.56 -8.21
C ALA C 101 1.12 -29.94 -6.87
N MET C 102 2.17 -29.12 -6.87
CA MET C 102 2.58 -28.44 -5.64
C MET C 102 1.50 -27.49 -5.15
N GLU C 103 0.88 -26.75 -6.07
CA GLU C 103 -0.19 -25.84 -5.69
C GLU C 103 -1.36 -26.61 -5.09
N GLU C 104 -1.75 -27.73 -5.70
CA GLU C 104 -2.87 -28.49 -5.18
C GLU C 104 -2.56 -29.10 -3.82
N ILE C 105 -1.35 -29.64 -3.65
CA ILE C 105 -0.99 -30.26 -2.38
C ILE C 105 -0.90 -29.21 -1.28
N SER C 106 -0.31 -28.05 -1.58
CA SER C 106 -0.23 -26.99 -0.57
C SER C 106 -1.61 -26.43 -0.27
N ARG C 107 -2.52 -26.48 -1.22
CA ARG C 107 -3.91 -26.17 -0.93
C ARG C 107 -4.49 -27.18 0.06
N GLY C 108 -4.13 -28.45 -0.09
CA GLY C 108 -4.54 -29.44 0.89
C GLY C 108 -3.91 -29.25 2.24
N CYS C 109 -2.58 -29.11 2.29
CA CYS C 109 -1.85 -29.00 3.56
C CYS C 109 -0.50 -28.36 3.27
N ALA C 110 -0.14 -27.34 4.04
CA ALA C 110 1.06 -26.56 3.72
C ALA C 110 2.34 -27.32 4.06
N SER C 111 2.35 -28.02 5.19
CA SER C 111 3.56 -28.74 5.60
C SER C 111 3.86 -29.89 4.65
N THR C 112 2.82 -30.62 4.23
CA THR C 112 3.00 -31.65 3.22
C THR C 112 3.51 -31.04 1.92
N GLY C 113 3.03 -29.85 1.59
CA GLY C 113 3.49 -29.12 0.44
C GLY C 113 4.97 -28.80 0.50
N VAL C 114 5.46 -28.31 1.64
CA VAL C 114 6.87 -27.94 1.71
C VAL C 114 7.75 -29.18 1.74
N ILE C 115 7.26 -30.28 2.33
CA ILE C 115 8.01 -31.53 2.30
C ILE C 115 8.15 -32.03 0.86
N MET C 116 7.03 -32.01 0.12
CA MET C 116 7.04 -32.41 -1.28
C MET C 116 7.96 -31.51 -2.10
N SER C 117 7.90 -30.20 -1.86
CA SER C 117 8.73 -29.26 -2.59
C SER C 117 10.21 -29.51 -2.33
N VAL C 118 10.58 -29.73 -1.07
CA VAL C 118 11.98 -29.99 -0.75
C VAL C 118 12.45 -31.26 -1.43
N ASN C 119 11.68 -32.35 -1.30
CA ASN C 119 12.09 -33.63 -1.87
C ASN C 119 12.18 -33.55 -3.39
N ASN C 120 11.23 -32.87 -4.04
CA ASN C 120 11.23 -32.82 -5.50
C ASN C 120 12.36 -31.92 -6.01
N SER C 121 12.37 -30.66 -5.59
CA SER C 121 13.37 -29.76 -6.13
C SER C 121 14.72 -29.91 -5.43
N LEU C 122 14.77 -29.57 -4.14
CA LEU C 122 16.04 -29.23 -3.51
C LEU C 122 16.95 -30.44 -3.34
N TYR C 123 16.39 -31.64 -3.34
CA TYR C 123 17.23 -32.83 -3.24
C TYR C 123 17.43 -33.48 -4.61
N LEU C 124 16.33 -33.73 -5.32
CA LEU C 124 16.42 -34.52 -6.53
C LEU C 124 17.02 -33.74 -7.69
N GLY C 125 16.67 -32.46 -7.83
CA GLY C 125 17.11 -31.65 -8.94
C GLY C 125 18.62 -31.52 -9.12
N PRO C 126 19.35 -31.13 -8.06
CA PRO C 126 20.81 -31.06 -8.20
C PRO C 126 21.48 -32.38 -8.54
N ILE C 127 20.96 -33.50 -8.02
CA ILE C 127 21.58 -34.80 -8.31
C ILE C 127 21.38 -35.17 -9.77
N LEU C 128 20.17 -34.97 -10.29
CA LEU C 128 19.91 -35.25 -11.70
C LEU C 128 20.68 -34.29 -12.60
N LYS C 129 20.81 -33.04 -12.18
CA LYS C 129 21.41 -32.03 -13.05
C LYS C 129 22.94 -32.16 -13.09
N PHE C 130 23.56 -32.55 -11.98
CA PHE C 130 25.01 -32.51 -11.88
C PHE C 130 25.67 -33.85 -11.54
N GLY C 131 24.98 -34.74 -10.84
CA GLY C 131 25.60 -35.97 -10.41
C GLY C 131 25.84 -36.93 -11.56
N SER C 132 26.82 -37.81 -11.38
CA SER C 132 27.09 -38.83 -12.37
C SER C 132 26.04 -39.93 -12.31
N LYS C 133 26.10 -40.84 -13.29
CA LYS C 133 25.06 -41.86 -13.42
C LYS C 133 25.04 -42.80 -12.24
N GLU C 134 26.21 -43.16 -11.73
CA GLU C 134 26.28 -44.02 -10.55
C GLU C 134 25.65 -43.34 -9.34
N GLN C 135 25.92 -42.04 -9.17
CA GLN C 135 25.30 -41.30 -8.09
C GLN C 135 23.80 -41.19 -8.27
N LYS C 136 23.34 -41.06 -9.52
CA LYS C 136 21.91 -41.06 -9.79
C LYS C 136 21.29 -42.39 -9.39
N GLN C 137 21.93 -43.50 -9.75
CA GLN C 137 21.40 -44.82 -9.40
C GLN C 137 21.38 -45.04 -7.90
N ALA C 138 22.41 -44.57 -7.21
CA ALA C 138 22.52 -44.83 -5.77
C ALA C 138 21.81 -43.80 -4.91
N TRP C 139 21.32 -42.71 -5.47
CA TRP C 139 20.74 -41.64 -4.65
C TRP C 139 19.42 -41.07 -5.17
N VAL C 140 18.90 -41.55 -6.30
CA VAL C 140 17.63 -41.08 -6.83
C VAL C 140 16.60 -42.21 -6.86
N THR C 141 16.97 -43.37 -7.39
CA THR C 141 16.04 -44.49 -7.52
C THR C 141 15.40 -44.93 -6.21
N PRO C 142 16.12 -45.06 -5.08
CA PRO C 142 15.40 -45.37 -3.83
C PRO C 142 14.49 -44.25 -3.37
N PHE C 143 14.76 -43.01 -3.76
CA PHE C 143 14.03 -41.86 -3.24
C PHE C 143 12.83 -41.46 -4.09
N THR C 144 12.63 -42.12 -5.24
CA THR C 144 11.43 -41.84 -6.04
C THR C 144 10.21 -42.50 -5.43
N SER C 145 10.38 -43.64 -4.78
CA SER C 145 9.24 -44.42 -4.31
C SER C 145 8.51 -43.74 -3.16
N GLY C 146 9.16 -42.80 -2.48
CA GLY C 146 8.59 -42.14 -1.33
C GLY C 146 8.96 -42.76 0.00
N ASP C 147 9.68 -43.89 -0.01
CA ASP C 147 10.11 -44.50 1.24
C ASP C 147 11.11 -43.61 1.97
N LYS C 148 12.01 -42.97 1.23
CA LYS C 148 13.02 -42.10 1.80
C LYS C 148 12.94 -40.73 1.14
N ILE C 149 13.32 -39.71 1.89
CA ILE C 149 13.32 -38.33 1.40
C ILE C 149 14.67 -37.70 1.69
N GLY C 150 14.91 -36.56 1.06
CA GLY C 150 16.16 -35.84 1.19
C GLY C 150 15.99 -34.50 1.86
N CYS C 151 17.12 -33.78 1.97
CA CYS C 151 17.14 -32.47 2.58
C CYS C 151 18.22 -31.62 1.94
N PHE C 152 18.07 -30.30 2.05
CA PHE C 152 18.98 -29.35 1.43
C PHE C 152 19.68 -28.57 2.54
N ALA C 153 21.00 -28.76 2.66
CA ALA C 153 21.78 -28.18 3.74
C ALA C 153 22.69 -27.10 3.20
N LEU C 154 22.23 -25.85 3.24
CA LEU C 154 23.07 -24.74 2.84
C LEU C 154 23.27 -23.73 3.96
N SER C 155 22.18 -23.35 4.62
CA SER C 155 22.23 -22.25 5.58
C SER C 155 23.00 -22.63 6.83
N GLU C 156 23.58 -21.64 7.48
CA GLU C 156 24.35 -21.76 8.71
C GLU C 156 23.85 -20.73 9.71
N PRO C 157 24.08 -20.95 11.02
CA PRO C 157 23.67 -19.94 12.01
C PRO C 157 24.36 -18.60 11.81
N GLY C 158 25.59 -18.61 11.32
CA GLY C 158 26.31 -17.37 11.11
C GLY C 158 25.73 -16.54 9.99
N ASN C 159 25.46 -17.15 8.84
CA ASN C 159 24.96 -16.45 7.67
C ASN C 159 23.72 -17.14 7.13
N GLY C 160 22.62 -16.40 7.03
CA GLY C 160 21.42 -16.94 6.42
C GLY C 160 21.25 -16.55 4.97
N SER C 161 21.38 -15.26 4.66
CA SER C 161 21.19 -14.81 3.28
C SER C 161 22.49 -14.87 2.49
N ASP C 162 23.60 -14.51 3.12
CA ASP C 162 24.91 -14.55 2.49
C ASP C 162 25.34 -16.01 2.39
N ALA C 163 24.85 -16.68 1.33
CA ALA C 163 25.10 -18.11 1.19
C ALA C 163 26.56 -18.40 0.89
N GLY C 164 27.27 -17.45 0.30
CA GLY C 164 28.67 -17.65 -0.03
C GLY C 164 29.60 -17.62 1.17
N ALA C 165 29.10 -17.20 2.33
CA ALA C 165 29.91 -17.12 3.54
C ALA C 165 29.76 -18.33 4.45
N ALA C 166 29.51 -19.51 3.88
CA ALA C 166 29.37 -20.72 4.68
C ALA C 166 30.71 -21.10 5.29
N SER C 167 30.68 -21.47 6.57
CA SER C 167 31.89 -21.77 7.32
C SER C 167 32.17 -23.26 7.48
N THR C 168 31.30 -24.13 6.97
CA THR C 168 31.54 -25.57 7.02
C THR C 168 32.75 -25.93 6.18
N THR C 169 33.69 -26.66 6.78
CA THR C 169 34.93 -27.00 6.11
C THR C 169 34.94 -28.48 5.74
N ALA C 170 35.53 -28.78 4.57
CA ALA C 170 35.62 -30.14 4.06
C ALA C 170 37.07 -30.42 3.65
N ARG C 171 37.86 -30.86 4.62
CA ARG C 171 39.26 -31.18 4.35
C ARG C 171 39.38 -32.50 3.62
N ALA C 172 40.19 -32.52 2.56
CA ALA C 172 40.40 -33.73 1.77
C ALA C 172 41.60 -34.51 2.33
N GLU C 173 41.39 -35.07 3.51
CA GLU C 173 42.42 -35.85 4.17
C GLU C 173 42.27 -37.33 3.80
N GLY C 174 43.33 -37.91 3.25
CA GLY C 174 43.28 -39.30 2.86
C GLY C 174 42.38 -39.49 1.65
N ASP C 175 41.62 -40.58 1.65
CA ASP C 175 40.71 -40.90 0.56
C ASP C 175 39.27 -40.53 0.87
N SER C 176 39.04 -39.74 1.91
CA SER C 176 37.70 -39.39 2.35
C SER C 176 37.62 -37.88 2.59
N TRP C 177 36.42 -37.35 2.44
CA TRP C 177 36.16 -35.94 2.76
C TRP C 177 35.74 -35.85 4.22
N VAL C 178 36.57 -35.22 5.05
CA VAL C 178 36.27 -35.03 6.46
C VAL C 178 35.51 -33.72 6.59
N LEU C 179 34.29 -33.79 7.13
CA LEU C 179 33.41 -32.63 7.24
C LEU C 179 33.39 -32.13 8.67
N ASN C 180 33.59 -30.83 8.85
CA ASN C 180 33.44 -30.17 10.14
C ASN C 180 32.62 -28.91 9.95
N GLY C 181 31.66 -28.70 10.87
CA GLY C 181 30.81 -27.54 10.80
C GLY C 181 29.42 -27.80 11.35
N THR C 182 28.56 -26.78 11.27
CA THR C 182 27.19 -26.89 11.80
C THR C 182 26.23 -26.21 10.84
N LYS C 183 25.39 -27.00 10.18
CA LYS C 183 24.33 -26.43 9.36
C LYS C 183 23.12 -26.14 10.23
N ALA C 184 22.20 -25.35 9.71
CA ALA C 184 21.04 -24.91 10.49
C ALA C 184 19.81 -24.85 9.61
N TRP C 185 18.65 -24.91 10.26
CA TRP C 185 17.32 -24.79 9.66
C TRP C 185 17.04 -25.87 8.62
N ILE C 186 17.65 -27.05 8.75
CA ILE C 186 17.50 -28.08 7.73
C ILE C 186 16.10 -28.68 7.79
N THR C 187 15.35 -28.53 6.70
CA THR C 187 14.03 -29.14 6.62
C THR C 187 14.16 -30.64 6.46
N ASN C 188 13.22 -31.36 7.06
CA ASN C 188 13.17 -32.83 7.05
C ASN C 188 14.44 -33.44 7.63
N ALA C 189 15.06 -32.77 8.59
CA ALA C 189 16.30 -33.28 9.17
C ALA C 189 16.05 -34.56 9.95
N TRP C 190 14.88 -34.69 10.56
CA TRP C 190 14.54 -35.86 11.36
C TRP C 190 13.91 -36.99 10.55
N GLU C 191 13.77 -36.81 9.23
CA GLU C 191 13.20 -37.85 8.38
C GLU C 191 14.05 -38.18 7.17
N ALA C 192 15.05 -37.37 6.85
CA ALA C 192 15.81 -37.58 5.62
C ALA C 192 16.75 -38.77 5.75
N SER C 193 16.87 -39.53 4.66
CA SER C 193 17.87 -40.59 4.56
C SER C 193 19.07 -40.17 3.73
N ALA C 194 19.12 -38.91 3.27
CA ALA C 194 20.27 -38.39 2.55
C ALA C 194 20.30 -36.88 2.72
N ALA C 195 21.45 -36.29 2.40
CA ALA C 195 21.64 -34.87 2.60
C ALA C 195 22.53 -34.29 1.51
N VAL C 196 22.19 -33.11 1.02
CA VAL C 196 23.03 -32.35 0.10
C VAL C 196 23.65 -31.24 0.93
N VAL C 197 24.91 -31.42 1.31
CA VAL C 197 25.60 -30.52 2.21
C VAL C 197 26.64 -29.72 1.43
N PHE C 198 26.65 -28.40 1.62
CA PHE C 198 27.60 -27.55 0.93
C PHE C 198 28.63 -27.02 1.89
N ALA C 199 29.88 -27.42 1.72
CA ALA C 199 30.94 -26.97 2.62
C ALA C 199 32.06 -26.32 1.82
N SER C 200 32.64 -25.26 2.37
CA SER C 200 33.71 -24.55 1.68
C SER C 200 35.04 -25.29 1.81
N THR C 201 35.46 -25.94 0.74
CA THR C 201 36.74 -26.63 0.76
C THR C 201 37.88 -25.63 0.86
N ASP C 202 37.76 -24.51 0.15
CA ASP C 202 38.79 -23.48 0.22
C ASP C 202 38.23 -22.19 0.80
N ARG C 203 38.71 -21.80 1.97
CA ARG C 203 38.21 -20.61 2.63
C ARG C 203 38.47 -19.35 1.81
N ALA C 204 39.67 -19.25 1.25
CA ALA C 204 40.03 -18.07 0.48
C ALA C 204 39.02 -17.83 -0.62
N LEU C 205 38.55 -18.91 -1.24
CA LEU C 205 37.56 -18.78 -2.29
C LEU C 205 36.19 -18.63 -1.67
N GLN C 206 35.64 -17.42 -1.72
CA GLN C 206 34.35 -17.17 -1.09
C GLN C 206 33.26 -18.09 -1.65
N ASN C 207 33.18 -18.15 -2.98
CA ASN C 207 32.19 -19.02 -3.61
C ASN C 207 32.89 -20.19 -4.30
N LYS C 208 34.10 -19.97 -4.76
CA LYS C 208 34.85 -21.03 -5.42
C LYS C 208 35.12 -22.17 -4.45
N GLY C 209 35.41 -21.83 -3.20
CA GLY C 209 35.68 -22.84 -2.20
C GLY C 209 34.47 -23.72 -1.96
N ILE C 210 33.28 -23.15 -2.09
CA ILE C 210 32.06 -23.90 -1.84
C ILE C 210 32.02 -25.18 -2.64
N SER C 211 31.74 -26.29 -1.96
CA SER C 211 31.66 -27.59 -2.65
C SER C 211 30.51 -28.40 -2.09
N ALA C 212 29.76 -29.06 -2.97
CA ALA C 212 28.61 -29.85 -2.53
C ALA C 212 29.00 -31.28 -2.19
N PHE C 213 28.23 -31.92 -1.32
CA PHE C 213 28.52 -33.30 -0.92
C PHE C 213 27.21 -34.04 -0.67
N LEU C 214 27.16 -35.29 -1.09
CA LEU C 214 26.00 -36.14 -0.82
C LEU C 214 26.26 -36.96 0.43
N VAL C 215 25.67 -36.57 1.54
CA VAL C 215 25.92 -37.18 2.84
C VAL C 215 24.75 -38.10 3.18
N PRO C 216 24.97 -39.39 3.33
CA PRO C 216 23.90 -40.27 3.81
C PRO C 216 23.59 -40.02 5.27
N MET C 217 22.34 -40.30 5.65
CA MET C 217 21.88 -40.11 7.02
C MET C 217 21.15 -41.36 7.46
N PRO C 218 21.44 -41.91 8.65
CA PRO C 218 22.45 -41.47 9.62
C PRO C 218 23.84 -41.99 9.28
N THR C 219 24.89 -41.26 9.67
CA THR C 219 26.26 -41.66 9.47
C THR C 219 27.03 -41.29 10.73
N PRO C 220 28.11 -42.00 11.05
CA PRO C 220 28.94 -41.62 12.19
C PRO C 220 29.52 -40.22 12.02
N GLY C 221 29.58 -39.48 13.12
CA GLY C 221 30.05 -38.11 13.08
C GLY C 221 28.97 -37.08 12.82
N LEU C 222 27.73 -37.49 12.58
CA LEU C 222 26.63 -36.57 12.34
C LEU C 222 25.63 -36.69 13.47
N THR C 223 25.29 -35.55 14.08
CA THR C 223 24.31 -35.49 15.13
C THR C 223 23.21 -34.51 14.74
N LEU C 224 21.97 -34.87 15.02
CA LEU C 224 20.82 -34.04 14.68
C LEU C 224 20.50 -33.12 15.85
N GLY C 225 20.32 -31.84 15.57
CA GLY C 225 19.91 -30.91 16.59
C GLY C 225 18.46 -31.09 16.99
N LYS C 226 18.07 -30.40 18.07
CA LYS C 226 16.70 -30.47 18.54
C LYS C 226 15.76 -29.80 17.54
N LYS C 227 14.54 -30.34 17.46
CA LYS C 227 13.52 -29.74 16.62
C LYS C 227 13.19 -28.33 17.12
N GLU C 228 12.85 -27.46 16.18
CA GLU C 228 12.55 -26.06 16.48
C GLU C 228 11.06 -25.83 16.36
N ASP C 229 10.45 -25.31 17.42
CA ASP C 229 9.05 -24.93 17.36
C ASP C 229 8.89 -23.71 16.46
N LYS C 230 7.99 -23.79 15.49
CA LYS C 230 7.85 -22.76 14.48
C LYS C 230 6.45 -22.17 14.54
N LEU C 231 6.34 -20.94 14.04
CA LEU C 231 5.05 -20.25 14.03
C LEU C 231 4.06 -20.93 13.10
N GLY C 232 4.51 -21.30 11.90
CA GLY C 232 3.57 -21.74 10.88
C GLY C 232 3.56 -23.22 10.59
N ILE C 233 4.24 -23.62 9.52
CA ILE C 233 4.28 -25.02 9.10
C ILE C 233 4.93 -25.85 10.19
N ARG C 234 4.17 -26.77 10.77
CA ARG C 234 4.67 -27.55 11.89
C ARG C 234 4.64 -29.05 11.65
N GLY C 235 4.12 -29.53 10.52
CA GLY C 235 4.26 -30.93 10.19
C GLY C 235 5.69 -31.32 9.87
N SER C 236 6.40 -30.45 9.15
CA SER C 236 7.78 -30.71 8.79
C SER C 236 8.68 -30.52 10.01
N SER C 237 9.80 -31.25 10.01
CA SER C 237 10.76 -31.21 11.10
C SER C 237 11.95 -30.36 10.68
N THR C 238 12.21 -29.29 11.42
CA THR C 238 13.33 -28.41 11.15
C THR C 238 14.35 -28.54 12.28
N ALA C 239 15.60 -28.83 11.93
CA ALA C 239 16.64 -29.02 12.93
C ALA C 239 17.95 -28.49 12.41
N ASN C 240 18.98 -28.59 13.23
CA ASN C 240 20.32 -28.12 12.90
C ASN C 240 21.25 -29.32 12.79
N LEU C 241 21.76 -29.56 11.59
CA LEU C 241 22.74 -30.62 11.40
C LEU C 241 24.09 -30.20 11.98
N ILE C 242 24.71 -31.09 12.73
CA ILE C 242 26.01 -30.84 13.34
C ILE C 242 26.96 -31.92 12.86
N PHE C 243 28.06 -31.50 12.21
CA PHE C 243 29.06 -32.42 11.69
C PHE C 243 30.30 -32.32 12.56
N GLU C 244 30.72 -33.46 13.11
CA GLU C 244 31.93 -33.54 13.92
C GLU C 244 32.77 -34.70 13.41
N ASP C 245 33.80 -34.37 12.63
CA ASP C 245 34.70 -35.35 12.01
C ASP C 245 33.94 -36.36 11.16
N CYS C 246 32.92 -35.91 10.44
CA CYS C 246 32.15 -36.80 9.58
C CYS C 246 32.92 -37.04 8.29
N ARG C 247 33.18 -38.31 7.98
CA ARG C 247 33.92 -38.69 6.79
C ARG C 247 33.01 -39.44 5.83
N ILE C 248 33.12 -39.10 4.54
CA ILE C 248 32.31 -39.70 3.49
C ILE C 248 33.26 -40.19 2.41
N PRO C 249 32.87 -41.18 1.60
CA PRO C 249 33.76 -41.63 0.52
C PRO C 249 33.94 -40.54 -0.53
N LYS C 250 35.01 -40.67 -1.31
CA LYS C 250 35.39 -39.63 -2.26
C LYS C 250 34.35 -39.45 -3.37
N ASP C 251 33.54 -40.48 -3.62
CA ASP C 251 32.54 -40.38 -4.66
C ASP C 251 31.35 -39.51 -4.25
N SER C 252 31.25 -39.14 -2.97
CA SER C 252 30.06 -38.45 -2.50
C SER C 252 30.04 -36.99 -2.92
N ILE C 253 31.15 -36.47 -3.46
CA ILE C 253 31.18 -35.08 -3.89
C ILE C 253 30.35 -34.93 -5.16
N LEU C 254 29.54 -33.87 -5.20
CA LEU C 254 28.66 -33.62 -6.32
C LEU C 254 29.38 -32.78 -7.36
N GLY C 255 29.58 -33.34 -8.54
CA GLY C 255 30.31 -32.64 -9.58
C GLY C 255 31.78 -32.55 -9.23
N GLU C 256 32.34 -31.36 -9.35
CA GLU C 256 33.73 -31.08 -9.07
C GLU C 256 33.83 -29.90 -8.11
N PRO C 257 34.92 -29.80 -7.35
CA PRO C 257 35.05 -28.68 -6.40
C PRO C 257 35.02 -27.33 -7.09
N GLY C 258 34.35 -26.38 -6.46
CA GLY C 258 34.25 -25.04 -7.01
C GLY C 258 32.89 -24.75 -7.62
N MET C 259 32.21 -25.80 -8.10
CA MET C 259 30.92 -25.61 -8.75
C MET C 259 29.78 -25.50 -7.75
N GLY C 260 30.06 -25.59 -6.45
CA GLY C 260 29.03 -25.62 -5.44
C GLY C 260 28.09 -24.43 -5.44
N PHE C 261 28.62 -23.23 -5.66
CA PHE C 261 27.79 -22.04 -5.63
C PHE C 261 26.80 -22.02 -6.79
N LYS C 262 27.24 -22.44 -7.98
CA LYS C 262 26.35 -22.48 -9.14
C LYS C 262 25.24 -23.52 -8.93
N ILE C 263 25.62 -24.67 -8.36
CA ILE C 263 24.64 -25.71 -8.05
C ILE C 263 23.61 -25.17 -7.07
N ALA C 264 24.08 -24.46 -6.05
CA ALA C 264 23.18 -23.87 -5.06
C ALA C 264 22.24 -22.87 -5.70
N MET C 265 22.76 -22.04 -6.61
CA MET C 265 21.92 -21.02 -7.23
C MET C 265 20.84 -21.63 -8.11
N GLN C 266 21.19 -22.62 -8.92
CA GLN C 266 20.19 -23.25 -9.79
C GLN C 266 19.15 -24.01 -8.98
N THR C 267 19.59 -24.74 -7.95
CA THR C 267 18.65 -25.41 -7.06
C THR C 267 17.75 -24.41 -6.35
N LEU C 268 18.29 -23.24 -6.01
CA LEU C 268 17.48 -22.20 -5.40
C LEU C 268 16.42 -21.67 -6.37
N ASP C 269 16.77 -21.54 -7.65
CA ASP C 269 15.77 -21.08 -8.62
C ASP C 269 14.62 -22.08 -8.74
N MET C 270 14.94 -23.37 -8.84
CA MET C 270 13.88 -24.37 -8.92
C MET C 270 13.05 -24.40 -7.65
N GLY C 271 13.71 -24.27 -6.49
CA GLY C 271 12.99 -24.21 -5.24
C GLY C 271 12.10 -22.97 -5.13
N ARG C 272 12.54 -21.86 -5.72
CA ARG C 272 11.72 -20.65 -5.72
C ARG C 272 10.45 -20.86 -6.52
N ILE C 273 10.56 -21.58 -7.64
CA ILE C 273 9.35 -21.93 -8.39
C ILE C 273 8.42 -22.78 -7.53
N GLY C 274 8.98 -23.76 -6.84
CA GLY C 274 8.14 -24.61 -5.97
C GLY C 274 7.48 -23.84 -4.84
N ILE C 275 8.22 -22.91 -4.22
CA ILE C 275 7.67 -22.13 -3.11
C ILE C 275 6.60 -21.18 -3.60
N ALA C 276 6.77 -20.64 -4.82
CA ALA C 276 5.73 -19.82 -5.41
C ALA C 276 4.46 -20.64 -5.60
N SER C 277 4.59 -21.89 -6.05
CA SER C 277 3.41 -22.75 -6.17
C SER C 277 2.76 -23.00 -4.81
N GLN C 278 3.57 -23.21 -3.77
CA GLN C 278 3.02 -23.43 -2.44
C GLN C 278 2.25 -22.22 -1.93
N ALA C 279 2.81 -21.03 -2.13
CA ALA C 279 2.13 -19.80 -1.71
C ALA C 279 0.83 -19.61 -2.47
N LEU C 280 0.83 -19.97 -3.75
CA LEU C 280 -0.41 -19.94 -4.52
C LEU C 280 -1.46 -20.86 -3.94
N GLY C 281 -1.07 -22.07 -3.55
CA GLY C 281 -2.04 -22.98 -2.95
C GLY C 281 -2.61 -22.45 -1.65
N ILE C 282 -1.76 -21.87 -0.81
CA ILE C 282 -2.22 -21.33 0.47
C ILE C 282 -3.19 -20.17 0.24
N ALA C 283 -2.85 -19.28 -0.68
CA ALA C 283 -3.73 -18.15 -0.98
C ALA C 283 -5.06 -18.64 -1.55
N GLN C 284 -5.01 -19.67 -2.39
CA GLN C 284 -6.24 -20.19 -2.99
C GLN C 284 -7.17 -20.77 -1.94
N THR C 285 -6.64 -21.57 -1.01
CA THR C 285 -7.53 -22.16 -0.01
C THR C 285 -8.03 -21.11 0.97
N ALA C 286 -7.21 -20.10 1.28
CA ALA C 286 -7.67 -19.01 2.12
C ALA C 286 -8.81 -18.25 1.45
N LEU C 287 -8.68 -17.98 0.15
CA LEU C 287 -9.73 -17.29 -0.58
C LEU C 287 -11.01 -18.12 -0.63
N ASP C 288 -10.88 -19.43 -0.83
CA ASP C 288 -12.06 -20.30 -0.88
C ASP C 288 -12.81 -20.26 0.45
N CYS C 289 -12.09 -20.41 1.55
CA CYS C 289 -12.73 -20.38 2.87
C CYS C 289 -13.37 -19.03 3.14
N ALA C 290 -12.69 -17.94 2.78
CA ALA C 290 -13.22 -16.61 3.00
C ALA C 290 -14.49 -16.38 2.20
N VAL C 291 -14.51 -16.79 0.93
CA VAL C 291 -15.69 -16.59 0.09
C VAL C 291 -16.87 -17.40 0.61
N ASN C 292 -16.61 -18.66 1.00
CA ASN C 292 -17.69 -19.49 1.52
C ASN C 292 -18.28 -18.90 2.80
N TYR C 293 -17.41 -18.44 3.71
CA TYR C 293 -17.91 -17.87 4.95
C TYR C 293 -18.66 -16.56 4.70
N ALA C 294 -18.15 -15.75 3.76
CA ALA C 294 -18.81 -14.48 3.46
C ALA C 294 -20.20 -14.71 2.88
N GLU C 295 -20.35 -15.73 2.04
CA GLU C 295 -21.68 -16.05 1.53
C GLU C 295 -22.58 -16.60 2.63
N ASN C 296 -22.03 -17.39 3.54
CA ASN C 296 -22.87 -18.01 4.57
C ASN C 296 -23.28 -17.02 5.65
N ARG C 297 -22.35 -16.15 6.07
CA ARG C 297 -22.60 -15.26 7.21
C ARG C 297 -23.63 -14.19 6.87
N MET C 298 -24.48 -13.87 7.84
CA MET C 298 -25.52 -12.85 7.69
C MET C 298 -25.24 -11.72 8.67
N ALA C 299 -25.23 -10.49 8.15
CA ALA C 299 -25.06 -9.30 8.97
C ALA C 299 -25.96 -8.20 8.42
N PHE C 300 -26.62 -7.48 9.33
CA PHE C 300 -27.57 -6.41 8.98
C PHE C 300 -28.68 -6.91 8.07
N GLY C 301 -29.15 -8.13 8.33
CA GLY C 301 -30.23 -8.72 7.55
C GLY C 301 -29.88 -9.05 6.12
N ALA C 302 -28.60 -9.15 5.78
CA ALA C 302 -28.16 -9.44 4.43
C ALA C 302 -26.91 -10.30 4.49
N PRO C 303 -26.63 -11.08 3.44
CA PRO C 303 -25.33 -11.77 3.36
C PRO C 303 -24.21 -10.76 3.24
N LEU C 304 -23.02 -11.15 3.71
CA LEU C 304 -21.88 -10.24 3.70
C LEU C 304 -21.45 -9.86 2.29
N THR C 305 -21.77 -10.70 1.30
CA THR C 305 -21.39 -10.39 -0.07
C THR C 305 -22.18 -9.21 -0.63
N LYS C 306 -23.30 -8.86 -0.01
CA LYS C 306 -24.05 -7.70 -0.47
C LYS C 306 -23.33 -6.40 -0.15
N LEU C 307 -22.50 -6.40 0.90
CA LEU C 307 -21.72 -5.22 1.23
C LEU C 307 -20.67 -4.98 0.17
N GLN C 308 -20.51 -3.71 -0.23
CA GLN C 308 -19.58 -3.39 -1.31
C GLN C 308 -18.12 -3.55 -0.86
N VAL C 309 -17.85 -3.32 0.42
CA VAL C 309 -16.48 -3.43 0.92
C VAL C 309 -16.00 -4.87 0.82
N ILE C 310 -16.87 -5.82 1.18
CA ILE C 310 -16.53 -7.23 1.07
C ILE C 310 -16.28 -7.60 -0.39
N GLN C 311 -17.11 -7.11 -1.29
CA GLN C 311 -16.94 -7.39 -2.71
C GLN C 311 -15.61 -6.85 -3.23
N PHE C 312 -15.25 -5.63 -2.81
CA PHE C 312 -13.99 -5.05 -3.26
C PHE C 312 -12.80 -5.83 -2.70
N LYS C 313 -12.90 -6.28 -1.44
CA LYS C 313 -11.84 -7.12 -0.87
C LYS C 313 -11.68 -8.41 -1.65
N LEU C 314 -12.81 -9.07 -1.98
CA LEU C 314 -12.75 -10.32 -2.73
C LEU C 314 -12.18 -10.10 -4.12
N ALA C 315 -12.55 -8.99 -4.76
CA ALA C 315 -12.02 -8.69 -6.09
C ALA C 315 -10.52 -8.49 -6.07
N ASP C 316 -10.03 -7.73 -5.08
CA ASP C 316 -8.59 -7.52 -4.97
C ASP C 316 -7.85 -8.82 -4.69
N MET C 317 -8.41 -9.65 -3.81
CA MET C 317 -7.77 -10.94 -3.51
C MET C 317 -7.70 -11.83 -4.75
N ALA C 318 -8.81 -11.92 -5.50
CA ALA C 318 -8.83 -12.76 -6.69
C ALA C 318 -7.85 -12.25 -7.74
N LEU C 319 -7.79 -10.92 -7.91
CA LEU C 319 -6.86 -10.33 -8.88
C LEU C 319 -5.43 -10.66 -8.52
N ALA C 320 -5.06 -10.49 -7.25
CA ALA C 320 -3.68 -10.76 -6.83
C ALA C 320 -3.35 -12.23 -7.01
N LEU C 321 -4.28 -13.12 -6.64
CA LEU C 321 -4.02 -14.55 -6.75
C LEU C 321 -3.82 -14.97 -8.21
N GLU C 322 -4.70 -14.52 -9.09
CA GLU C 322 -4.61 -14.93 -10.48
C GLU C 322 -3.38 -14.34 -11.15
N SER C 323 -3.07 -13.09 -10.84
CA SER C 323 -1.90 -12.45 -11.41
C SER C 323 -0.66 -13.24 -11.06
N ALA C 324 -0.55 -13.63 -9.79
CA ALA C 324 0.61 -14.41 -9.36
C ALA C 324 0.64 -15.75 -10.06
N ARG C 325 -0.48 -16.47 -10.01
CA ARG C 325 -0.55 -17.76 -10.69
C ARG C 325 -0.01 -17.66 -12.12
N LEU C 326 -0.34 -16.59 -12.81
CA LEU C 326 0.17 -16.41 -14.17
C LEU C 326 1.69 -16.36 -14.17
N LEU C 327 2.25 -15.52 -13.32
CA LEU C 327 3.70 -15.38 -13.26
C LEU C 327 4.35 -16.73 -12.99
N THR C 328 3.81 -17.47 -12.04
CA THR C 328 4.36 -18.78 -11.71
C THR C 328 4.35 -19.67 -12.93
N TRP C 329 3.21 -19.74 -13.60
CA TRP C 329 3.09 -20.61 -14.77
C TRP C 329 4.05 -20.17 -15.88
N ARG C 330 4.24 -18.86 -16.04
CA ARG C 330 5.21 -18.38 -17.03
C ARG C 330 6.62 -18.84 -16.66
N ALA C 331 6.98 -18.74 -15.38
CA ALA C 331 8.31 -19.18 -14.96
C ALA C 331 8.50 -20.67 -15.19
N ALA C 332 7.48 -21.47 -14.88
CA ALA C 332 7.56 -22.91 -15.07
C ALA C 332 7.70 -23.27 -16.54
N MET C 333 6.92 -22.62 -17.40
CA MET C 333 7.01 -22.91 -18.83
C MET C 333 8.34 -22.47 -19.42
N LEU C 334 8.89 -21.35 -18.92
CA LEU C 334 10.22 -20.94 -19.38
C LEU C 334 11.28 -21.93 -18.96
N LYS C 335 11.16 -22.50 -17.76
CA LYS C 335 12.10 -23.55 -17.36
C LYS C 335 11.94 -24.78 -18.25
N ASP C 336 10.70 -25.14 -18.58
CA ASP C 336 10.46 -26.33 -19.39
C ASP C 336 11.01 -26.19 -20.79
N ASN C 337 11.06 -24.97 -21.32
CA ASN C 337 11.57 -24.75 -22.67
C ASN C 337 13.08 -24.57 -22.71
N LYS C 338 13.78 -24.89 -21.62
CA LYS C 338 15.24 -24.81 -21.53
C LYS C 338 15.76 -23.41 -21.84
N LYS C 339 15.13 -22.41 -21.22
CA LYS C 339 15.52 -21.02 -21.38
C LYS C 339 15.78 -20.41 -20.00
N PRO C 340 16.58 -19.34 -19.93
CA PRO C 340 16.86 -18.72 -18.63
C PRO C 340 15.59 -18.22 -17.96
N PHE C 341 15.51 -18.43 -16.65
CA PHE C 341 14.28 -18.17 -15.90
C PHE C 341 14.53 -17.58 -14.52
N ILE C 342 15.72 -17.05 -14.25
CA ILE C 342 16.08 -16.64 -12.90
C ILE C 342 15.24 -15.45 -12.47
N LYS C 343 15.17 -14.43 -13.33
CA LYS C 343 14.36 -13.26 -13.01
C LYS C 343 12.89 -13.62 -12.91
N GLU C 344 12.42 -14.49 -13.81
CA GLU C 344 11.03 -14.92 -13.79
C GLU C 344 10.70 -15.68 -12.51
N ALA C 345 11.61 -16.56 -12.09
CA ALA C 345 11.39 -17.33 -10.86
C ALA C 345 11.39 -16.41 -9.64
N ALA C 346 12.31 -15.45 -9.61
CA ALA C 346 12.36 -14.50 -8.49
C ALA C 346 11.08 -13.66 -8.42
N MET C 347 10.61 -13.19 -9.58
CA MET C 347 9.36 -12.44 -9.62
C MET C 347 8.20 -13.29 -9.14
N ALA C 348 8.14 -14.55 -9.59
CA ALA C 348 7.05 -15.43 -9.21
C ALA C 348 7.06 -15.67 -7.71
N LYS C 349 8.23 -15.94 -7.14
CA LYS C 349 8.33 -16.20 -5.71
C LYS C 349 7.92 -14.98 -4.89
N LEU C 350 8.42 -13.80 -5.27
CA LEU C 350 8.11 -12.58 -4.53
C LEU C 350 6.62 -12.27 -4.59
N ALA C 351 6.05 -12.28 -5.80
CA ALA C 351 4.64 -11.94 -5.96
C ALA C 351 3.75 -12.95 -5.27
N ALA C 352 4.08 -14.24 -5.38
CA ALA C 352 3.27 -15.28 -4.76
C ALA C 352 3.29 -15.15 -3.25
N SER C 353 4.47 -14.91 -2.66
CA SER C 353 4.57 -14.79 -1.21
C SER C 353 3.78 -13.58 -0.69
N GLU C 354 3.97 -12.43 -1.34
CA GLU C 354 3.27 -11.23 -0.88
C GLU C 354 1.76 -11.37 -1.05
N ALA C 355 1.32 -11.93 -2.18
CA ALA C 355 -0.09 -12.13 -2.43
C ALA C 355 -0.69 -13.10 -1.41
N ALA C 356 0.04 -14.16 -1.08
CA ALA C 356 -0.46 -15.12 -0.11
C ALA C 356 -0.62 -14.48 1.26
N THR C 357 0.37 -13.68 1.67
CA THR C 357 0.26 -13.01 2.97
C THR C 357 -0.93 -12.05 3.01
N ALA C 358 -1.09 -11.25 1.95
CA ALA C 358 -2.18 -10.28 1.92
C ALA C 358 -3.54 -10.98 1.90
N ILE C 359 -3.66 -12.06 1.12
CA ILE C 359 -4.93 -12.77 1.02
C ILE C 359 -5.27 -13.45 2.33
N SER C 360 -4.28 -14.04 2.99
CA SER C 360 -4.55 -14.68 4.28
C SER C 360 -4.98 -13.66 5.33
N HIS C 361 -4.32 -12.50 5.35
CA HIS C 361 -4.70 -11.45 6.29
C HIS C 361 -6.11 -10.96 6.03
N GLN C 362 -6.46 -10.76 4.74
CA GLN C 362 -7.80 -10.30 4.42
C GLN C 362 -8.85 -11.36 4.70
N ALA C 363 -8.48 -12.65 4.56
CA ALA C 363 -9.41 -13.71 4.90
C ALA C 363 -9.71 -13.72 6.40
N ILE C 364 -8.68 -13.51 7.22
CA ILE C 364 -8.89 -13.40 8.66
C ILE C 364 -9.80 -12.21 8.97
N GLN C 365 -9.54 -11.08 8.30
CA GLN C 365 -10.35 -9.89 8.54
C GLN C 365 -11.80 -10.11 8.13
N ILE C 366 -12.03 -10.81 7.02
CA ILE C 366 -13.39 -11.08 6.57
C ILE C 366 -14.10 -12.01 7.53
N LEU C 367 -13.41 -13.06 8.00
CA LEU C 367 -14.01 -13.95 8.97
C LEU C 367 -14.28 -13.27 10.30
N GLY C 368 -13.50 -12.26 10.66
CA GLY C 368 -13.78 -11.50 11.86
C GLY C 368 -13.39 -12.27 13.10
N GLY C 369 -14.32 -12.37 14.05
CA GLY C 369 -14.02 -13.04 15.30
C GLY C 369 -13.76 -14.53 15.14
N MET C 370 -14.56 -15.19 14.29
CA MET C 370 -14.39 -16.63 14.09
C MET C 370 -13.07 -16.96 13.43
N GLY C 371 -12.47 -16.00 12.73
CA GLY C 371 -11.19 -16.27 12.10
C GLY C 371 -10.05 -16.34 13.12
N TYR C 372 -10.26 -15.76 14.30
CA TYR C 372 -9.16 -15.69 15.27
C TYR C 372 -8.99 -17.00 16.01
N VAL C 373 -10.07 -17.71 16.29
CA VAL C 373 -9.97 -18.95 17.05
C VAL C 373 -9.35 -20.04 16.19
N THR C 374 -8.76 -21.05 16.85
CA THR C 374 -8.13 -22.14 16.15
C THR C 374 -9.14 -23.14 15.59
N GLU C 375 -10.42 -23.00 15.96
CA GLU C 375 -11.45 -23.88 15.42
C GLU C 375 -11.58 -23.71 13.91
N MET C 376 -11.56 -22.47 13.45
CA MET C 376 -11.59 -22.20 12.02
C MET C 376 -10.16 -22.22 11.45
N PRO C 377 -10.01 -22.60 10.17
CA PRO C 377 -8.67 -22.78 9.63
C PRO C 377 -8.02 -21.52 9.07
N ALA C 378 -8.57 -20.32 9.33
CA ALA C 378 -8.01 -19.11 8.75
C ALA C 378 -6.65 -18.77 9.36
N GLU C 379 -6.52 -18.93 10.68
CA GLU C 379 -5.27 -18.58 11.34
C GLU C 379 -4.14 -19.53 10.93
N ARG C 380 -4.48 -20.79 10.67
CA ARG C 380 -3.47 -21.73 10.17
C ARG C 380 -2.95 -21.27 8.81
N HIS C 381 -3.86 -20.81 7.94
CA HIS C 381 -3.44 -20.28 6.65
C HIS C 381 -2.56 -19.06 6.83
N TYR C 382 -2.88 -18.20 7.80
CA TYR C 382 -2.07 -17.02 8.06
C TYR C 382 -0.65 -17.41 8.47
N ARG C 383 -0.53 -18.30 9.46
CA ARG C 383 0.78 -18.68 9.97
C ARG C 383 1.58 -19.43 8.91
N ASP C 384 0.92 -20.24 8.10
CA ASP C 384 1.62 -20.97 7.04
C ASP C 384 2.04 -20.05 5.91
N ALA C 385 1.24 -19.02 5.63
CA ALA C 385 1.59 -18.11 4.54
C ALA C 385 2.67 -17.13 4.94
N ARG C 386 2.87 -16.93 6.25
CA ARG C 386 3.90 -16.00 6.69
C ARG C 386 5.31 -16.48 6.31
N ILE C 387 5.50 -17.80 6.18
CA ILE C 387 6.85 -18.32 6.02
C ILE C 387 7.37 -18.10 4.60
N THR C 388 6.46 -17.96 3.63
CA THR C 388 6.89 -17.98 2.22
C THR C 388 7.70 -16.74 1.85
N GLU C 389 7.72 -15.73 2.71
CA GLU C 389 8.54 -14.55 2.49
C GLU C 389 9.91 -14.64 3.14
N ILE C 390 10.23 -15.73 3.83
CA ILE C 390 11.45 -15.84 4.62
C ILE C 390 12.43 -16.81 3.99
N TYR C 391 12.06 -18.08 3.88
CA TYR C 391 12.99 -19.07 3.37
C TYR C 391 12.97 -19.07 1.84
N GLU C 392 13.94 -19.79 1.27
CA GLU C 392 14.25 -19.74 -0.16
C GLU C 392 14.53 -18.30 -0.61
N GLY C 393 15.23 -17.57 0.24
CA GLY C 393 15.56 -16.19 -0.05
C GLY C 393 14.46 -15.25 0.37
N THR C 394 14.79 -14.28 1.23
CA THR C 394 13.81 -13.31 1.66
C THR C 394 13.46 -12.37 0.51
N SER C 395 12.41 -11.57 0.72
CA SER C 395 11.90 -10.71 -0.34
C SER C 395 12.93 -9.69 -0.79
N GLU C 396 13.79 -9.24 0.14
CA GLU C 396 14.83 -8.29 -0.23
C GLU C 396 15.82 -8.90 -1.20
N ILE C 397 16.19 -10.16 -0.96
CA ILE C 397 17.12 -10.85 -1.86
C ILE C 397 16.47 -11.06 -3.23
N GLN C 398 15.18 -11.37 -3.25
CA GLN C 398 14.47 -11.53 -4.51
C GLN C 398 14.47 -10.23 -5.30
N ARG C 399 14.22 -9.10 -4.61
CA ARG C 399 14.23 -7.81 -5.28
C ARG C 399 15.61 -7.44 -5.77
N LEU C 400 16.66 -7.83 -5.03
CA LEU C 400 18.01 -7.61 -5.50
C LEU C 400 18.29 -8.39 -6.78
N VAL C 401 17.83 -9.64 -6.84
CA VAL C 401 18.02 -10.46 -8.04
C VAL C 401 17.28 -9.86 -9.23
N ILE C 402 16.03 -9.44 -9.00
CA ILE C 402 15.24 -8.85 -10.06
C ILE C 402 15.88 -7.56 -10.57
N ALA C 403 16.34 -6.72 -9.64
CA ALA C 403 16.96 -5.46 -10.03
C ALA C 403 18.25 -5.68 -10.81
N GLY C 404 19.07 -6.65 -10.37
CA GLY C 404 20.30 -6.94 -11.09
C GLY C 404 20.04 -7.43 -12.50
N HIS C 405 19.06 -8.33 -12.66
CA HIS C 405 18.77 -8.84 -13.99
C HIS C 405 18.13 -7.78 -14.88
N LEU C 406 17.32 -6.89 -14.29
CA LEU C 406 16.72 -5.80 -15.05
C LEU C 406 17.78 -4.85 -15.59
N LEU C 407 18.70 -4.43 -14.71
CA LEU C 407 19.75 -3.51 -15.13
C LEU C 407 20.71 -4.18 -16.11
N ARG C 408 20.95 -5.48 -15.95
CA ARG C 408 21.75 -6.21 -16.93
C ARG C 408 21.04 -6.28 -18.28
N SER C 409 19.72 -6.42 -18.26
CA SER C 409 18.95 -6.46 -19.50
C SER C 409 19.04 -5.14 -20.23
N TYR C 410 18.96 -4.02 -19.51
CA TYR C 410 19.04 -2.72 -20.16
C TYR C 410 20.46 -2.41 -20.62
N ARG C 411 21.46 -2.86 -19.86
CA ARG C 411 22.85 -2.67 -20.27
C ARG C 411 23.23 -3.66 -21.36
N SER D 31 0.86 20.40 26.25
CA SER D 31 1.28 20.42 24.86
C SER D 31 1.93 19.09 24.49
N VAL D 32 3.07 19.15 23.80
CA VAL D 32 3.80 17.94 23.43
C VAL D 32 4.36 17.27 24.68
N GLU D 33 4.90 18.06 25.60
CA GLU D 33 5.50 17.52 26.81
C GLU D 33 4.42 16.96 27.74
N LEU D 34 4.87 16.18 28.72
CA LEU D 34 3.98 15.57 29.69
C LEU D 34 4.12 16.24 31.04
N PRO D 35 3.05 16.30 31.83
CA PRO D 35 3.16 16.85 33.19
C PRO D 35 3.98 15.93 34.08
N GLU D 36 4.33 16.44 35.26
CA GLU D 36 5.16 15.69 36.20
C GLU D 36 4.48 14.42 36.68
N THR D 37 3.17 14.49 36.93
CA THR D 37 2.43 13.31 37.36
C THR D 37 2.43 12.25 36.26
N HIS D 38 2.19 12.67 35.02
CA HIS D 38 2.19 11.74 33.89
C HIS D 38 3.56 11.13 33.67
N GLN D 39 4.62 11.93 33.81
CA GLN D 39 5.98 11.42 33.65
C GLN D 39 6.31 10.41 34.74
N MET D 40 5.93 10.71 35.98
CA MET D 40 6.18 9.78 37.08
C MET D 40 5.41 8.48 36.89
N LEU D 41 4.16 8.58 36.44
CA LEU D 41 3.37 7.38 36.18
C LEU D 41 3.97 6.56 35.04
N LEU D 42 4.45 7.22 33.99
CA LEU D 42 5.09 6.53 32.89
C LEU D 42 6.33 5.78 33.37
N GLN D 43 7.15 6.44 34.20
CA GLN D 43 8.35 5.80 34.70
C GLN D 43 8.01 4.62 35.61
N THR D 44 7.01 4.78 36.48
CA THR D 44 6.62 3.70 37.38
C THR D 44 6.07 2.52 36.61
N CYS D 45 5.24 2.78 35.59
CA CYS D 45 4.68 1.70 34.78
C CYS D 45 5.77 0.98 34.00
N ARG D 46 6.73 1.73 33.45
CA ARG D 46 7.83 1.09 32.72
C ARG D 46 8.68 0.22 33.64
N ASP D 47 8.96 0.73 34.85
CA ASP D 47 9.74 -0.05 35.81
C ASP D 47 9.01 -1.32 36.22
N PHE D 48 7.71 -1.21 36.48
CA PHE D 48 6.93 -2.39 36.85
C PHE D 48 6.87 -3.39 35.69
N ALA D 49 6.72 -2.90 34.47
CA ALA D 49 6.66 -3.77 33.31
C ALA D 49 7.96 -4.54 33.13
N GLU D 50 9.08 -3.82 33.13
CA GLU D 50 10.37 -4.49 32.97
C GLU D 50 10.72 -5.39 34.14
N LYS D 51 10.18 -5.10 35.33
CA LYS D 51 10.45 -5.95 36.48
C LYS D 51 9.64 -7.23 36.44
N GLU D 52 8.38 -7.17 36.02
CA GLU D 52 7.45 -8.29 36.20
C GLU D 52 7.00 -8.92 34.88
N LEU D 53 6.51 -8.12 33.94
CA LEU D 53 5.77 -8.69 32.81
C LEU D 53 6.69 -9.36 31.81
N PHE D 54 7.85 -8.77 31.56
CA PHE D 54 8.77 -9.31 30.56
C PHE D 54 9.26 -10.72 30.87
N PRO D 55 9.68 -11.07 32.10
CA PRO D 55 10.09 -12.47 32.33
C PRO D 55 8.97 -13.49 32.13
N ILE D 56 7.71 -13.11 32.38
CA ILE D 56 6.64 -14.09 32.37
C ILE D 56 5.75 -14.04 31.13
N ALA D 57 6.05 -13.14 30.18
CA ALA D 57 5.17 -12.98 29.01
C ALA D 57 5.15 -14.24 28.16
N ALA D 58 6.33 -14.85 27.93
CA ALA D 58 6.39 -16.05 27.12
C ALA D 58 5.67 -17.21 27.78
N GLN D 59 5.83 -17.34 29.10
CA GLN D 59 5.14 -18.40 29.83
C GLN D 59 3.64 -18.21 29.78
N VAL D 60 3.18 -16.96 29.91
CA VAL D 60 1.76 -16.66 29.87
C VAL D 60 1.19 -16.99 28.49
N ASP D 61 1.91 -16.61 27.44
CA ASP D 61 1.46 -16.90 26.09
C ASP D 61 1.43 -18.40 25.83
N LYS D 62 2.46 -19.13 26.25
CA LYS D 62 2.57 -20.54 25.91
C LYS D 62 1.57 -21.39 26.68
N GLU D 63 1.43 -21.14 27.98
CA GLU D 63 0.65 -22.03 28.83
C GLU D 63 -0.78 -21.57 29.03
N HIS D 64 -1.20 -20.46 28.40
CA HIS D 64 -2.53 -19.88 28.59
C HIS D 64 -2.81 -19.59 30.06
N LEU D 65 -1.79 -19.10 30.76
CA LEU D 65 -1.86 -18.92 32.20
C LEU D 65 -2.35 -17.51 32.53
N PHE D 66 -3.41 -17.43 33.33
CA PHE D 66 -3.89 -16.13 33.79
C PHE D 66 -2.93 -15.61 34.86
N PRO D 67 -2.32 -14.44 34.65
CA PRO D 67 -1.37 -13.89 35.63
C PRO D 67 -2.05 -13.25 36.83
N ALA D 68 -2.46 -14.08 37.79
CA ALA D 68 -3.20 -13.59 38.95
C ALA D 68 -2.35 -12.67 39.82
N ALA D 69 -1.09 -13.04 40.04
CA ALA D 69 -0.21 -12.25 40.90
C ALA D 69 0.07 -10.88 40.30
N GLN D 70 0.28 -10.83 38.99
CA GLN D 70 0.54 -9.56 38.32
C GLN D 70 -0.69 -8.65 38.38
N VAL D 71 -1.88 -9.22 38.20
CA VAL D 71 -3.10 -8.43 38.29
C VAL D 71 -3.28 -7.90 39.72
N LYS D 72 -2.97 -8.73 40.72
CA LYS D 72 -3.05 -8.29 42.10
C LYS D 72 -2.08 -7.15 42.38
N LYS D 73 -0.87 -7.24 41.85
CA LYS D 73 0.11 -6.18 42.05
C LYS D 73 -0.30 -4.90 41.34
N MET D 74 -0.90 -5.03 40.15
CA MET D 74 -1.40 -3.86 39.44
C MET D 74 -2.54 -3.20 40.21
N GLY D 75 -3.40 -3.99 40.82
CA GLY D 75 -4.41 -3.44 41.70
C GLY D 75 -3.80 -2.75 42.90
N GLY D 76 -2.69 -3.29 43.40
CA GLY D 76 -1.94 -2.62 44.45
C GLY D 76 -1.36 -1.29 44.03
N LEU D 77 -0.95 -1.16 42.77
CA LEU D 77 -0.42 0.10 42.25
C LEU D 77 -1.52 1.05 41.78
N GLY D 78 -2.78 0.62 41.81
CA GLY D 78 -3.85 1.47 41.37
C GLY D 78 -4.02 1.57 39.86
N LEU D 79 -3.34 0.72 39.09
CA LEU D 79 -3.43 0.79 37.64
C LEU D 79 -4.75 0.26 37.09
N LEU D 80 -5.55 -0.41 37.92
CA LEU D 80 -6.84 -0.93 37.46
C LEU D 80 -7.99 0.04 37.71
N ALA D 81 -7.75 1.17 38.37
CA ALA D 81 -8.81 2.10 38.73
C ALA D 81 -8.38 3.54 38.46
N MET D 82 -7.76 3.77 37.30
CA MET D 82 -7.17 5.07 37.02
C MET D 82 -8.24 6.15 36.83
N ASP D 83 -9.31 5.83 36.10
CA ASP D 83 -10.36 6.82 35.86
C ASP D 83 -11.24 7.00 37.08
N VAL D 84 -11.25 6.03 38.00
CA VAL D 84 -12.11 6.05 39.18
C VAL D 84 -11.64 7.15 40.14
N PRO D 85 -12.56 7.94 40.68
CA PRO D 85 -12.16 8.95 41.68
C PRO D 85 -11.60 8.31 42.94
N GLU D 86 -10.75 9.07 43.64
CA GLU D 86 -10.10 8.54 44.85
C GLU D 86 -11.09 8.31 45.98
N GLU D 87 -12.26 8.96 45.91
CA GLU D 87 -13.28 8.76 46.94
C GLU D 87 -13.79 7.33 46.93
N LEU D 88 -13.99 6.77 45.73
CA LEU D 88 -14.48 5.41 45.59
C LEU D 88 -13.36 4.38 45.60
N GLY D 89 -12.13 4.80 45.89
CA GLY D 89 -11.01 3.88 45.95
C GLY D 89 -10.12 3.85 44.74
N GLY D 90 -10.35 4.73 43.76
CA GLY D 90 -9.55 4.78 42.56
C GLY D 90 -8.34 5.69 42.71
N ALA D 91 -7.68 5.92 41.58
CA ALA D 91 -6.51 6.77 41.52
C ALA D 91 -6.83 8.22 41.16
N GLY D 92 -8.00 8.47 40.57
CA GLY D 92 -8.42 9.82 40.23
C GLY D 92 -7.53 10.49 39.21
N LEU D 93 -7.18 9.78 38.14
CA LEU D 93 -6.28 10.30 37.12
C LEU D 93 -7.05 10.52 35.83
N ASP D 94 -6.52 11.41 35.00
CA ASP D 94 -7.13 11.70 33.71
C ASP D 94 -6.92 10.54 32.75
N TYR D 95 -7.66 10.56 31.64
CA TYR D 95 -7.64 9.44 30.71
C TYR D 95 -6.34 9.39 29.92
N LEU D 96 -5.62 10.51 29.82
CA LEU D 96 -4.31 10.50 29.19
C LEU D 96 -3.34 9.64 29.96
N ALA D 97 -3.37 9.74 31.29
CA ALA D 97 -2.55 8.88 32.13
C ALA D 97 -2.93 7.42 31.93
N TYR D 98 -4.23 7.15 31.77
CA TYR D 98 -4.68 5.80 31.50
C TYR D 98 -4.14 5.28 30.19
N ALA D 99 -4.12 6.12 29.16
CA ALA D 99 -3.59 5.71 27.86
C ALA D 99 -2.09 5.41 27.96
N ILE D 100 -1.36 6.25 28.69
CA ILE D 100 0.07 6.04 28.86
C ILE D 100 0.34 4.72 29.59
N ALA D 101 -0.39 4.49 30.68
CA ALA D 101 -0.20 3.26 31.45
C ALA D 101 -0.58 2.03 30.64
N MET D 102 -1.66 2.13 29.85
CA MET D 102 -2.06 1.02 29.00
C MET D 102 -1.00 0.72 27.96
N GLU D 103 -0.41 1.76 27.37
CA GLU D 103 0.66 1.55 26.39
C GLU D 103 1.85 0.86 27.02
N GLU D 104 2.25 1.30 28.22
CA GLU D 104 3.40 0.68 28.87
C GLU D 104 3.12 -0.77 29.27
N ILE D 105 1.94 -1.04 29.80
CA ILE D 105 1.61 -2.41 30.21
C ILE D 105 1.52 -3.33 29.01
N SER D 106 0.90 -2.87 27.92
CA SER D 106 0.81 -3.69 26.72
C SER D 106 2.18 -3.88 26.08
N ARG D 107 3.09 -2.91 26.27
CA ARG D 107 4.48 -3.13 25.89
C ARG D 107 5.09 -4.24 26.71
N GLY D 108 4.75 -4.31 28.01
CA GLY D 108 5.20 -5.42 28.83
C GLY D 108 4.59 -6.75 28.43
N CYS D 109 3.26 -6.80 28.30
CA CYS D 109 2.55 -8.04 28.01
C CYS D 109 1.18 -7.68 27.46
N ALA D 110 0.81 -8.30 26.33
CA ALA D 110 -0.40 -7.88 25.64
C ALA D 110 -1.66 -8.37 26.36
N SER D 111 -1.64 -9.60 26.87
CA SER D 111 -2.82 -10.15 27.54
C SER D 111 -3.12 -9.39 28.83
N THR D 112 -2.07 -9.08 29.59
CA THR D 112 -2.24 -8.24 30.78
C THR D 112 -2.78 -6.87 30.39
N GLY D 113 -2.34 -6.35 29.25
CA GLY D 113 -2.84 -5.11 28.73
C GLY D 113 -4.32 -5.15 28.42
N VAL D 114 -4.79 -6.21 27.78
CA VAL D 114 -6.21 -6.25 27.42
C VAL D 114 -7.07 -6.50 28.66
N ILE D 115 -6.54 -7.24 29.64
CA ILE D 115 -7.28 -7.41 30.90
C ILE D 115 -7.42 -6.08 31.62
N MET D 116 -6.32 -5.33 31.69
CA MET D 116 -6.35 -4.01 32.31
C MET D 116 -7.29 -3.07 31.57
N SER D 117 -7.26 -3.11 30.23
CA SER D 117 -8.13 -2.25 29.44
C SER D 117 -9.60 -2.57 29.68
N VAL D 118 -9.94 -3.87 29.69
CA VAL D 118 -11.33 -4.25 29.93
C VAL D 118 -11.78 -3.79 31.31
N ASN D 119 -10.99 -4.08 32.34
CA ASN D 119 -11.38 -3.72 33.71
C ASN D 119 -11.49 -2.21 33.88
N ASN D 120 -10.57 -1.44 33.29
CA ASN D 120 -10.61 0.00 33.46
C ASN D 120 -11.75 0.63 32.67
N SER D 121 -11.79 0.42 31.37
CA SER D 121 -12.83 1.07 30.58
C SER D 121 -14.15 0.31 30.64
N LEU D 122 -14.20 -0.91 30.10
CA LEU D 122 -15.46 -1.50 29.70
C LEU D 122 -16.34 -1.87 30.88
N TYR D 123 -15.75 -2.05 32.06
CA TYR D 123 -16.56 -2.36 33.23
C TYR D 123 -16.76 -1.13 34.09
N LEU D 124 -15.68 -0.43 34.42
CA LEU D 124 -15.76 0.65 35.41
C LEU D 124 -16.41 1.90 34.82
N GLY D 125 -16.09 2.25 33.57
CA GLY D 125 -16.58 3.47 32.97
C GLY D 125 -18.09 3.62 32.89
N PRO D 126 -18.80 2.63 32.36
CA PRO D 126 -20.28 2.75 32.33
C PRO D 126 -20.92 2.86 33.70
N ILE D 127 -20.37 2.17 34.71
CA ILE D 127 -20.96 2.24 36.04
C ILE D 127 -20.78 3.63 36.64
N LEU D 128 -19.58 4.20 36.50
CA LEU D 128 -19.34 5.55 37.00
C LEU D 128 -20.15 6.58 36.22
N LYS D 129 -20.30 6.36 34.91
CA LYS D 129 -20.94 7.36 34.07
C LYS D 129 -22.46 7.34 34.22
N PHE D 130 -23.06 6.18 34.45
CA PHE D 130 -24.50 6.05 34.43
C PHE D 130 -25.12 5.49 35.69
N GLY D 131 -24.40 4.67 36.45
CA GLY D 131 -25.00 4.04 37.61
C GLY D 131 -25.23 5.03 38.75
N SER D 132 -26.19 4.68 39.61
CA SER D 132 -26.46 5.50 40.78
C SER D 132 -25.37 5.29 41.83
N LYS D 133 -25.44 6.11 42.88
CA LYS D 133 -24.38 6.11 43.90
C LYS D 133 -24.32 4.79 44.64
N GLU D 134 -25.48 4.19 44.94
CA GLU D 134 -25.50 2.90 45.60
C GLU D 134 -24.86 1.82 44.72
N GLN D 135 -25.15 1.86 43.43
CA GLN D 135 -24.53 0.91 42.50
C GLN D 135 -23.03 1.15 42.40
N LYS D 136 -22.61 2.42 42.45
CA LYS D 136 -21.18 2.71 42.49
C LYS D 136 -20.51 2.13 43.72
N GLN D 137 -21.15 2.28 44.88
CA GLN D 137 -20.58 1.75 46.12
C GLN D 137 -20.52 0.23 46.09
N ALA D 138 -21.55 -0.41 45.54
CA ALA D 138 -21.63 -1.86 45.57
C ALA D 138 -20.93 -2.54 44.40
N TRP D 139 -20.47 -1.80 43.40
CA TRP D 139 -19.90 -2.42 42.21
C TRP D 139 -18.61 -1.79 41.72
N VAL D 140 -18.10 -0.74 42.36
CA VAL D 140 -16.84 -0.11 41.95
C VAL D 140 -15.79 -0.24 43.04
N THR D 141 -16.15 0.08 44.28
CA THR D 141 -15.20 0.05 45.39
C THR D 141 -14.53 -1.29 45.61
N PRO D 142 -15.22 -2.45 45.58
CA PRO D 142 -14.47 -3.71 45.66
C PRO D 142 -13.57 -3.97 44.46
N PHE D 143 -13.88 -3.39 43.31
CA PHE D 143 -13.16 -3.71 42.07
C PHE D 143 -11.99 -2.78 41.80
N THR D 144 -11.79 -1.75 42.62
CA THR D 144 -10.62 -0.89 42.46
C THR D 144 -9.36 -1.56 42.98
N SER D 145 -9.51 -2.39 44.01
CA SER D 145 -8.34 -2.96 44.69
C SER D 145 -7.61 -3.97 43.82
N GLY D 146 -8.27 -4.50 42.80
CA GLY D 146 -7.68 -5.53 41.95
C GLY D 146 -8.01 -6.94 42.37
N ASP D 147 -8.71 -7.12 43.49
CA ASP D 147 -9.10 -8.46 43.90
C ASP D 147 -10.10 -9.06 42.93
N LYS D 148 -11.03 -8.25 42.43
CA LYS D 148 -12.05 -8.70 41.51
C LYS D 148 -12.01 -7.83 40.26
N ILE D 149 -12.40 -8.42 39.13
CA ILE D 149 -12.44 -7.72 37.86
C ILE D 149 -13.80 -7.94 37.21
N GLY D 150 -14.08 -7.14 36.18
CA GLY D 150 -15.35 -7.18 35.49
C GLY D 150 -15.20 -7.63 34.05
N CYS D 151 -16.33 -7.64 33.35
CA CYS D 151 -16.37 -8.05 31.95
C CYS D 151 -17.48 -7.30 31.23
N PHE D 152 -17.36 -7.20 29.92
CA PHE D 152 -18.30 -6.47 29.08
C PHE D 152 -19.00 -7.45 28.16
N ALA D 153 -20.31 -7.62 28.35
CA ALA D 153 -21.08 -8.61 27.63
C ALA D 153 -22.03 -7.93 26.66
N LEU D 154 -21.59 -7.76 25.41
CA LEU D 154 -22.47 -7.21 24.39
C LEU D 154 -22.67 -8.17 23.22
N SER D 155 -21.57 -8.73 22.72
CA SER D 155 -21.63 -9.50 21.48
C SER D 155 -22.37 -10.82 21.68
N GLU D 156 -22.96 -11.32 20.60
CA GLU D 156 -23.70 -12.56 20.55
C GLU D 156 -23.21 -13.38 19.35
N PRO D 157 -23.40 -14.72 19.37
CA PRO D 157 -22.99 -15.52 18.21
C PRO D 157 -23.72 -15.14 16.93
N GLY D 158 -24.96 -14.67 17.05
CA GLY D 158 -25.71 -14.29 15.86
C GLY D 158 -25.17 -13.03 15.20
N ASN D 159 -24.91 -12.00 15.99
CA ASN D 159 -24.45 -10.71 15.48
C ASN D 159 -23.20 -10.27 16.23
N GLY D 160 -22.12 -10.03 15.48
CA GLY D 160 -20.92 -9.49 16.09
C GLY D 160 -20.78 -7.98 15.94
N SER D 161 -20.95 -7.48 14.71
CA SER D 161 -20.79 -6.05 14.47
C SER D 161 -22.11 -5.30 14.69
N ASP D 162 -23.21 -5.89 14.25
CA ASP D 162 -24.53 -5.30 14.42
C ASP D 162 -24.93 -5.45 15.89
N ALA D 163 -24.45 -4.50 16.70
CA ALA D 163 -24.66 -4.58 18.15
C ALA D 163 -26.13 -4.37 18.51
N GLY D 164 -26.87 -3.65 17.68
CA GLY D 164 -28.27 -3.38 17.95
C GLY D 164 -29.17 -4.59 17.75
N ALA D 165 -28.67 -5.66 17.15
CA ALA D 165 -29.45 -6.86 16.88
C ALA D 165 -29.27 -7.94 17.94
N ALA D 166 -28.99 -7.55 19.18
CA ALA D 166 -28.82 -8.53 20.25
C ALA D 166 -30.13 -9.23 20.56
N SER D 167 -30.07 -10.55 20.71
CA SER D 167 -31.26 -11.36 20.92
C SER D 167 -31.50 -11.76 22.37
N THR D 168 -30.63 -11.38 23.29
CA THR D 168 -30.83 -11.66 24.71
C THR D 168 -32.05 -10.91 25.22
N THR D 169 -32.96 -11.65 25.86
CA THR D 169 -34.21 -11.06 26.34
C THR D 169 -34.19 -10.92 27.85
N ALA D 170 -34.79 -9.83 28.34
CA ALA D 170 -34.86 -9.54 29.76
C ALA D 170 -36.31 -9.22 30.12
N ARG D 171 -37.08 -10.26 30.43
CA ARG D 171 -38.47 -10.08 30.81
C ARG D 171 -38.57 -9.56 32.24
N ALA D 172 -39.41 -8.54 32.43
CA ALA D 172 -39.61 -7.95 33.76
C ALA D 172 -40.77 -8.66 34.46
N GLU D 173 -40.53 -9.91 34.83
CA GLU D 173 -41.53 -10.70 35.52
C GLU D 173 -41.35 -10.56 37.03
N GLY D 174 -42.42 -10.15 37.71
CA GLY D 174 -42.33 -9.97 39.15
C GLY D 174 -41.47 -8.78 39.50
N ASP D 175 -40.68 -8.94 40.56
CA ASP D 175 -39.78 -7.89 41.03
C ASP D 175 -38.34 -8.11 40.59
N SER D 176 -38.12 -9.01 39.63
CA SER D 176 -36.78 -9.36 39.19
C SER D 176 -36.73 -9.35 37.68
N TRP D 177 -35.53 -9.10 37.14
CA TRP D 177 -35.30 -9.18 35.71
C TRP D 177 -34.85 -10.60 35.38
N VAL D 178 -35.68 -11.33 34.64
CA VAL D 178 -35.36 -12.69 34.23
C VAL D 178 -34.63 -12.61 32.89
N LEU D 179 -33.41 -13.13 32.86
CA LEU D 179 -32.55 -13.02 31.68
C LEU D 179 -32.50 -14.36 30.96
N ASN D 180 -32.73 -14.33 29.66
CA ASN D 180 -32.58 -15.50 28.80
C ASN D 180 -31.78 -15.11 27.56
N GLY D 181 -30.81 -15.95 27.20
CA GLY D 181 -29.99 -15.69 26.04
C GLY D 181 -28.59 -16.23 26.17
N THR D 182 -27.74 -15.98 25.18
CA THR D 182 -26.37 -16.48 25.18
C THR D 182 -25.45 -15.42 24.64
N LYS D 183 -24.59 -14.87 25.51
CA LYS D 183 -23.56 -13.95 25.05
C LYS D 183 -22.34 -14.73 24.62
N ALA D 184 -21.45 -14.08 23.88
CA ALA D 184 -20.29 -14.75 23.32
C ALA D 184 -19.07 -13.84 23.36
N TRP D 185 -17.91 -14.48 23.30
CA TRP D 185 -16.59 -13.83 23.26
C TRP D 185 -16.30 -12.97 24.48
N ILE D 186 -16.87 -13.29 25.64
CA ILE D 186 -16.73 -12.45 26.81
C ILE D 186 -15.32 -12.57 27.36
N THR D 187 -14.59 -11.46 27.37
CA THR D 187 -13.26 -11.44 27.96
C THR D 187 -13.36 -11.52 29.48
N ASN D 188 -12.39 -12.21 30.08
CA ASN D 188 -12.31 -12.43 31.53
C ASN D 188 -13.54 -13.12 32.07
N ALA D 189 -14.18 -13.98 31.26
CA ALA D 189 -15.38 -14.65 31.70
C ALA D 189 -15.10 -15.63 32.83
N TRP D 190 -13.91 -16.22 32.84
CA TRP D 190 -13.53 -17.19 33.87
C TRP D 190 -12.90 -16.55 35.10
N GLU D 191 -12.78 -15.22 35.13
CA GLU D 191 -12.20 -14.54 36.27
C GLU D 191 -13.06 -13.40 36.81
N ALA D 192 -14.10 -12.98 36.08
CA ALA D 192 -14.88 -11.82 36.49
C ALA D 192 -15.79 -12.16 37.66
N SER D 193 -15.90 -11.21 38.58
CA SER D 193 -16.88 -11.29 39.66
C SER D 193 -18.12 -10.43 39.41
N ALA D 194 -18.19 -9.79 38.24
CA ALA D 194 -19.37 -9.01 37.86
C ALA D 194 -19.42 -8.94 36.34
N ALA D 195 -20.60 -8.57 35.83
CA ALA D 195 -20.82 -8.54 34.39
C ALA D 195 -21.74 -7.39 34.03
N VAL D 196 -21.43 -6.72 32.92
CA VAL D 196 -22.30 -5.71 32.33
C VAL D 196 -22.94 -6.37 31.11
N VAL D 197 -24.19 -6.79 31.27
CA VAL D 197 -24.88 -7.56 30.24
C VAL D 197 -25.95 -6.68 29.60
N PHE D 198 -25.98 -6.66 28.27
CA PHE D 198 -26.96 -5.87 27.56
C PHE D 198 -27.99 -6.75 26.89
N ALA D 199 -29.24 -6.69 27.35
CA ALA D 199 -30.28 -7.51 26.78
C ALA D 199 -31.43 -6.65 26.27
N SER D 200 -32.03 -7.05 25.16
CA SER D 200 -33.13 -6.27 24.58
C SER D 200 -34.43 -6.55 25.32
N THR D 201 -34.86 -5.60 26.13
CA THR D 201 -36.12 -5.75 26.84
C THR D 201 -37.28 -5.73 25.85
N ASP D 202 -37.20 -4.85 24.86
CA ASP D 202 -38.25 -4.77 23.85
C ASP D 202 -37.70 -5.13 22.48
N ARG D 203 -38.18 -6.24 21.91
CA ARG D 203 -37.68 -6.68 20.63
C ARG D 203 -38.00 -5.69 19.52
N ALA D 204 -39.20 -5.15 19.53
CA ALA D 204 -39.61 -4.21 18.49
C ALA D 204 -38.61 -3.06 18.41
N LEU D 205 -38.14 -2.60 19.57
CA LEU D 205 -37.17 -1.52 19.59
C LEU D 205 -35.79 -2.09 19.31
N GLN D 206 -35.26 -1.84 18.12
CA GLN D 206 -33.96 -2.40 17.75
C GLN D 206 -32.88 -1.95 18.73
N ASN D 207 -32.81 -0.65 18.99
CA ASN D 207 -31.83 -0.15 19.93
C ASN D 207 -32.50 0.34 21.20
N LYS D 208 -33.74 0.80 21.09
CA LYS D 208 -34.47 1.27 22.25
C LYS D 208 -34.69 0.13 23.23
N GLY D 209 -34.97 -1.07 22.70
CA GLY D 209 -35.19 -2.21 23.55
C GLY D 209 -33.96 -2.56 24.36
N ILE D 210 -32.79 -2.32 23.78
CA ILE D 210 -31.55 -2.67 24.46
C ILE D 210 -31.49 -2.07 25.86
N SER D 211 -31.18 -2.90 26.84
CA SER D 211 -31.09 -2.43 28.22
C SER D 211 -29.91 -3.09 28.92
N ALA D 212 -29.16 -2.31 29.69
CA ALA D 212 -27.98 -2.84 30.38
C ALA D 212 -28.34 -3.41 31.75
N PHE D 213 -27.54 -4.35 32.23
CA PHE D 213 -27.79 -4.96 33.53
C PHE D 213 -26.47 -5.31 34.19
N LEU D 214 -26.38 -5.08 35.50
CA LEU D 214 -25.20 -5.45 36.28
C LEU D 214 -25.43 -6.82 36.90
N VAL D 215 -24.82 -7.85 36.32
CA VAL D 215 -25.03 -9.24 36.72
C VAL D 215 -23.84 -9.69 37.55
N PRO D 216 -24.02 -10.05 38.82
CA PRO D 216 -22.92 -10.63 39.59
C PRO D 216 -22.59 -12.03 39.11
N MET D 217 -21.34 -12.42 39.29
CA MET D 217 -20.85 -13.74 38.87
C MET D 217 -20.09 -14.35 40.04
N PRO D 218 -20.34 -15.62 40.39
CA PRO D 218 -21.36 -16.52 39.83
C PRO D 218 -22.74 -16.31 40.42
N THR D 219 -23.78 -16.60 39.65
CA THR D 219 -25.16 -16.49 40.12
C THR D 219 -25.92 -17.70 39.55
N PRO D 220 -26.97 -18.15 40.24
CA PRO D 220 -27.79 -19.24 39.68
C PRO D 220 -28.40 -18.85 38.35
N GLY D 221 -28.46 -19.82 37.44
CA GLY D 221 -28.96 -19.59 36.10
C GLY D 221 -27.91 -19.14 35.10
N LEU D 222 -26.67 -18.94 35.53
CA LEU D 222 -25.59 -18.53 34.65
C LEU D 222 -24.56 -19.65 34.55
N THR D 223 -24.24 -20.06 33.33
CA THR D 223 -23.22 -21.07 33.09
C THR D 223 -22.17 -20.50 32.16
N LEU D 224 -20.90 -20.81 32.45
CA LEU D 224 -19.79 -20.33 31.65
C LEU D 224 -19.47 -21.33 30.56
N GLY D 225 -19.31 -20.84 29.33
CA GLY D 225 -18.91 -21.70 28.25
C GLY D 225 -17.44 -22.07 28.33
N LYS D 226 -17.06 -23.03 27.49
CA LYS D 226 -15.68 -23.48 27.44
C LYS D 226 -14.76 -22.37 26.93
N LYS D 227 -13.54 -22.35 27.45
CA LYS D 227 -12.55 -21.39 26.96
C LYS D 227 -12.23 -21.66 25.50
N GLU D 228 -11.94 -20.58 24.77
CA GLU D 228 -11.67 -20.66 23.34
C GLU D 228 -10.18 -20.47 23.12
N ASP D 229 -9.56 -21.42 22.42
CA ASP D 229 -8.17 -21.28 22.02
C ASP D 229 -8.06 -20.19 20.95
N LYS D 230 -7.18 -19.23 21.18
CA LYS D 230 -7.08 -18.06 20.31
C LYS D 230 -5.70 -17.99 19.68
N LEU D 231 -5.62 -17.30 18.55
CA LEU D 231 -4.34 -17.17 17.85
C LEU D 231 -3.35 -16.32 18.64
N GLY D 232 -3.80 -15.22 19.21
CA GLY D 232 -2.89 -14.26 19.79
C GLY D 232 -2.85 -14.21 21.30
N ILE D 233 -3.54 -13.22 21.88
CA ILE D 233 -3.55 -13.02 23.33
C ILE D 233 -4.17 -14.24 23.98
N ARG D 234 -3.38 -14.95 24.80
CA ARG D 234 -3.84 -16.19 25.39
C ARG D 234 -3.78 -16.20 26.91
N GLY D 235 -3.27 -15.14 27.55
CA GLY D 235 -3.39 -15.03 28.99
C GLY D 235 -4.82 -14.81 29.44
N SER D 236 -5.55 -13.97 28.72
CA SER D 236 -6.93 -13.70 29.06
C SER D 236 -7.82 -14.89 28.70
N SER D 237 -8.91 -15.02 29.43
CA SER D 237 -9.87 -16.11 29.24
C SER D 237 -11.08 -15.59 28.49
N THR D 238 -11.35 -16.16 27.33
CA THR D 238 -12.49 -15.79 26.51
C THR D 238 -13.49 -16.95 26.49
N ALA D 239 -14.74 -16.68 26.85
CA ALA D 239 -15.74 -17.71 26.91
C ALA D 239 -17.08 -17.13 26.48
N ASN D 240 -18.10 -17.98 26.47
CA ASN D 240 -19.46 -17.62 26.08
C ASN D 240 -20.36 -17.72 27.31
N LEU D 241 -20.89 -16.58 27.75
CA LEU D 241 -21.85 -16.59 28.84
C LEU D 241 -23.19 -17.11 28.36
N ILE D 242 -23.78 -18.02 29.13
CA ILE D 242 -25.08 -18.61 28.80
C ILE D 242 -26.01 -18.32 29.97
N PHE D 243 -27.12 -17.63 29.69
CA PHE D 243 -28.11 -17.28 30.69
C PHE D 243 -29.34 -18.16 30.48
N GLU D 244 -29.73 -18.89 31.52
CA GLU D 244 -30.91 -19.74 31.49
C GLU D 244 -31.74 -19.43 32.73
N ASP D 245 -32.79 -18.63 32.56
CA ASP D 245 -33.68 -18.19 33.63
C ASP D 245 -32.92 -17.50 34.75
N CYS D 246 -31.93 -16.68 34.40
CA CYS D 246 -31.15 -15.96 35.40
C CYS D 246 -31.94 -14.74 35.86
N ARG D 247 -32.17 -14.65 37.16
CA ARG D 247 -32.93 -13.55 37.74
C ARG D 247 -32.02 -12.70 38.61
N ILE D 248 -32.16 -11.38 38.48
CA ILE D 248 -31.36 -10.42 39.22
C ILE D 248 -32.32 -9.44 39.90
N PRO D 249 -31.92 -8.79 41.00
CA PRO D 249 -32.82 -7.81 41.63
C PRO D 249 -33.04 -6.61 40.72
N LYS D 250 -34.13 -5.88 41.00
CA LYS D 250 -34.55 -4.79 40.12
C LYS D 250 -33.54 -3.65 40.11
N ASP D 251 -32.71 -3.55 41.14
CA ASP D 251 -31.72 -2.48 41.19
C ASP D 251 -30.55 -2.72 40.25
N SER D 252 -30.43 -3.92 39.68
CA SER D 252 -29.25 -4.25 38.90
C SER D 252 -29.27 -3.60 37.52
N ILE D 253 -30.40 -3.02 37.12
CA ILE D 253 -30.46 -2.39 35.81
C ILE D 253 -29.66 -1.09 35.84
N LEU D 254 -28.89 -0.86 34.79
CA LEU D 254 -28.02 0.32 34.70
C LEU D 254 -28.79 1.46 34.05
N GLY D 255 -28.99 2.53 34.80
CA GLY D 255 -29.76 3.65 34.29
C GLY D 255 -31.23 3.28 34.17
N GLU D 256 -31.80 3.57 33.01
CA GLU D 256 -33.21 3.31 32.72
C GLU D 256 -33.30 2.54 31.42
N PRO D 257 -34.39 1.78 31.22
CA PRO D 257 -34.52 1.02 29.97
C PRO D 257 -34.53 1.92 28.75
N GLY D 258 -33.87 1.46 27.69
CA GLY D 258 -33.80 2.21 26.45
C GLY D 258 -32.48 2.90 26.24
N MET D 259 -31.78 3.22 27.33
CA MET D 259 -30.51 3.92 27.22
C MET D 259 -29.34 2.98 26.94
N GLY D 260 -29.60 1.67 26.82
CA GLY D 260 -28.55 0.68 26.67
C GLY D 260 -27.64 0.90 25.49
N PHE D 261 -28.20 1.30 24.35
CA PHE D 261 -27.40 1.48 23.15
C PHE D 261 -26.43 2.64 23.29
N LYS D 262 -26.88 3.74 23.90
CA LYS D 262 -26.01 4.89 24.11
C LYS D 262 -24.88 4.55 25.08
N ILE D 263 -25.22 3.80 26.14
CA ILE D 263 -24.21 3.35 27.09
C ILE D 263 -23.18 2.49 26.39
N ALA D 264 -23.65 1.58 25.54
CA ALA D 264 -22.74 0.72 24.78
C ALA D 264 -21.83 1.53 23.87
N MET D 265 -22.38 2.55 23.21
CA MET D 265 -21.59 3.34 22.28
C MET D 265 -20.50 4.13 23.00
N GLN D 266 -20.85 4.77 24.12
CA GLN D 266 -19.85 5.55 24.85
C GLN D 266 -18.77 4.66 25.46
N THR D 267 -19.19 3.51 26.02
CA THR D 267 -18.22 2.55 26.54
C THR D 267 -17.33 2.03 25.41
N LEU D 268 -17.88 1.87 24.21
CA LEU D 268 -17.07 1.45 23.08
C LEU D 268 -16.06 2.51 22.69
N ASP D 269 -16.43 3.79 22.77
CA ASP D 269 -15.46 4.84 22.45
C ASP D 269 -14.29 4.82 23.42
N MET D 270 -14.59 4.72 24.73
CA MET D 270 -13.50 4.66 25.71
C MET D 270 -12.65 3.41 25.52
N GLY D 271 -13.29 2.28 25.23
CA GLY D 271 -12.55 1.07 24.95
C GLY D 271 -11.69 1.18 23.70
N ARG D 272 -12.16 1.92 22.70
CA ARG D 272 -11.37 2.13 21.49
C ARG D 272 -10.11 2.91 21.81
N ILE D 273 -10.22 3.91 22.68
CA ILE D 273 -9.02 4.62 23.13
C ILE D 273 -8.05 3.65 23.81
N GLY D 274 -8.57 2.80 24.69
CA GLY D 274 -7.71 1.83 25.37
C GLY D 274 -7.05 0.85 24.42
N ILE D 275 -7.79 0.37 23.42
CA ILE D 275 -7.24 -0.59 22.47
C ILE D 275 -6.19 0.07 21.58
N ALA D 276 -6.40 1.34 21.24
CA ALA D 276 -5.39 2.08 20.51
C ALA D 276 -4.09 2.16 21.32
N SER D 277 -4.22 2.41 22.63
CA SER D 277 -3.03 2.42 23.48
C SER D 277 -2.34 1.06 23.49
N GLN D 278 -3.13 -0.01 23.55
CA GLN D 278 -2.55 -1.37 23.56
C GLN D 278 -1.80 -1.65 22.27
N ALA D 279 -2.38 -1.29 21.13
CA ALA D 279 -1.72 -1.50 19.84
C ALA D 279 -0.44 -0.68 19.75
N LEU D 280 -0.46 0.53 20.31
CA LEU D 280 0.76 1.33 20.38
C LEU D 280 1.85 0.62 21.16
N GLY D 281 1.49 0.04 22.30
CA GLY D 281 2.49 -0.68 23.10
C GLY D 281 3.07 -1.86 22.36
N ILE D 282 2.22 -2.62 21.67
CA ILE D 282 2.69 -3.79 20.92
C ILE D 282 3.64 -3.35 19.80
N ALA D 283 3.26 -2.32 19.06
CA ALA D 283 4.11 -1.82 17.99
C ALA D 283 5.44 -1.30 18.52
N GLN D 284 5.40 -0.64 19.69
CA GLN D 284 6.62 -0.10 20.27
C GLN D 284 7.59 -1.21 20.66
N THR D 285 7.09 -2.26 21.31
CA THR D 285 8.01 -3.32 21.73
C THR D 285 8.51 -4.11 20.52
N ALA D 286 7.67 -4.29 19.49
CA ALA D 286 8.13 -4.94 18.27
C ALA D 286 9.23 -4.13 17.60
N LEU D 287 9.07 -2.80 17.54
CA LEU D 287 10.10 -1.95 16.96
C LEU D 287 11.39 -2.00 17.75
N ASP D 288 11.29 -2.01 19.09
CA ASP D 288 12.49 -2.08 19.93
C ASP D 288 13.26 -3.36 19.68
N CYS D 289 12.56 -4.50 19.65
CA CYS D 289 13.22 -5.77 19.42
C CYS D 289 13.85 -5.81 18.03
N ALA D 290 13.13 -5.29 17.02
CA ALA D 290 13.64 -5.30 15.65
C ALA D 290 14.90 -4.45 15.52
N VAL D 291 14.90 -3.26 16.14
CA VAL D 291 16.05 -2.37 16.05
C VAL D 291 17.26 -2.99 16.74
N ASN D 292 17.03 -3.57 17.93
CA ASN D 292 18.14 -4.20 18.65
C ASN D 292 18.74 -5.35 17.86
N TYR D 293 17.88 -6.20 17.28
CA TYR D 293 18.39 -7.33 16.50
C TYR D 293 19.10 -6.85 15.25
N ALA D 294 18.57 -5.81 14.60
CA ALA D 294 19.19 -5.30 13.38
C ALA D 294 20.57 -4.72 13.67
N GLU D 295 20.73 -4.05 14.80
CA GLU D 295 22.05 -3.57 15.17
C GLU D 295 22.99 -4.73 15.52
N ASN D 296 22.47 -5.77 16.17
CA ASN D 296 23.35 -6.86 16.61
C ASN D 296 23.75 -7.76 15.45
N ARG D 297 22.82 -8.05 14.54
CA ARG D 297 23.06 -9.03 13.49
C ARG D 297 24.06 -8.50 12.46
N MET D 298 24.92 -9.39 11.98
CA MET D 298 25.93 -9.07 10.99
C MET D 298 25.65 -9.86 9.71
N ALA D 299 25.60 -9.16 8.57
CA ALA D 299 25.43 -9.79 7.27
C ALA D 299 26.29 -9.05 6.26
N PHE D 300 26.95 -9.82 5.38
CA PHE D 300 27.87 -9.29 4.37
C PHE D 300 28.97 -8.44 5.00
N GLY D 301 29.47 -8.88 6.15
CA GLY D 301 30.54 -8.18 6.82
C GLY D 301 30.18 -6.83 7.40
N ALA D 302 28.90 -6.54 7.56
CA ALA D 302 28.44 -5.26 8.07
C ALA D 302 27.21 -5.47 8.93
N PRO D 303 26.93 -4.57 9.87
CA PRO D 303 25.64 -4.63 10.58
C PRO D 303 24.49 -4.38 9.63
N LEU D 304 23.33 -4.92 9.97
CA LEU D 304 22.16 -4.81 9.10
C LEU D 304 21.70 -3.36 8.96
N THR D 305 22.02 -2.51 9.93
CA THR D 305 21.61 -1.11 9.85
C THR D 305 22.36 -0.36 8.76
N LYS D 306 23.48 -0.90 8.29
CA LYS D 306 24.21 -0.24 7.21
C LYS D 306 23.46 -0.36 5.88
N LEU D 307 22.65 -1.41 5.74
CA LEU D 307 21.85 -1.58 4.54
C LEU D 307 20.76 -0.51 4.47
N GLN D 308 20.58 0.08 3.29
CA GLN D 308 19.62 1.17 3.17
C GLN D 308 18.18 0.68 3.28
N VAL D 309 17.93 -0.55 2.85
CA VAL D 309 16.57 -1.10 2.91
C VAL D 309 16.12 -1.24 4.36
N ILE D 310 17.02 -1.72 5.22
CA ILE D 310 16.70 -1.84 6.64
C ILE D 310 16.43 -0.47 7.25
N GLN D 311 17.24 0.52 6.87
CA GLN D 311 17.05 1.88 7.38
C GLN D 311 15.70 2.43 6.96
N PHE D 312 15.31 2.21 5.70
CA PHE D 312 14.04 2.71 5.22
C PHE D 312 12.88 2.01 5.92
N LYS D 313 13.01 0.70 6.17
CA LYS D 313 11.98 -0.01 6.92
C LYS D 313 11.84 0.56 8.33
N LEU D 314 12.97 0.80 9.00
CA LEU D 314 12.92 1.33 10.36
C LEU D 314 12.33 2.73 10.38
N ALA D 315 12.65 3.55 9.38
CA ALA D 315 12.10 4.90 9.29
C ALA D 315 10.59 4.86 9.12
N ASP D 316 10.10 4.00 8.22
CA ASP D 316 8.66 3.89 8.02
C ASP D 316 7.96 3.40 9.28
N MET D 317 8.55 2.42 9.96
CA MET D 317 7.94 1.90 11.19
C MET D 317 7.88 2.98 12.27
N ALA D 318 8.97 3.73 12.45
CA ALA D 318 8.98 4.78 13.46
C ALA D 318 7.98 5.88 13.13
N LEU D 319 7.89 6.26 11.86
CA LEU D 319 6.92 7.28 11.46
C LEU D 319 5.50 6.84 11.75
N ALA D 320 5.15 5.61 11.38
CA ALA D 320 3.79 5.12 11.61
C ALA D 320 3.49 5.05 13.10
N LEU D 321 4.44 4.57 13.90
CA LEU D 321 4.21 4.46 15.33
C LEU D 321 4.00 5.82 15.97
N GLU D 322 4.85 6.77 15.66
CA GLU D 322 4.75 8.08 16.29
C GLU D 322 3.48 8.80 15.86
N SER D 323 3.13 8.69 14.58
CA SER D 323 1.93 9.33 14.09
C SER D 323 0.72 8.81 14.83
N ALA D 324 0.64 7.49 14.99
CA ALA D 324 -0.47 6.90 15.71
C ALA D 324 -0.48 7.38 17.14
N ARG D 325 0.65 7.30 17.81
CA ARG D 325 0.74 7.76 19.19
C ARG D 325 0.18 9.17 19.33
N LEU D 326 0.47 10.04 18.38
CA LEU D 326 -0.06 11.39 18.43
C LEU D 326 -1.58 11.36 18.41
N LEU D 327 -2.16 10.64 17.45
CA LEU D 327 -3.61 10.58 17.33
C LEU D 327 -4.22 10.08 18.63
N THR D 328 -3.64 9.03 19.19
CA THR D 328 -4.16 8.49 20.44
C THR D 328 -4.15 9.56 21.51
N TRP D 329 -3.02 10.24 21.68
CA TRP D 329 -2.91 11.26 22.71
C TRP D 329 -3.90 12.40 22.48
N ARG D 330 -4.12 12.76 21.22
CA ARG D 330 -5.12 13.78 20.91
C ARG D 330 -6.52 13.33 21.33
N ALA D 331 -6.85 12.07 21.03
CA ALA D 331 -8.16 11.56 21.43
C ALA D 331 -8.32 11.55 22.95
N ALA D 332 -7.27 11.13 23.66
CA ALA D 332 -7.34 11.09 25.12
C ALA D 332 -7.50 12.48 25.71
N MET D 333 -6.75 13.46 25.19
CA MET D 333 -6.86 14.82 25.71
C MET D 333 -8.21 15.44 25.39
N LEU D 334 -8.77 15.12 24.22
CA LEU D 334 -10.11 15.60 23.90
C LEU D 334 -11.15 15.01 24.84
N LYS D 335 -11.00 13.73 25.20
CA LYS D 335 -11.90 13.16 26.20
C LYS D 335 -11.73 13.84 27.55
N ASP D 336 -10.49 14.13 27.94
CA ASP D 336 -10.23 14.75 29.24
C ASP D 336 -10.82 16.16 29.33
N ASN D 337 -10.90 16.87 28.21
CA ASN D 337 -11.44 18.22 28.21
C ASN D 337 -12.95 18.26 28.07
N LYS D 338 -13.62 17.11 28.23
CA LYS D 338 -15.09 17.01 28.16
C LYS D 338 -15.64 17.52 26.83
N LYS D 339 -15.03 17.09 25.74
CA LYS D 339 -15.44 17.44 24.39
C LYS D 339 -15.69 16.18 23.58
N PRO D 340 -16.52 16.26 22.53
CA PRO D 340 -16.79 15.07 21.71
C PRO D 340 -15.52 14.51 21.10
N PHE D 341 -15.40 13.18 21.09
CA PHE D 341 -14.17 12.52 20.70
C PHE D 341 -14.41 11.24 19.90
N ILE D 342 -15.61 11.03 19.36
CA ILE D 342 -15.95 9.75 18.75
C ILE D 342 -15.13 9.53 17.49
N LYS D 343 -15.09 10.53 16.61
CA LYS D 343 -14.30 10.43 15.39
C LYS D 343 -12.82 10.31 15.71
N GLU D 344 -12.35 11.07 16.70
CA GLU D 344 -10.95 11.01 17.09
C GLU D 344 -10.59 9.63 17.63
N ALA D 345 -11.46 9.06 18.46
CA ALA D 345 -11.21 7.74 19.01
C ALA D 345 -11.21 6.68 17.92
N ALA D 346 -12.14 6.77 16.97
CA ALA D 346 -12.19 5.82 15.87
C ALA D 346 -10.93 5.91 15.01
N MET D 347 -10.49 7.14 14.71
CA MET D 347 -9.26 7.31 13.95
C MET D 347 -8.07 6.74 14.70
N ALA D 348 -8.00 7.00 16.01
CA ALA D 348 -6.88 6.50 16.79
C ALA D 348 -6.85 4.98 16.80
N LYS D 349 -8.01 4.35 17.00
CA LYS D 349 -8.07 2.89 17.03
C LYS D 349 -7.68 2.29 15.69
N LEU D 350 -8.21 2.84 14.59
CA LEU D 350 -7.91 2.31 13.26
C LEU D 350 -6.43 2.44 12.94
N ALA D 351 -5.88 3.65 13.13
CA ALA D 351 -4.49 3.89 12.80
C ALA D 351 -3.56 3.07 13.67
N ALA D 352 -3.87 2.97 14.97
CA ALA D 352 -3.02 2.20 15.87
C ALA D 352 -3.02 0.73 15.51
N SER D 353 -4.19 0.17 15.21
CA SER D 353 -4.26 -1.25 14.86
C SER D 353 -3.49 -1.55 13.58
N GLU D 354 -3.72 -0.73 12.53
CA GLU D 354 -3.03 -0.99 11.27
C GLU D 354 -1.53 -0.79 11.40
N ALA D 355 -1.10 0.24 12.13
CA ALA D 355 0.31 0.47 12.33
C ALA D 355 0.96 -0.66 13.12
N ALA D 356 0.26 -1.17 14.14
CA ALA D 356 0.80 -2.28 14.92
C ALA D 356 0.96 -3.53 14.07
N THR D 357 -0.03 -3.83 13.23
CA THR D 357 0.08 -5.00 12.36
C THR D 357 1.26 -4.85 11.39
N ALA D 358 1.37 -3.68 10.75
CA ALA D 358 2.44 -3.47 9.79
C ALA D 358 3.82 -3.53 10.46
N ILE D 359 3.95 -2.94 11.63
CA ILE D 359 5.23 -2.91 12.33
C ILE D 359 5.61 -4.30 12.80
N SER D 360 4.65 -5.09 13.29
CA SER D 360 4.95 -6.45 13.71
C SER D 360 5.38 -7.31 12.53
N HIS D 361 4.70 -7.18 11.39
CA HIS D 361 5.07 -7.92 10.20
C HIS D 361 6.47 -7.55 9.73
N GLN D 362 6.78 -6.25 9.73
CA GLN D 362 8.11 -5.82 9.31
C GLN D 362 9.18 -6.25 10.30
N ALA D 363 8.84 -6.32 11.58
CA ALA D 363 9.80 -6.80 12.56
C ALA D 363 10.13 -8.28 12.34
N ILE D 364 9.11 -9.07 12.02
CA ILE D 364 9.35 -10.47 11.68
C ILE D 364 10.22 -10.57 10.44
N GLN D 365 9.94 -9.75 9.44
CA GLN D 365 10.73 -9.77 8.20
C GLN D 365 12.17 -9.38 8.45
N ILE D 366 12.39 -8.38 9.32
CA ILE D 366 13.75 -7.94 9.63
C ILE D 366 14.50 -9.03 10.39
N LEU D 367 13.84 -9.66 11.36
CA LEU D 367 14.48 -10.75 12.08
C LEU D 367 14.76 -11.95 11.18
N GLY D 368 13.95 -12.16 10.15
CA GLY D 368 14.25 -13.23 9.20
C GLY D 368 13.90 -14.59 9.77
N GLY D 369 14.85 -15.52 9.71
CA GLY D 369 14.59 -16.87 10.18
C GLY D 369 14.36 -16.94 11.67
N MET D 370 15.16 -16.20 12.45
CA MET D 370 15.02 -16.23 13.90
C MET D 370 13.69 -15.65 14.36
N GLY D 371 13.05 -14.83 13.53
CA GLY D 371 11.77 -14.28 13.92
C GLY D 371 10.65 -15.31 13.86
N TYR D 372 10.87 -16.38 13.09
CA TYR D 372 9.79 -17.35 12.89
C TYR D 372 9.66 -18.29 14.07
N VAL D 373 10.76 -18.66 14.71
CA VAL D 373 10.70 -19.62 15.81
C VAL D 373 10.09 -18.95 17.04
N THR D 374 9.54 -19.78 17.94
CA THR D 374 8.91 -19.26 19.15
C THR D 374 9.94 -18.85 20.20
N GLU D 375 11.22 -19.17 19.98
CA GLU D 375 12.26 -18.75 20.91
C GLU D 375 12.36 -17.23 20.98
N MET D 376 12.30 -16.58 19.82
CA MET D 376 12.30 -15.12 19.77
C MET D 376 10.87 -14.58 19.92
N PRO D 377 10.70 -13.40 20.50
CA PRO D 377 9.34 -12.91 20.78
C PRO D 377 8.66 -12.18 19.64
N ALA D 378 9.20 -12.24 18.41
CA ALA D 378 8.59 -11.48 17.32
C ALA D 378 7.24 -12.07 16.91
N GLU D 379 7.14 -13.40 16.86
CA GLU D 379 5.89 -14.02 16.44
C GLU D 379 4.78 -13.79 17.46
N ARG D 380 5.14 -13.72 18.75
CA ARG D 380 4.14 -13.39 19.76
C ARG D 380 3.60 -11.99 19.54
N HIS D 381 4.47 -11.05 19.20
CA HIS D 381 4.02 -9.70 18.88
C HIS D 381 3.10 -9.69 17.67
N TYR D 382 3.43 -10.52 16.67
CA TYR D 382 2.59 -10.61 15.47
C TYR D 382 1.19 -11.10 15.81
N ARG D 383 1.11 -12.22 16.53
CA ARG D 383 -0.19 -12.81 16.86
C ARG D 383 -0.98 -11.91 17.79
N ASP D 384 -0.32 -11.21 18.71
CA ASP D 384 -1.03 -10.31 19.60
C ASP D 384 -1.48 -9.06 18.88
N ALA D 385 -0.72 -8.59 17.90
CA ALA D 385 -1.10 -7.39 17.18
C ALA D 385 -2.19 -7.65 16.16
N ARG D 386 -2.38 -8.91 15.76
CA ARG D 386 -3.42 -9.21 14.79
C ARG D 386 -4.82 -8.96 15.36
N ILE D 387 -4.99 -9.04 16.68
CA ILE D 387 -6.34 -8.99 17.25
C ILE D 387 -6.88 -7.56 17.27
N THR D 388 -6.00 -6.55 17.26
CA THR D 388 -6.44 -5.19 17.51
C THR D 388 -7.29 -4.64 16.37
N GLU D 389 -7.32 -5.33 15.23
CA GLU D 389 -8.17 -4.95 14.12
C GLU D 389 -9.53 -5.64 14.11
N ILE D 390 -9.80 -6.49 15.10
CA ILE D 390 -11.01 -7.32 15.10
C ILE D 390 -11.98 -6.87 16.19
N TYR D 391 -11.58 -6.96 17.44
CA TYR D 391 -12.51 -6.62 18.52
C TYR D 391 -12.51 -5.12 18.76
N GLU D 392 -13.47 -4.69 19.58
CA GLU D 392 -13.81 -3.28 19.76
C GLU D 392 -14.13 -2.61 18.42
N GLY D 393 -14.83 -3.35 17.57
CA GLY D 393 -15.20 -2.85 16.27
C GLY D 393 -14.11 -3.10 15.25
N THR D 394 -14.45 -3.80 14.17
CA THR D 394 -13.48 -4.05 13.11
C THR D 394 -13.17 -2.76 12.37
N SER D 395 -12.13 -2.82 11.52
CA SER D 395 -11.67 -1.63 10.83
C SER D 395 -12.72 -1.05 9.91
N GLU D 396 -13.58 -1.90 9.34
CA GLU D 396 -14.64 -1.42 8.48
C GLU D 396 -15.64 -0.57 9.26
N ILE D 397 -15.98 -1.01 10.47
CA ILE D 397 -16.91 -0.25 11.31
C ILE D 397 -16.28 1.08 11.72
N GLN D 398 -14.98 1.08 12.01
CA GLN D 398 -14.30 2.32 12.34
C GLN D 398 -14.33 3.29 11.17
N ARG D 399 -14.10 2.79 9.96
CA ARG D 399 -14.14 3.66 8.80
C ARG D 399 -15.55 4.17 8.53
N LEU D 400 -16.57 3.36 8.82
CA LEU D 400 -17.95 3.82 8.70
C LEU D 400 -18.22 4.97 9.67
N VAL D 401 -17.74 4.83 10.91
CA VAL D 401 -17.94 5.88 11.91
C VAL D 401 -17.23 7.17 11.49
N ILE D 402 -15.99 7.03 11.01
CA ILE D 402 -15.22 8.21 10.59
C ILE D 402 -15.90 8.89 9.41
N ALA D 403 -16.37 8.09 8.44
CA ALA D 403 -17.02 8.66 7.27
C ALA D 403 -18.32 9.37 7.64
N GLY D 404 -19.10 8.77 8.54
CA GLY D 404 -20.34 9.40 8.96
C GLY D 404 -20.10 10.72 9.66
N HIS D 405 -19.11 10.76 10.56
CA HIS D 405 -18.81 12.00 11.27
C HIS D 405 -18.22 13.05 10.34
N LEU D 406 -17.42 12.63 9.36
CA LEU D 406 -16.86 13.57 8.40
C LEU D 406 -17.95 14.22 7.55
N LEU D 407 -18.87 13.41 7.02
CA LEU D 407 -19.95 13.94 6.21
C LEU D 407 -20.90 14.79 7.04
N ARG D 408 -21.11 14.42 8.30
CA ARG D 408 -21.92 15.25 9.19
C ARG D 408 -21.24 16.59 9.46
N SER D 409 -19.91 16.58 9.57
CA SER D 409 -19.17 17.81 9.79
C SER D 409 -19.29 18.74 8.60
N TYR D 410 -19.22 18.20 7.38
CA TYR D 410 -19.34 19.05 6.21
C TYR D 410 -20.78 19.52 6.00
N ARG D 411 -21.76 18.67 6.34
CA ARG D 411 -23.16 19.08 6.24
C ARG D 411 -23.54 19.99 7.40
PA FAD E . -19.56 9.17 -12.15
O1A FAD E . -19.81 10.63 -12.19
O2A FAD E . -20.78 8.33 -11.80
O5B FAD E . -18.39 8.83 -11.17
C5B FAD E . -18.45 9.18 -9.78
C4B FAD E . -17.54 8.31 -8.95
O4B FAD E . -18.32 7.33 -8.23
C3B FAD E . -16.48 7.54 -9.72
O3B FAD E . -15.25 7.50 -9.00
C2B FAD E . -17.08 6.13 -9.85
O2B FAD E . -16.08 5.13 -9.88
C1B FAD E . -17.85 6.02 -8.53
N9A FAD E . -19.01 5.13 -8.59
C8A FAD E . -20.14 5.30 -9.33
N7A FAD E . -21.01 4.34 -9.20
C5A FAD E . -20.41 3.46 -8.31
C6A FAD E . -20.82 2.24 -7.75
N6A FAD E . -21.98 1.65 -8.03
N1A FAD E . -19.97 1.62 -6.90
C2A FAD E . -18.81 2.21 -6.61
N3A FAD E . -18.31 3.36 -7.08
C4A FAD E . -19.17 3.94 -7.93
N1 FAD E . -17.46 7.93 -22.55
C2 FAD E . -17.94 7.31 -23.66
O2 FAD E . -19.07 6.81 -23.70
N3 FAD E . -17.14 7.23 -24.80
C4 FAD E . -15.87 7.73 -24.92
O4 FAD E . -15.26 7.60 -25.98
C4X FAD E . -15.38 8.39 -23.72
N5 FAD E . -14.18 8.89 -23.76
C5X FAD E . -13.71 9.53 -22.62
C6 FAD E . -12.44 10.07 -22.64
C7 FAD E . -11.91 10.71 -21.51
C7M FAD E . -10.52 11.29 -21.57
C8 FAD E . -12.69 10.81 -20.35
C8M FAD E . -12.16 11.49 -19.13
C9 FAD E . -13.97 10.26 -20.33
C9A FAD E . -14.48 9.63 -21.45
N10 FAD E . -15.77 9.05 -21.46
C10 FAD E . -16.26 8.44 -22.59
C1' FAD E . -16.63 9.13 -20.27
C2' FAD E . -16.43 7.97 -19.32
O2' FAD E . -17.46 7.00 -19.49
C3' FAD E . -16.48 8.49 -17.88
O3' FAD E . -15.66 9.64 -17.78
C4' FAD E . -16.03 7.47 -16.84
O4' FAD E . -16.17 6.16 -17.36
C5' FAD E . -16.83 7.59 -15.54
O5' FAD E . -17.83 8.62 -15.70
P FAD E . -18.20 9.60 -14.53
O1P FAD E . -16.92 10.03 -13.81
O2P FAD E . -19.05 10.70 -15.02
O3P FAD E . -19.02 8.67 -13.55
N1A COA F . -21.32 -9.25 -21.33
C2A COA F . -22.65 -9.51 -21.64
N3A COA F . -23.77 -9.15 -21.00
C4A COA F . -23.53 -8.40 -19.87
C5A COA F . -22.20 -8.05 -19.43
C6A COA F . -21.08 -8.50 -20.20
N6A COA F . -19.77 -8.24 -19.88
N7A COA F . -22.31 -7.28 -18.25
C8A COA F . -23.63 -7.18 -18.01
N9A COA F . -24.44 -7.84 -18.97
C1B COA F . -25.99 -7.89 -18.90
C2B COA F . -26.47 -9.20 -18.23
O2B COA F . -26.96 -10.01 -19.23
C3B COA F . -27.70 -8.77 -17.31
O3B COA F . -28.88 -8.76 -17.87
P3B COA F . -30.03 -10.23 -17.72
O7A COA F . -30.54 -9.98 -16.34
O8A COA F . -29.02 -11.33 -17.84
O9A COA F . -31.02 -10.13 -18.85
C4B COA F . -27.18 -7.30 -16.99
O4B COA F . -26.48 -6.86 -18.11
C5B COA F . -26.30 -7.32 -15.72
O5B COA F . -26.00 -6.04 -15.34
P1A COA F . -27.20 -4.82 -15.05
O1A COA F . -28.18 -5.45 -14.14
O2A COA F . -27.67 -4.30 -16.36
O3A COA F . -26.44 -3.44 -14.33
P2A COA F . -26.16 -2.02 -14.96
O4A COA F . -25.75 -1.02 -13.93
O5A COA F . -27.11 -1.57 -16.02
O6A COA F . -24.51 -2.08 -15.83
CBP COA F . -22.31 -1.22 -15.23
CCP COA F . -23.37 -2.43 -15.24
CDP COA F . -21.03 -1.73 -14.64
CEP COA F . -22.85 -0.09 -14.36
CAP COA F . -22.05 -0.71 -16.76
OAP COA F . -22.95 0.30 -17.07
C9P COA F . -20.58 -0.13 -16.95
O9P COA F . -19.71 -0.87 -17.34
N8P COA F . -20.14 1.18 -16.68
C7P COA F . -18.72 1.64 -16.88
C6P COA F . -18.20 1.56 -18.36
C5P COA F . -17.92 2.84 -19.16
O5P COA F . -18.46 3.88 -18.81
N4P COA F . -17.05 2.90 -20.31
C3P COA F . -16.74 4.08 -21.12
C2P COA F . -16.23 3.76 -22.54
S1P COA F . -14.50 4.42 -22.86
H2A COA F . -22.81 -10.13 -22.58
H61A COA F . -18.97 -8.78 -20.15
H62A COA F . -19.48 -7.44 -19.34
H8A COA F . -24.09 -6.64 -17.15
H1B COA F . -26.26 -7.81 -20.01
H2B COA F . -25.66 -9.63 -17.61
HO2A COA F . -26.32 -10.03 -19.93
H3B COA F . -27.61 -9.28 -16.34
H4B COA F . -28.13 -6.79 -16.81
H51A COA F . -25.39 -7.95 -15.90
H52A COA F . -26.80 -7.89 -14.89
H121 COA F . -23.51 -2.75 -14.18
H122 COA F . -22.88 -3.28 -15.75
H131 COA F . -20.31 -0.95 -14.39
H132 COA F . -20.50 -2.44 -15.29
H133 COA F . -21.18 -2.26 -13.68
H141 COA F . -22.11 0.71 -14.18
H142 COA F . -23.15 -0.39 -13.35
H143 COA F . -23.74 0.45 -14.76
H10 COA F . -22.17 -1.57 -17.44
HO1 COA F . -22.73 1.14 -16.68
HN8 COA F . -20.78 1.87 -16.33
H71 COA F . -18.04 1.02 -16.23
H72 COA F . -18.56 2.68 -16.49
H61 COA F . -18.97 0.96 -18.91
H62 COA F . -17.31 0.90 -18.36
HN4 COA F . -16.60 2.05 -20.62
H31 COA F . -16.00 4.77 -20.63
H32 COA F . -17.65 4.72 -21.21
H21 COA F . -16.87 4.20 -23.36
H22 COA F . -16.21 2.67 -22.72
PA FAD G . 19.11 13.87 -7.49
O1A FAD G . 19.31 14.15 -8.93
O2A FAD G . 20.36 13.43 -6.73
O5B FAD G . 17.95 12.83 -7.28
C5B FAD G . 18.04 11.52 -7.86
C4B FAD G . 17.16 10.54 -7.10
O4B FAD G . 17.97 9.70 -6.26
C3B FAD G . 16.10 11.17 -6.19
O3B FAD G . 14.89 10.42 -6.26
C2B FAD G . 16.74 11.07 -4.81
O2B FAD G . 15.76 10.93 -3.79
C1B FAD G . 17.53 9.78 -4.93
N9A FAD G . 18.70 9.73 -4.05
C8A FAD G . 19.82 10.51 -4.13
N7A FAD G . 20.72 10.25 -3.21
C5A FAD G . 20.15 9.22 -2.48
C6A FAD G . 20.60 8.49 -1.36
N6A FAD G . 21.77 8.69 -0.76
N1A FAD G . 19.78 7.53 -0.88
C2A FAD G . 18.61 7.31 -1.47
N3A FAD G . 18.08 7.94 -2.53
C4A FAD G . 18.90 8.88 -2.98
N1 FAD G . 16.85 23.92 -4.59
C2 FAD G . 17.31 24.93 -3.81
O2 FAD G . 18.45 24.91 -3.33
N3 FAD G . 16.51 26.01 -3.55
C4 FAD G . 15.21 26.19 -4.00
O4 FAD G . 14.59 27.20 -3.70
C4X FAD G . 14.73 25.10 -4.82
N5 FAD G . 13.53 25.18 -5.30
C5X FAD G . 13.06 24.15 -6.08
C6 FAD G . 11.77 24.23 -6.60
C7 FAD G . 11.25 23.21 -7.40
C7M FAD G . 9.85 23.33 -7.93
C8 FAD G . 12.05 22.09 -7.69
C8M FAD G . 11.53 20.98 -8.55
C9 FAD G . 13.34 22.02 -7.17
C9A FAD G . 13.85 23.03 -6.38
N10 FAD G . 15.15 22.98 -5.84
C10 FAD G . 15.63 24.00 -5.07
C1' FAD G . 16.03 21.84 -6.12
C2' FAD G . 15.87 20.70 -5.12
O2' FAD G . 16.93 20.74 -4.16
C3' FAD G . 15.94 19.37 -5.86
O3' FAD G . 15.10 19.43 -7.01
C4' FAD G . 15.53 18.17 -5.01
O4' FAD G . 15.68 18.48 -3.63
C5' FAD G . 16.35 16.92 -5.35
O5' FAD G . 17.33 17.27 -6.35
P FAD G . 17.69 16.27 -7.52
O1P FAD G . 16.42 15.60 -8.03
O2P FAD G . 18.51 16.93 -8.54
O3P FAD G . 18.55 15.18 -6.77
N1A COA H . 21.12 20.10 12.10
C2A COA H . 22.45 20.40 12.38
N3A COA H . 23.57 19.85 11.90
C4A COA H . 23.33 18.84 10.98
C5A COA H . 22.00 18.43 10.60
C6A COA H . 20.88 19.10 11.18
N6A COA H . 19.56 18.80 10.90
N7A COA H . 22.12 17.39 9.66
C8A COA H . 23.44 17.19 9.49
N9A COA H . 24.25 18.06 10.27
C1B COA H . 25.80 18.03 10.28
C2B COA H . 26.32 17.16 11.47
O2B COA H . 26.81 18.03 12.41
C3B COA H . 27.55 16.34 10.87
O3B COA H . 28.73 16.93 10.93
P3B COA H . 29.91 16.58 12.33
O7A COA H . 30.45 15.25 11.86
O8A COA H . 28.92 16.50 13.46
O9A COA H . 30.88 17.71 12.39
C4B COA H . 27.00 16.25 9.39
O4B COA H . 26.27 17.42 9.13
C5B COA H . 26.15 14.97 9.22
O5B COA H . 25.84 14.79 7.90
P1A COA H . 27.01 14.72 6.63
O1A COA H . 28.02 13.75 7.09
O2A COA H . 27.44 16.11 6.31
O3A COA H . 26.24 14.21 5.17
P2A COA H . 25.91 15.04 3.86
O4A COA H . 25.50 14.18 2.72
O5A COA H . 26.82 16.19 3.57
O6A COA H . 24.25 15.87 4.10
CBP COA H . 22.04 15.35 3.19
CCP COA H . 23.12 15.21 4.37
CDP COA H . 20.78 14.66 3.63
CEP COA H . 22.57 14.68 1.93
CAP COA H . 21.74 16.93 2.94
OAP COA H . 22.61 17.43 1.97
C9P COA H . 20.25 17.17 2.42
O9P COA H . 19.39 17.45 3.24
N8P COA H . 19.78 17.12 1.10
C7P COA H . 18.35 17.35 0.70
C6P COA H . 17.81 18.80 1.02
C5P COA H . 17.49 19.77 -0.11
O5P COA H . 18.01 19.61 -1.21
N4P COA H . 16.60 20.90 0.03
C3P COA H . 16.24 21.88 -1.00
C2P COA H . 15.71 23.23 -0.45
S1P COA H . 13.96 23.61 -1.02
H2A COA H . 22.61 21.23 13.13
H61A COA H . 18.78 18.96 11.50
H62A COA H . 19.28 18.38 10.04
H8A COA H . 23.91 16.44 8.82
H1B COA H . 26.05 19.13 10.36
H2B COA H . 25.54 16.46 11.81
HO2A COA H . 26.15 18.70 12.56
H3B COA H . 27.50 15.30 11.22
H4B COA H . 27.96 16.18 8.83
H51A COA H . 25.25 15.03 9.89
H52A COA H . 26.67 14.08 9.64
H121 COA H . 23.29 14.11 4.51
H122 COA H . 22.65 15.56 5.30
H131 COA H . 20.05 14.52 2.85
H132 COA H . 20.25 15.19 4.44
H133 COA H . 20.96 13.63 4.00
H141 COA H . 21.81 14.62 1.14
H142 COA H . 22.90 13.64 2.06
H143 COA H . 23.42 15.18 1.44
H10 COA H . 21.87 17.47 3.89
HO1 COA H . 22.38 17.16 1.08
HN8 COA H . 20.42 16.90 0.34
H71 COA H . 17.70 16.61 1.21
H72 COA H . 18.18 17.12 -0.38
H61 COA H . 18.58 19.26 1.69
H62 COA H . 16.93 18.68 1.69
HN4 COA H . 16.16 21.08 0.92
H31 COA H . 15.49 21.49 -1.75
H32 COA H . 17.13 22.09 -1.64
H21 COA H . 16.32 24.10 -0.77
H22 COA H . 15.71 23.23 0.64
PA FAD I . 19.67 -12.92 7.75
O1A FAD I . 19.87 -13.18 9.19
O2A FAD I . 20.90 -12.41 7.01
O5B FAD I . 18.47 -11.94 7.53
C5B FAD I . 18.48 -10.61 8.10
C4B FAD I . 17.56 -9.68 7.34
O4B FAD I . 18.35 -8.80 6.50
C3B FAD I . 16.55 -10.36 6.41
O3B FAD I . 15.30 -9.68 6.45
C2B FAD I . 17.20 -10.23 5.04
O2B FAD I . 16.23 -10.15 4.00
C1B FAD I . 17.93 -8.90 5.16
N9A FAD I . 19.10 -8.79 4.31
C8A FAD I . 20.26 -9.51 4.39
N7A FAD I . 21.16 -9.21 3.50
C5A FAD I . 20.55 -8.21 2.75
C6A FAD I . 20.97 -7.45 1.65
N6A FAD I . 22.17 -7.60 1.07
N1A FAD I . 20.12 -6.53 1.15
C2A FAD I . 18.93 -6.38 1.73
N3A FAD I . 18.42 -7.04 2.77
C4A FAD I . 19.28 -7.94 3.24
N1 FAD I . 17.96 -23.05 4.82
C2 FAD I . 18.49 -24.04 4.06
O2 FAD I . 19.63 -23.96 3.59
N3 FAD I . 17.74 -25.17 3.77
C4 FAD I . 16.45 -25.40 4.20
O4 FAD I . 15.88 -26.45 3.90
C4X FAD I . 15.90 -24.35 5.02
N5 FAD I . 14.70 -24.49 5.48
C5X FAD I . 14.17 -23.48 6.26
C6 FAD I . 12.87 -23.62 6.76
C7 FAD I . 12.29 -22.63 7.54
C7M FAD I . 10.89 -22.82 8.06
C8 FAD I . 13.03 -21.48 7.85
C8M FAD I . 12.44 -20.38 8.70
C9 FAD I . 14.32 -21.33 7.36
C9A FAD I . 14.89 -22.33 6.57
N10 FAD I . 16.20 -22.20 6.05
C10 FAD I . 16.74 -23.21 5.28
C1' FAD I . 17.01 -21.02 6.34
C2' FAD I . 16.81 -19.89 5.34
O2' FAD I . 17.88 -19.88 4.39
C3' FAD I . 16.80 -18.56 6.08
O3' FAD I . 15.95 -18.67 7.21
C4' FAD I . 16.35 -17.37 5.22
O4' FAD I . 16.54 -17.69 3.84
C5' FAD I . 17.10 -16.10 5.58
O5' FAD I . 18.08 -16.38 6.59
P FAD I . 18.37 -15.38 7.75
O1P FAD I . 17.06 -14.77 8.26
O2P FAD I . 19.20 -16.01 8.80
O3P FAD I . 19.19 -14.24 7.03
N1A COA J . 22.28 -19.02 -11.81
C2A COA J . 23.63 -19.25 -12.07
N3A COA J . 24.71 -18.65 -11.57
C4A COA J . 24.41 -17.65 -10.66
C5A COA J . 23.05 -17.31 -10.29
C6A COA J . 21.98 -18.03 -10.90
N6A COA J . 20.64 -17.80 -10.63
N7A COA J . 23.10 -16.27 -9.35
C8A COA J . 24.41 -16.01 -9.17
N9A COA J . 25.27 -16.83 -9.93
C1B COA J . 26.82 -16.71 -9.92
C2B COA J . 27.31 -15.82 -11.09
O2B COA J . 27.86 -16.66 -12.03
C3B COA J . 28.49 -14.94 -10.49
O3B COA J . 29.69 -15.47 -10.52
P3B COA J . 30.88 -15.06 -11.91
O7A COA J . 31.34 -13.72 -11.43
O8A COA J . 29.91 -15.03 -13.05
O9A COA J . 31.91 -16.15 -11.95
C4B COA J . 27.92 -14.88 -9.00
O4B COA J . 27.24 -16.08 -8.76
C5B COA J . 27.00 -13.64 -8.85
O5B COA J . 26.66 -13.48 -7.54
P1A COA J . 27.81 -13.36 -6.24
O1A COA J . 28.77 -12.33 -6.69
O2A COA J . 28.30 -14.72 -5.92
O3A COA J . 26.98 -12.88 -4.80
P2A COA J . 26.69 -13.74 -3.50
O4A COA J . 26.22 -12.89 -2.38
O5A COA J . 27.65 -14.83 -3.19
O6A COA J . 25.07 -14.64 -3.76
CBP COA J . 22.82 -14.24 -2.88
CCP COA J . 23.92 -14.04 -4.04
CDP COA J . 21.54 -13.61 -3.35
CEP COA J . 23.31 -13.54 -1.61
CAP COA J . 22.60 -15.83 -2.64
OAP COA J . 23.49 -16.28 -1.65
C9P COA J . 21.11 -16.15 -2.14
O9P COA J . 20.29 -16.46 -2.97
N8P COA J . 20.62 -16.11 -0.82
C7P COA J . 19.21 -16.43 -0.45
C6P COA J . 18.74 -17.89 -0.78
C5P COA J . 18.45 -18.88 0.36
O5P COA J . 18.94 -18.69 1.45
N4P COA J . 17.62 -20.05 0.20
C3P COA J . 17.30 -21.05 1.23
C2P COA J . 16.85 -22.43 0.67
S1P COA J . 15.11 -22.88 1.21
H2A COA J . 23.83 -20.07 -12.82
H61A COA J . 19.88 -18.00 -11.24
H62A COA J . 20.32 -17.39 -9.77
H8A COA J . 24.83 -15.23 -8.48
H1B COA J . 27.13 -17.80 -10.00
H2B COA J . 26.50 -15.17 -11.45
HO2A COA J . 27.24 -17.37 -12.18
H3B COA J . 28.38 -13.91 -10.83
H4B COA J . 28.86 -14.76 -8.43
H51A COA J . 26.11 -13.75 -9.53
H52A COA J . 27.48 -12.73 -9.26
H121 COA J . 24.03 -12.93 -4.20
H122 COA J . 23.47 -14.41 -4.99
H131 COA J . 20.79 -13.51 -2.57
H132 COA J . 21.05 -14.16 -4.16
H133 COA J . 21.68 -12.58 -3.72
H141 COA J . 22.53 -13.52 -0.84
H142 COA J . 23.58 -12.49 -1.74
H143 COA J . 24.17 -14.00 -1.12
H10 COA J . 22.77 -16.37 -3.59
HO1 COA J . 23.22 -16.03 -0.77
HN8 COA J . 21.24 -15.86 -0.06
H71 COA J . 18.52 -15.71 -0.97
H72 COA J . 19.00 -16.20 0.64
H61 COA J . 19.54 -18.31 -1.43
H62 COA J . 17.87 -17.81 -1.46
HN4 COA J . 17.21 -20.24 -0.70
H31 COA J . 16.52 -20.69 1.96
H32 COA J . 18.19 -21.22 1.88
H21 COA J . 17.50 -23.27 0.99
H22 COA J . 16.86 -22.43 -0.42
PA FAD K . -19.23 -10.13 11.88
O1A FAD K . -19.40 -11.60 11.91
O2A FAD K . -20.49 -9.35 11.51
O5B FAD K . -18.06 -9.73 10.92
C5B FAD K . -18.09 -10.08 9.52
C4B FAD K . -17.20 -9.16 8.71
O4B FAD K . -18.02 -8.22 7.99
C3B FAD K . -16.19 -8.34 9.51
O3B FAD K . -14.96 -8.25 8.80
C2B FAD K . -16.87 -6.97 9.61
O2B FAD K . -15.92 -5.92 9.67
C1B FAD K . -17.63 -6.91 8.29
N9A FAD K . -18.82 -6.06 8.33
C8A FAD K . -19.96 -6.30 9.05
N7A FAD K . -20.88 -5.37 8.91
C5A FAD K . -20.31 -4.47 8.04
C6A FAD K . -20.77 -3.27 7.47
N6A FAD K . -21.97 -2.74 7.72
N1A FAD K . -19.94 -2.61 6.62
C2A FAD K . -18.75 -3.14 6.37
N3A FAD K . -18.20 -4.26 6.83
C4A FAD K . -19.03 -4.89 7.67
N1 FAD K . -17.35 -8.79 22.31
C2 FAD K . -17.87 -8.20 23.42
O2 FAD K . -19.03 -7.75 23.44
N3 FAD K . -17.11 -8.09 24.56
C4 FAD K . -15.81 -8.52 24.70
O4 FAD K . -15.22 -8.37 25.77
C4X FAD K . -15.26 -9.15 23.52
N5 FAD K . -14.04 -9.60 23.57
C5X FAD K . -13.53 -10.20 22.44
C6 FAD K . -12.21 -10.67 22.47
C7 FAD K . -11.65 -11.30 21.36
C7M FAD K . -10.24 -11.80 21.44
C8 FAD K . -12.41 -11.43 20.19
C8M FAD K . -11.82 -12.08 18.97
C9 FAD K . -13.71 -10.95 20.15
C9A FAD K . -14.27 -10.33 21.26
N10 FAD K . -15.59 -9.83 21.25
C10 FAD K . -16.12 -9.25 22.37
C1' FAD K . -16.43 -9.95 20.05
C2' FAD K . -16.27 -8.78 19.10
O2' FAD K . -17.35 -7.87 19.25
C3' FAD K . -16.27 -9.30 17.66
O3' FAD K . -15.40 -10.41 17.57
C4' FAD K . -15.86 -8.26 16.62
O4' FAD K . -16.07 -6.96 17.14
C5' FAD K . -16.63 -8.43 15.32
O5' FAD K . -17.58 -9.49 15.46
P FAD K . -17.88 -10.49 14.28
O1P FAD K . -16.58 -10.85 13.58
O2P FAD K . -18.68 -11.63 14.76
O3P FAD K . -18.74 -9.61 13.29
N1A COA L . -22.07 8.16 21.04
C2A COA L . -23.42 8.36 21.33
N3A COA L . -24.50 7.93 20.67
C4A COA L . -24.21 7.20 19.55
C5A COA L . -22.85 6.92 19.13
C6A COA L . -21.77 7.43 19.91
N6A COA L . -20.43 7.23 19.62
N7A COA L . -22.91 6.15 17.94
C8A COA L . -24.22 5.98 17.68
N9A COA L . -25.07 6.59 18.63
C1B COA L . -26.62 6.57 18.55
C2B COA L . -27.16 7.85 17.87
O2B COA L . -27.71 8.64 18.85
C3B COA L . -28.34 7.36 16.93
O3B COA L . -29.53 7.29 17.47
P3B COA L . -30.76 8.70 17.30
O7A COA L . -31.24 8.43 15.92
O8A COA L . -29.81 9.85 17.44
O9A COA L . -31.76 8.55 18.41
C4B COA L . -27.74 5.92 16.62
O4B COA L . -27.04 5.51 17.75
C5B COA L . -26.85 5.99 15.35
O5B COA L . -26.49 4.72 14.98
P1A COA L . -27.62 3.44 14.67
O1A COA L . -28.61 4.03 13.75
O2A COA L . -28.07 2.90 15.98
O3A COA L . -26.78 2.11 13.96
P2A COA L . -26.44 0.70 14.59
O4A COA L . -25.96 -0.27 13.57
O5A COA L . -27.37 0.20 15.65
O6A COA L . -24.81 0.84 15.50
CBP COA L . -22.55 0.09 14.92
CCP COA L . -23.67 1.25 14.93
CDP COA L . -21.29 0.68 14.35
CEP COA L . -23.03 -1.06 14.04
CAP COA L . -22.29 -0.39 16.46
OAP COA L . -23.15 -1.46 16.76
C9P COA L . -20.80 -0.90 16.66
O9P COA L . -19.97 -0.11 17.08
N8P COA L . -20.28 -2.18 16.41
C7P COA L . -18.85 -2.58 16.63
C6P COA L . -18.35 -2.47 18.11
C5P COA L . -18.02 -3.74 18.91
O5P COA L . -18.49 -4.80 18.56
N4P COA L . -17.17 -3.75 20.08
C3P COA L . -16.81 -4.91 20.90
C2P COA L . -16.34 -4.58 22.33
S1P COA L . -14.57 -5.14 22.67
H2A COA L . -23.62 8.97 22.26
H61A COA L . -19.67 7.81 19.90
H62A COA L . -20.10 6.46 19.08
H8A COA L . -24.64 5.42 16.82
H1B COA L . -26.91 6.46 19.64
H2B COA L . -26.37 8.32 17.25
HO2A COA L . -27.07 8.69 19.56
H3B COA L . -28.27 7.87 15.95
H4B COA L . -28.67 5.36 16.43
H51A COA L . -25.97 6.66 15.55
H52A COA L . -27.36 6.53 14.52
H121 COA L . -23.81 1.57 13.86
H122 COA L . -23.24 2.14 15.44
H131 COA L . -20.53 -0.06 14.12
H132 COA L . -20.81 1.40 15.02
H133 COA L . -21.46 1.20 13.39
H141 COA L . -22.24 -1.81 13.88
H142 COA L . -23.33 -0.77 13.03
H143 COA L . -23.88 -1.64 14.43
H10 COA L . -22.47 0.46 17.13
HO1 COA L . -22.87 -2.28 16.37
HN8 COA L . -20.88 -2.91 16.05
H71 COA L . -18.19 -1.93 15.99
H72 COA L . -18.63 -3.60 16.23
H61 COA L . -19.16 -1.91 18.65
H62 COA L . -17.49 -1.77 18.13
HN4 COA L . -16.76 -2.88 20.40
H31 COA L . -16.02 -5.56 20.41
H32 COA L . -17.68 -5.60 20.97
H21 COA L . -16.96 -5.04 23.12
H22 COA L . -16.37 -3.49 22.50
#